data_2L7J
#
_entry.id   2L7J
#
_entity_poly.entity_id   1
_entity_poly.type   'polypeptide(L)'
_entity_poly.pdbx_seq_one_letter_code
;LNVQYEPEVTIEGFDGNWYLQRTDVKLTCKADANPPATEYHWTTLNGSLPKGVEAQNRTLFFRGPITYSLAGTYICEATN
PIGTRSGQVEVNITH
;
_entity_poly.pdbx_strand_id   A
#
# COMPACT_ATOMS: atom_id res chain seq x y z
N LEU A 1 -1.18 -26.20 2.43
CA LEU A 1 -0.43 -26.79 1.30
C LEU A 1 0.92 -27.31 1.78
N ASN A 2 1.65 -27.98 0.90
CA ASN A 2 2.96 -28.53 1.24
C ASN A 2 3.98 -27.40 1.46
N VAL A 3 3.68 -26.23 0.94
CA VAL A 3 4.56 -25.08 1.09
C VAL A 3 3.91 -24.03 1.99
N GLN A 4 4.65 -23.59 2.98
CA GLN A 4 4.20 -22.51 3.84
C GLN A 4 5.24 -21.39 3.81
N TYR A 5 4.79 -20.19 3.52
CA TYR A 5 5.69 -19.06 3.39
C TYR A 5 5.07 -17.81 3.99
N GLU A 6 5.92 -16.89 4.38
CA GLU A 6 5.48 -15.62 4.93
C GLU A 6 4.77 -14.83 3.84
N PRO A 7 3.78 -14.01 4.20
CA PRO A 7 2.94 -13.32 3.23
C PRO A 7 3.74 -12.42 2.30
N GLU A 8 3.47 -12.54 1.01
CA GLU A 8 4.13 -11.72 0.01
C GLU A 8 3.33 -10.43 -0.19
N VAL A 9 3.90 -9.32 0.25
CA VAL A 9 3.21 -8.05 0.21
C VAL A 9 3.52 -7.31 -1.09
N THR A 10 2.47 -6.90 -1.76
CA THR A 10 2.58 -6.26 -3.06
C THR A 10 1.74 -4.99 -3.12
N ILE A 11 2.19 -4.02 -3.91
CA ILE A 11 1.45 -2.77 -4.06
C ILE A 11 0.90 -2.65 -5.48
N GLU A 12 -0.40 -2.43 -5.56
CA GLU A 12 -1.09 -2.31 -6.83
C GLU A 12 -1.71 -0.93 -6.95
N GLY A 13 -2.02 -0.52 -8.16
CA GLY A 13 -2.67 0.76 -8.35
C GLY A 13 -2.16 1.46 -9.59
N PHE A 14 -1.75 2.70 -9.45
CA PHE A 14 -1.20 3.43 -10.58
C PHE A 14 0.27 3.02 -10.77
N ASP A 15 0.54 2.37 -11.89
CA ASP A 15 1.89 1.91 -12.19
C ASP A 15 2.63 2.93 -13.04
N GLY A 16 3.49 3.69 -12.39
CA GLY A 16 4.30 4.66 -13.11
C GLY A 16 4.38 5.99 -12.38
N ASN A 17 4.46 7.06 -13.14
CA ASN A 17 4.51 8.40 -12.59
C ASN A 17 3.11 8.88 -12.22
N TRP A 18 2.96 9.47 -11.06
CA TRP A 18 1.66 9.88 -10.58
C TRP A 18 1.36 11.30 -11.02
N TYR A 19 0.20 11.49 -11.62
CA TYR A 19 -0.21 12.77 -12.15
C TYR A 19 -1.11 13.49 -11.16
N LEU A 20 -0.86 14.79 -10.99
CA LEU A 20 -1.62 15.61 -10.05
C LEU A 20 -3.12 15.46 -10.26
N GLN A 21 -3.57 15.74 -11.48
CA GLN A 21 -4.99 15.68 -11.78
C GLN A 21 -5.38 14.31 -12.33
N ARG A 22 -5.47 13.34 -11.43
CA ARG A 22 -5.94 11.99 -11.77
C ARG A 22 -6.42 11.29 -10.51
N THR A 23 -7.55 10.61 -10.63
CA THR A 23 -8.14 9.91 -9.49
C THR A 23 -7.69 8.45 -9.46
N ASP A 24 -6.90 8.09 -10.46
CA ASP A 24 -6.36 6.74 -10.61
C ASP A 24 -5.16 6.51 -9.72
N VAL A 25 -4.94 7.42 -8.79
CA VAL A 25 -3.69 7.47 -8.02
C VAL A 25 -3.80 6.71 -6.71
N LYS A 26 -4.72 5.75 -6.67
CA LYS A 26 -4.95 4.94 -5.47
C LYS A 26 -4.09 3.68 -5.53
N LEU A 27 -3.87 3.08 -4.37
CA LEU A 27 -3.00 1.90 -4.29
C LEU A 27 -3.64 0.81 -3.45
N THR A 28 -3.40 -0.41 -3.84
CA THR A 28 -3.94 -1.57 -3.14
C THR A 28 -2.80 -2.40 -2.58
N CYS A 29 -2.91 -2.82 -1.34
CA CYS A 29 -1.88 -3.64 -0.74
C CYS A 29 -2.38 -5.07 -0.62
N LYS A 30 -1.63 -6.00 -1.18
CA LYS A 30 -1.99 -7.41 -1.15
C LYS A 30 -0.91 -8.23 -0.51
N ALA A 31 -1.28 -9.08 0.43
CA ALA A 31 -0.34 -10.04 1.00
C ALA A 31 -0.78 -11.44 0.62
N ASP A 32 0.08 -12.14 -0.12
CA ASP A 32 -0.24 -13.49 -0.57
C ASP A 32 0.53 -14.50 0.26
N ALA A 33 -0.19 -15.40 0.90
CA ALA A 33 0.40 -16.47 1.66
C ALA A 33 -0.54 -17.66 1.65
N ASN A 34 -0.06 -18.81 2.10
CA ASN A 34 -0.91 -20.00 2.17
C ASN A 34 -2.13 -19.74 3.05
N PRO A 35 -1.96 -19.31 4.31
CA PRO A 35 -3.06 -18.73 5.07
C PRO A 35 -3.16 -17.23 4.80
N PRO A 36 -4.37 -16.65 4.80
CA PRO A 36 -4.57 -15.23 4.52
C PRO A 36 -3.65 -14.33 5.33
N ALA A 37 -3.97 -14.16 6.61
CA ALA A 37 -3.16 -13.35 7.52
C ALA A 37 -3.72 -13.43 8.93
N THR A 38 -2.88 -13.22 9.92
CA THR A 38 -3.34 -13.13 11.28
C THR A 38 -3.44 -11.66 11.68
N GLU A 39 -2.52 -10.86 11.16
CA GLU A 39 -2.56 -9.42 11.39
C GLU A 39 -2.15 -8.63 10.15
N TYR A 40 -2.62 -7.39 10.09
CA TYR A 40 -2.31 -6.50 8.99
C TYR A 40 -1.87 -5.15 9.55
N HIS A 41 -0.71 -4.68 9.13
CA HIS A 41 -0.16 -3.42 9.60
C HIS A 41 -0.01 -2.44 8.45
N TRP A 42 -0.56 -1.26 8.60
CA TRP A 42 -0.44 -0.24 7.57
C TRP A 42 0.22 1.01 8.16
N THR A 43 1.37 1.38 7.62
CA THR A 43 2.07 2.58 8.09
C THR A 43 2.91 3.19 6.97
N THR A 44 3.02 4.50 6.98
CA THR A 44 3.85 5.19 6.00
C THR A 44 5.22 5.45 6.58
N LEU A 45 6.15 5.91 5.75
CA LEU A 45 7.49 6.20 6.21
C LEU A 45 7.50 7.40 7.16
N ASN A 46 6.41 8.16 7.15
CA ASN A 46 6.28 9.32 8.03
C ASN A 46 5.54 8.94 9.30
N GLY A 47 5.00 7.72 9.32
CA GLY A 47 4.32 7.23 10.50
C GLY A 47 2.90 7.77 10.65
N SER A 48 2.49 8.62 9.73
CA SER A 48 1.17 9.23 9.79
C SER A 48 0.44 9.08 8.46
N LEU A 49 -0.86 9.35 8.47
CA LEU A 49 -1.67 9.23 7.26
C LEU A 49 -2.07 10.63 6.77
N PRO A 50 -1.90 10.89 5.47
CA PRO A 50 -2.29 12.17 4.87
C PRO A 50 -3.81 12.34 4.80
N LYS A 51 -4.26 13.58 4.74
CA LYS A 51 -5.69 13.89 4.78
C LYS A 51 -6.34 13.71 3.41
N GLY A 52 -5.55 13.33 2.41
CA GLY A 52 -6.08 13.18 1.07
C GLY A 52 -6.45 11.75 0.73
N VAL A 53 -6.01 10.81 1.55
CA VAL A 53 -6.27 9.41 1.31
C VAL A 53 -7.39 8.89 2.22
N GLU A 54 -8.27 8.07 1.65
CA GLU A 54 -9.29 7.38 2.44
C GLU A 54 -8.92 5.90 2.54
N ALA A 55 -8.53 5.48 3.74
CA ALA A 55 -8.04 4.13 3.94
C ALA A 55 -9.19 3.16 4.20
N GLN A 56 -9.18 2.04 3.49
CA GLN A 56 -10.21 1.03 3.63
C GLN A 56 -9.60 -0.36 3.59
N ASN A 57 -9.49 -0.98 4.75
CA ASN A 57 -8.88 -2.31 4.87
C ASN A 57 -7.41 -2.24 4.40
N ARG A 58 -7.02 -3.09 3.46
CA ARG A 58 -5.68 -3.06 2.91
C ARG A 58 -5.66 -2.29 1.60
N THR A 59 -6.67 -1.47 1.41
CA THR A 59 -6.79 -0.66 0.20
C THR A 59 -6.54 0.81 0.50
N LEU A 60 -5.63 1.41 -0.24
CA LEU A 60 -5.39 2.83 -0.14
C LEU A 60 -6.17 3.53 -1.25
N PHE A 61 -7.29 4.10 -0.89
CA PHE A 61 -8.11 4.79 -1.86
C PHE A 61 -7.89 6.27 -1.75
N PHE A 62 -7.37 6.85 -2.81
CA PHE A 62 -7.13 8.29 -2.81
C PHE A 62 -8.46 9.00 -3.01
N ARG A 63 -8.66 10.08 -2.28
CA ARG A 63 -9.97 10.72 -2.25
C ARG A 63 -10.24 11.51 -3.53
N GLY A 64 -9.20 11.76 -4.28
CA GLY A 64 -9.33 12.47 -5.53
C GLY A 64 -8.02 12.51 -6.28
N PRO A 65 -7.59 13.69 -6.71
CA PRO A 65 -6.34 13.88 -7.43
C PRO A 65 -5.14 13.87 -6.48
N ILE A 66 -4.00 13.40 -6.97
CA ILE A 66 -2.81 13.29 -6.13
C ILE A 66 -2.17 14.67 -5.92
N THR A 67 -1.82 14.96 -4.68
CA THR A 67 -1.25 16.25 -4.32
C THR A 67 0.13 16.05 -3.72
N TYR A 68 0.86 17.15 -3.51
CA TYR A 68 2.24 17.07 -3.02
C TYR A 68 2.29 16.44 -1.62
N SER A 69 1.24 16.64 -0.85
CA SER A 69 1.16 16.08 0.49
C SER A 69 0.84 14.59 0.46
N LEU A 70 0.58 14.06 -0.72
CA LEU A 70 0.26 12.65 -0.88
C LEU A 70 1.50 11.87 -1.30
N ALA A 71 2.57 12.59 -1.56
CA ALA A 71 3.84 11.99 -1.96
C ALA A 71 4.55 11.37 -0.77
N GLY A 72 5.25 10.27 -0.99
CA GLY A 72 5.97 9.62 0.08
C GLY A 72 6.00 8.11 -0.08
N THR A 73 6.39 7.42 0.99
CA THR A 73 6.46 5.97 0.97
C THR A 73 5.32 5.33 1.75
N TYR A 74 4.46 4.62 1.06
CA TYR A 74 3.40 3.86 1.71
C TYR A 74 3.83 2.41 1.89
N ILE A 75 3.79 1.94 3.12
CA ILE A 75 4.26 0.59 3.46
C ILE A 75 3.15 -0.17 4.18
N CYS A 76 3.06 -1.46 3.96
CA CYS A 76 2.17 -2.29 4.74
C CYS A 76 2.85 -3.59 5.13
N GLU A 77 2.55 -4.07 6.33
CA GLU A 77 3.12 -5.31 6.83
C GLU A 77 1.99 -6.30 7.12
N ALA A 78 2.23 -7.56 6.87
CA ALA A 78 1.23 -8.57 7.15
C ALA A 78 1.78 -9.57 8.15
N THR A 79 1.04 -9.86 9.19
CA THR A 79 1.51 -10.79 10.19
C THR A 79 0.83 -12.13 9.99
N ASN A 80 1.63 -13.16 9.81
CA ASN A 80 1.13 -14.50 9.59
C ASN A 80 1.89 -15.46 10.49
N PRO A 81 1.43 -16.72 10.65
CA PRO A 81 2.11 -17.70 11.51
C PRO A 81 3.49 -18.08 10.96
N ILE A 82 3.75 -17.74 9.72
CA ILE A 82 5.03 -18.07 9.09
C ILE A 82 6.00 -16.89 9.22
N GLY A 83 5.46 -15.70 9.47
CA GLY A 83 6.29 -14.53 9.65
C GLY A 83 5.59 -13.24 9.27
N THR A 84 6.36 -12.17 9.21
CA THR A 84 5.84 -10.84 8.90
C THR A 84 6.66 -10.22 7.78
N ARG A 85 5.98 -9.82 6.73
CA ARG A 85 6.64 -9.16 5.62
C ARG A 85 5.98 -7.82 5.39
N SER A 86 6.68 -6.93 4.70
CA SER A 86 6.20 -5.59 4.47
C SER A 86 6.42 -5.18 3.02
N GLY A 87 5.52 -4.38 2.49
CA GLY A 87 5.69 -3.86 1.16
C GLY A 87 5.51 -2.37 1.15
N GLN A 88 6.30 -1.69 0.35
CA GLN A 88 6.31 -0.25 0.31
C GLN A 88 6.31 0.24 -1.13
N VAL A 89 5.77 1.43 -1.31
CA VAL A 89 5.76 2.09 -2.61
C VAL A 89 6.08 3.56 -2.42
N GLU A 90 6.78 4.15 -3.36
CA GLU A 90 7.17 5.54 -3.24
C GLU A 90 6.48 6.34 -4.33
N VAL A 91 5.62 7.25 -3.91
CA VAL A 91 4.84 8.04 -4.83
C VAL A 91 5.46 9.43 -4.98
N ASN A 92 5.58 9.85 -6.22
CA ASN A 92 6.09 11.17 -6.53
C ASN A 92 5.06 11.93 -7.31
N ILE A 93 4.98 13.22 -7.07
CA ILE A 93 4.05 14.06 -7.78
C ILE A 93 4.72 14.69 -8.98
N THR A 94 4.03 14.68 -10.10
CA THR A 94 4.52 15.23 -11.35
C THR A 94 4.84 16.72 -11.23
N HIS A 95 5.72 17.21 -12.08
CA HIS A 95 6.12 18.60 -12.07
C HIS A 95 6.08 19.16 -13.49
N LEU A 1 -0.76 -26.04 -1.01
CA LEU A 1 -0.34 -25.98 0.41
C LEU A 1 0.92 -26.82 0.62
N ASN A 2 1.92 -26.61 -0.23
CA ASN A 2 3.13 -27.42 -0.20
C ASN A 2 4.21 -26.74 0.64
N VAL A 3 4.26 -25.42 0.57
CA VAL A 3 5.27 -24.67 1.31
C VAL A 3 4.64 -23.53 2.09
N GLN A 4 5.21 -23.23 3.24
CA GLN A 4 4.75 -22.12 4.06
C GLN A 4 5.78 -21.01 4.08
N TYR A 5 5.36 -19.82 3.72
CA TYR A 5 6.23 -18.65 3.71
C TYR A 5 5.44 -17.42 4.13
N GLU A 6 6.14 -16.38 4.55
CA GLU A 6 5.50 -15.14 4.97
C GLU A 6 4.80 -14.50 3.78
N PRO A 7 3.69 -13.78 4.02
CA PRO A 7 2.91 -13.18 2.94
C PRO A 7 3.69 -12.11 2.17
N GLU A 8 3.61 -12.19 0.85
CA GLU A 8 4.29 -11.23 0.00
C GLU A 8 3.42 -10.01 -0.23
N VAL A 9 3.86 -8.86 0.25
CA VAL A 9 3.07 -7.65 0.14
C VAL A 9 3.42 -6.90 -1.13
N THR A 10 2.39 -6.46 -1.81
CA THR A 10 2.52 -5.81 -3.11
C THR A 10 1.62 -4.59 -3.19
N ILE A 11 2.03 -3.60 -3.99
CA ILE A 11 1.27 -2.37 -4.14
C ILE A 11 0.70 -2.26 -5.55
N GLU A 12 -0.61 -2.06 -5.63
CA GLU A 12 -1.31 -1.94 -6.91
C GLU A 12 -2.17 -0.68 -6.91
N GLY A 13 -2.54 -0.19 -8.08
CA GLY A 13 -3.50 0.89 -8.13
C GLY A 13 -3.04 2.11 -8.91
N PHE A 14 -1.85 2.60 -8.60
CA PHE A 14 -1.31 3.78 -9.25
C PHE A 14 -1.16 3.60 -10.77
N ASP A 15 -1.45 4.67 -11.50
CA ASP A 15 -1.32 4.69 -12.95
C ASP A 15 0.09 5.19 -13.33
N GLY A 16 1.06 4.30 -13.19
CA GLY A 16 2.44 4.63 -13.53
C GLY A 16 3.04 5.69 -12.62
N ASN A 17 2.73 6.94 -12.91
CA ASN A 17 3.25 8.07 -12.16
C ASN A 17 2.09 8.82 -11.51
N TRP A 18 2.27 9.28 -10.29
CA TRP A 18 1.17 9.92 -9.58
C TRP A 18 1.06 11.37 -10.00
N TYR A 19 0.11 11.64 -10.88
CA TYR A 19 -0.12 13.00 -11.36
C TYR A 19 -1.09 13.72 -10.46
N LEU A 20 -0.96 15.04 -10.43
CA LEU A 20 -1.81 15.87 -9.61
C LEU A 20 -3.28 15.60 -9.89
N GLN A 21 -3.68 15.66 -11.15
CA GLN A 21 -5.09 15.58 -11.51
C GLN A 21 -5.45 14.19 -12.03
N ARG A 22 -5.69 13.27 -11.11
CA ARG A 22 -6.14 11.92 -11.43
C ARG A 22 -6.61 11.23 -10.16
N THR A 23 -7.80 10.64 -10.19
CA THR A 23 -8.32 9.90 -9.05
C THR A 23 -7.74 8.49 -9.00
N ASP A 24 -6.95 8.17 -10.02
CA ASP A 24 -6.32 6.86 -10.16
C ASP A 24 -5.07 6.74 -9.30
N VAL A 25 -4.91 7.67 -8.38
CA VAL A 25 -3.71 7.76 -7.57
C VAL A 25 -3.88 6.99 -6.27
N LYS A 26 -4.85 6.09 -6.27
CA LYS A 26 -5.17 5.26 -5.12
C LYS A 26 -4.41 3.95 -5.20
N LEU A 27 -4.17 3.33 -4.06
CA LEU A 27 -3.38 2.11 -4.01
C LEU A 27 -4.11 1.01 -3.28
N THR A 28 -3.74 -0.21 -3.60
CA THR A 28 -4.28 -1.38 -2.96
C THR A 28 -3.15 -2.30 -2.55
N CYS A 29 -3.21 -2.83 -1.35
CA CYS A 29 -2.15 -3.67 -0.84
C CYS A 29 -2.60 -5.13 -0.83
N LYS A 30 -1.79 -5.98 -1.43
CA LYS A 30 -2.07 -7.42 -1.46
C LYS A 30 -0.92 -8.20 -0.84
N ALA A 31 -1.23 -8.98 0.17
CA ALA A 31 -0.27 -9.94 0.69
C ALA A 31 -0.63 -11.34 0.21
N ASP A 32 0.27 -11.93 -0.54
CA ASP A 32 0.02 -13.24 -1.11
C ASP A 32 0.87 -14.29 -0.39
N ALA A 33 0.20 -15.31 0.12
CA ALA A 33 0.87 -16.36 0.86
C ALA A 33 0.10 -17.66 0.72
N ASN A 34 0.70 -18.75 1.16
CA ASN A 34 0.04 -20.05 1.18
C ASN A 34 -1.27 -19.97 1.99
N PRO A 35 -1.23 -19.47 3.25
CA PRO A 35 -2.44 -19.19 4.02
C PRO A 35 -2.95 -17.77 3.75
N PRO A 36 -4.14 -17.42 4.25
CA PRO A 36 -4.66 -16.05 4.12
C PRO A 36 -3.82 -15.04 4.91
N ALA A 37 -4.22 -14.72 6.13
CA ALA A 37 -3.50 -13.79 6.98
C ALA A 37 -4.05 -13.82 8.39
N THR A 38 -3.21 -13.48 9.36
CA THR A 38 -3.65 -13.35 10.74
C THR A 38 -3.81 -11.88 11.08
N GLU A 39 -2.97 -11.04 10.47
CA GLU A 39 -3.05 -9.60 10.69
C GLU A 39 -2.69 -8.82 9.43
N TYR A 40 -3.16 -7.58 9.39
CA TYR A 40 -2.91 -6.69 8.26
C TYR A 40 -2.65 -5.28 8.77
N HIS A 41 -1.54 -4.70 8.35
CA HIS A 41 -1.18 -3.34 8.75
C HIS A 41 -0.94 -2.45 7.53
N TRP A 42 -1.28 -1.19 7.66
CA TRP A 42 -0.95 -0.19 6.65
C TRP A 42 -0.38 1.05 7.33
N THR A 43 0.85 1.40 6.98
CA THR A 43 1.52 2.55 7.58
C THR A 43 2.50 3.18 6.61
N THR A 44 2.69 4.48 6.71
CA THR A 44 3.61 5.18 5.84
C THR A 44 4.95 5.36 6.53
N LEU A 45 5.95 5.81 5.78
CA LEU A 45 7.26 6.09 6.35
C LEU A 45 7.18 7.28 7.29
N ASN A 46 6.15 8.10 7.11
CA ASN A 46 5.90 9.24 7.95
C ASN A 46 5.25 8.80 9.25
N GLY A 47 4.76 7.57 9.28
CA GLY A 47 4.13 7.02 10.46
C GLY A 47 2.70 7.47 10.64
N SER A 48 2.24 8.32 9.73
CA SER A 48 0.90 8.88 9.81
C SER A 48 0.18 8.76 8.48
N LEU A 49 -1.14 8.69 8.53
CA LEU A 49 -1.95 8.64 7.33
C LEU A 49 -2.69 9.96 7.17
N PRO A 50 -2.57 10.59 5.99
CA PRO A 50 -3.24 11.85 5.70
C PRO A 50 -4.75 11.73 5.78
N LYS A 51 -5.40 12.76 6.32
CA LYS A 51 -6.85 12.74 6.52
C LYS A 51 -7.59 13.05 5.22
N GLY A 52 -6.83 13.40 4.19
CA GLY A 52 -7.43 13.71 2.91
C GLY A 52 -7.82 12.46 2.14
N VAL A 53 -7.13 11.36 2.41
CA VAL A 53 -7.40 10.11 1.73
C VAL A 53 -8.22 9.17 2.62
N GLU A 54 -9.04 8.35 2.00
CA GLU A 54 -9.82 7.35 2.73
C GLU A 54 -9.04 6.04 2.81
N ALA A 55 -8.93 5.49 4.00
CA ALA A 55 -8.16 4.27 4.21
C ALA A 55 -9.09 3.16 4.67
N GLN A 56 -9.17 2.12 3.87
CA GLN A 56 -10.09 1.03 4.14
C GLN A 56 -9.34 -0.31 4.13
N ASN A 57 -9.05 -0.82 5.32
CA ASN A 57 -8.36 -2.10 5.48
C ASN A 57 -7.04 -2.13 4.69
N ARG A 58 -7.04 -2.83 3.56
CA ARG A 58 -5.84 -3.00 2.77
C ARG A 58 -5.91 -2.16 1.49
N THR A 59 -6.89 -1.27 1.45
CA THR A 59 -7.09 -0.42 0.31
C THR A 59 -6.83 1.05 0.65
N LEU A 60 -6.00 1.69 -0.15
CA LEU A 60 -5.70 3.10 0.02
C LEU A 60 -6.50 3.86 -1.01
N PHE A 61 -7.60 4.46 -0.59
CA PHE A 61 -8.47 5.13 -1.53
C PHE A 61 -8.25 6.62 -1.47
N PHE A 62 -7.76 7.17 -2.56
CA PHE A 62 -7.55 8.59 -2.65
C PHE A 62 -8.87 9.26 -2.96
N ARG A 63 -9.19 10.26 -2.16
CA ARG A 63 -10.52 10.86 -2.21
C ARG A 63 -10.66 11.83 -3.38
N GLY A 64 -9.61 11.92 -4.17
CA GLY A 64 -9.62 12.79 -5.32
C GLY A 64 -8.27 12.79 -6.01
N PRO A 65 -7.83 13.95 -6.48
CA PRO A 65 -6.51 14.10 -7.12
C PRO A 65 -5.37 14.07 -6.09
N ILE A 66 -4.19 13.61 -6.52
CA ILE A 66 -3.06 13.51 -5.61
C ILE A 66 -2.41 14.89 -5.41
N THR A 67 -2.15 15.22 -4.15
CA THR A 67 -1.59 16.50 -3.80
C THR A 67 -0.19 16.33 -3.23
N TYR A 68 0.53 17.43 -3.05
CA TYR A 68 1.92 17.37 -2.60
C TYR A 68 2.04 16.73 -1.21
N SER A 69 1.01 16.90 -0.40
CA SER A 69 0.97 16.33 0.94
C SER A 69 0.80 14.80 0.88
N LEU A 70 0.50 14.28 -0.30
CA LEU A 70 0.30 12.85 -0.47
C LEU A 70 1.59 12.18 -0.94
N ALA A 71 2.61 12.99 -1.22
CA ALA A 71 3.90 12.49 -1.65
C ALA A 71 4.66 11.89 -0.46
N GLY A 72 5.18 10.69 -0.64
CA GLY A 72 5.85 10.00 0.45
C GLY A 72 6.03 8.53 0.15
N THR A 73 5.97 7.71 1.18
CA THR A 73 6.10 6.26 1.01
C THR A 73 4.95 5.52 1.67
N TYR A 74 4.20 4.76 0.88
CA TYR A 74 3.10 3.95 1.40
C TYR A 74 3.58 2.53 1.63
N ILE A 75 3.44 2.04 2.84
CA ILE A 75 3.88 0.70 3.21
C ILE A 75 2.72 -0.09 3.81
N CYS A 76 2.63 -1.37 3.49
CA CYS A 76 1.68 -2.23 4.14
C CYS A 76 2.40 -3.45 4.70
N GLU A 77 1.98 -3.93 5.85
CA GLU A 77 2.58 -5.11 6.45
C GLU A 77 1.49 -6.13 6.73
N ALA A 78 1.80 -7.40 6.56
CA ALA A 78 0.79 -8.42 6.77
C ALA A 78 1.33 -9.48 7.70
N THR A 79 0.55 -9.88 8.68
CA THR A 79 1.01 -10.90 9.60
C THR A 79 0.37 -12.24 9.28
N ASN A 80 1.20 -13.26 9.21
CA ASN A 80 0.74 -14.63 9.05
C ASN A 80 1.49 -15.49 10.06
N PRO A 81 1.11 -16.78 10.24
CA PRO A 81 1.78 -17.67 11.19
C PRO A 81 3.24 -17.94 10.83
N ILE A 82 3.62 -17.57 9.61
CA ILE A 82 4.98 -17.78 9.14
C ILE A 82 5.81 -16.53 9.37
N GLY A 83 5.15 -15.39 9.56
CA GLY A 83 5.87 -14.17 9.83
C GLY A 83 5.13 -12.92 9.36
N THR A 84 5.84 -11.81 9.39
CA THR A 84 5.29 -10.51 9.00
C THR A 84 6.21 -9.84 7.99
N ARG A 85 5.66 -9.52 6.83
CA ARG A 85 6.41 -8.83 5.81
C ARG A 85 5.68 -7.55 5.44
N SER A 86 6.41 -6.63 4.86
CA SER A 86 5.87 -5.31 4.53
C SER A 86 6.27 -4.92 3.12
N GLY A 87 5.40 -4.20 2.44
CA GLY A 87 5.72 -3.70 1.12
C GLY A 87 5.41 -2.24 1.03
N GLN A 88 6.25 -1.51 0.31
CA GLN A 88 6.15 -0.06 0.25
C GLN A 88 6.31 0.44 -1.17
N VAL A 89 5.85 1.65 -1.38
CA VAL A 89 5.93 2.31 -2.67
C VAL A 89 6.19 3.79 -2.44
N GLU A 90 6.92 4.42 -3.33
CA GLU A 90 7.33 5.81 -3.11
C GLU A 90 6.68 6.71 -4.14
N VAL A 91 5.86 7.61 -3.65
CA VAL A 91 5.04 8.45 -4.48
C VAL A 91 5.60 9.87 -4.54
N ASN A 92 5.65 10.40 -5.75
CA ASN A 92 6.05 11.78 -5.98
C ASN A 92 4.97 12.45 -6.78
N ILE A 93 4.84 13.75 -6.66
CA ILE A 93 3.74 14.45 -7.30
C ILE A 93 4.14 14.93 -8.68
N THR A 94 3.42 14.43 -9.65
CA THR A 94 3.68 14.66 -11.05
C THR A 94 2.76 15.74 -11.61
N HIS A 95 3.28 16.53 -12.54
CA HIS A 95 2.51 17.59 -13.16
C HIS A 95 2.85 17.65 -14.64
N LEU A 1 0.31 -25.19 -1.24
CA LEU A 1 0.41 -26.63 -1.55
C LEU A 1 1.52 -27.27 -0.71
N ASN A 2 2.75 -27.17 -1.18
CA ASN A 2 3.89 -27.82 -0.53
C ASN A 2 4.60 -26.88 0.43
N VAL A 3 4.70 -25.62 0.05
CA VAL A 3 5.54 -24.67 0.76
C VAL A 3 4.74 -23.65 1.53
N GLN A 4 5.14 -23.43 2.77
CA GLN A 4 4.61 -22.37 3.59
C GLN A 4 5.61 -21.23 3.64
N TYR A 5 5.17 -20.04 3.30
CA TYR A 5 6.04 -18.88 3.31
C TYR A 5 5.29 -17.66 3.80
N GLU A 6 6.02 -16.68 4.29
CA GLU A 6 5.42 -15.44 4.77
C GLU A 6 4.79 -14.70 3.60
N PRO A 7 3.70 -13.97 3.83
CA PRO A 7 2.94 -13.33 2.75
C PRO A 7 3.77 -12.30 1.97
N GLU A 8 3.67 -12.37 0.66
CA GLU A 8 4.37 -11.46 -0.22
C GLU A 8 3.55 -10.18 -0.37
N VAL A 9 4.12 -9.06 -0.01
CA VAL A 9 3.39 -7.81 -0.02
C VAL A 9 3.57 -7.11 -1.36
N THR A 10 2.45 -6.70 -1.92
CA THR A 10 2.41 -6.14 -3.25
C THR A 10 1.49 -4.92 -3.28
N ILE A 11 1.80 -3.98 -4.17
CA ILE A 11 1.03 -2.76 -4.27
C ILE A 11 0.27 -2.71 -5.60
N GLU A 12 -1.02 -2.43 -5.51
CA GLU A 12 -1.88 -2.36 -6.67
C GLU A 12 -2.35 -0.93 -6.88
N GLY A 13 -2.75 -0.59 -8.10
CA GLY A 13 -3.21 0.75 -8.37
C GLY A 13 -2.42 1.41 -9.47
N PHE A 14 -1.74 2.51 -9.14
CA PHE A 14 -0.94 3.21 -10.13
C PHE A 14 0.51 2.80 -10.02
N ASP A 15 1.03 2.17 -11.06
CA ASP A 15 2.42 1.75 -11.09
C ASP A 15 3.27 2.77 -11.85
N GLY A 16 4.50 2.95 -11.40
CA GLY A 16 5.40 3.87 -12.06
C GLY A 16 5.42 5.25 -11.42
N ASN A 17 4.97 6.24 -12.18
CA ASN A 17 4.93 7.61 -11.70
C ASN A 17 3.49 8.12 -11.66
N TRP A 18 3.14 8.82 -10.60
CA TRP A 18 1.78 9.27 -10.40
C TRP A 18 1.53 10.60 -11.09
N TYR A 19 0.49 10.65 -11.88
CA TYR A 19 0.13 11.87 -12.59
C TYR A 19 -0.92 12.63 -11.80
N LEU A 20 -0.74 13.93 -11.70
CA LEU A 20 -1.61 14.80 -10.88
C LEU A 20 -3.08 14.58 -11.19
N GLN A 21 -3.44 14.77 -12.44
CA GLN A 21 -4.84 14.72 -12.84
C GLN A 21 -5.24 13.31 -13.27
N ARG A 22 -5.37 12.43 -12.27
CA ARG A 22 -5.81 11.07 -12.50
C ARG A 22 -6.32 10.47 -11.20
N THR A 23 -7.48 9.82 -11.26
CA THR A 23 -8.06 9.16 -10.11
C THR A 23 -7.53 7.75 -9.95
N ASP A 24 -6.59 7.40 -10.82
CA ASP A 24 -5.99 6.07 -10.85
C ASP A 24 -4.90 5.93 -9.80
N VAL A 25 -4.81 6.92 -8.92
CA VAL A 25 -3.67 7.08 -8.05
C VAL A 25 -3.87 6.43 -6.70
N LYS A 26 -4.85 5.54 -6.61
CA LYS A 26 -5.15 4.84 -5.38
C LYS A 26 -4.36 3.53 -5.31
N LEU A 27 -4.04 3.07 -4.10
CA LEU A 27 -3.15 1.94 -3.93
C LEU A 27 -3.76 0.88 -3.02
N THR A 28 -3.75 -0.35 -3.48
CA THR A 28 -4.26 -1.47 -2.71
C THR A 28 -3.11 -2.40 -2.35
N CYS A 29 -3.10 -2.89 -1.12
CA CYS A 29 -2.02 -3.78 -0.71
C CYS A 29 -2.53 -5.21 -0.65
N LYS A 30 -1.83 -6.10 -1.32
CA LYS A 30 -2.18 -7.51 -1.36
C LYS A 30 -1.04 -8.38 -0.87
N ALA A 31 -1.35 -9.31 0.02
CA ALA A 31 -0.36 -10.27 0.48
C ALA A 31 -0.58 -11.62 -0.18
N ASP A 32 0.41 -12.07 -0.94
CA ASP A 32 0.32 -13.37 -1.59
C ASP A 32 1.02 -14.42 -0.74
N ALA A 33 0.28 -15.42 -0.31
CA ALA A 33 0.81 -16.48 0.51
C ALA A 33 0.00 -17.75 0.31
N ASN A 34 0.49 -18.85 0.85
CA ASN A 34 -0.25 -20.11 0.81
C ASN A 34 -1.60 -19.94 1.54
N PRO A 35 -1.61 -19.45 2.79
CA PRO A 35 -2.84 -19.02 3.45
C PRO A 35 -3.13 -17.54 3.16
N PRO A 36 -4.35 -17.07 3.43
CA PRO A 36 -4.71 -15.66 3.21
C PRO A 36 -3.87 -14.70 4.06
N ALA A 37 -4.36 -14.38 5.26
CA ALA A 37 -3.65 -13.50 6.17
C ALA A 37 -4.32 -13.50 7.54
N THR A 38 -3.53 -13.36 8.58
CA THR A 38 -4.06 -13.25 9.92
C THR A 38 -4.19 -11.79 10.31
N GLU A 39 -3.31 -10.96 9.76
CA GLU A 39 -3.34 -9.53 10.02
C GLU A 39 -2.87 -8.72 8.82
N TYR A 40 -3.28 -7.46 8.82
CA TYR A 40 -2.89 -6.52 7.78
C TYR A 40 -2.54 -5.18 8.41
N HIS A 41 -1.36 -4.69 8.10
CA HIS A 41 -0.86 -3.47 8.68
C HIS A 41 -0.61 -2.43 7.61
N TRP A 42 -1.07 -1.21 7.84
CA TRP A 42 -0.85 -0.13 6.90
C TRP A 42 -0.17 1.03 7.62
N THR A 43 0.97 1.44 7.10
CA THR A 43 1.72 2.56 7.66
C THR A 43 2.49 3.29 6.58
N THR A 44 2.62 4.59 6.71
CA THR A 44 3.41 5.34 5.78
C THR A 44 4.78 5.61 6.38
N LEU A 45 5.68 6.17 5.60
CA LEU A 45 7.02 6.48 6.07
C LEU A 45 6.99 7.58 7.14
N ASN A 46 5.85 8.23 7.27
CA ASN A 46 5.68 9.31 8.24
C ASN A 46 4.80 8.85 9.40
N GLY A 47 4.16 7.70 9.24
CA GLY A 47 3.31 7.16 10.29
C GLY A 47 1.92 7.78 10.29
N SER A 48 1.68 8.74 9.40
CA SER A 48 0.39 9.40 9.32
C SER A 48 -0.15 9.33 7.90
N LEU A 49 -1.45 9.55 7.75
CA LEU A 49 -2.08 9.52 6.44
C LEU A 49 -2.41 10.94 5.99
N PRO A 50 -2.11 11.26 4.72
CA PRO A 50 -2.45 12.57 4.14
C PRO A 50 -3.95 12.81 4.09
N LYS A 51 -4.33 14.08 4.09
CA LYS A 51 -5.74 14.46 4.15
C LYS A 51 -6.48 14.16 2.86
N GLY A 52 -5.72 13.93 1.79
CA GLY A 52 -6.34 13.70 0.49
C GLY A 52 -6.64 12.23 0.23
N VAL A 53 -6.12 11.36 1.07
CA VAL A 53 -6.36 9.93 0.90
C VAL A 53 -7.40 9.40 1.89
N GLU A 54 -8.23 8.49 1.42
CA GLU A 54 -9.10 7.72 2.29
C GLU A 54 -8.45 6.36 2.53
N ALA A 55 -7.95 6.14 3.74
CA ALA A 55 -7.18 4.95 4.03
C ALA A 55 -7.92 4.04 4.99
N GLN A 56 -8.20 2.82 4.55
CA GLN A 56 -8.90 1.85 5.37
C GLN A 56 -8.30 0.46 5.20
N ASN A 57 -7.63 -0.01 6.25
CA ASN A 57 -7.02 -1.35 6.25
C ASN A 57 -5.99 -1.46 5.13
N ARG A 58 -6.08 -2.53 4.32
CA ARG A 58 -5.10 -2.76 3.27
C ARG A 58 -5.47 -2.03 1.99
N THR A 59 -6.40 -1.07 2.08
CA THR A 59 -6.82 -0.32 0.92
C THR A 59 -6.53 1.17 1.09
N LEU A 60 -5.77 1.72 0.17
CA LEU A 60 -5.53 3.14 0.13
C LEU A 60 -6.32 3.72 -1.03
N PHE A 61 -7.44 4.34 -0.72
CA PHE A 61 -8.27 4.91 -1.75
C PHE A 61 -8.07 6.41 -1.80
N PHE A 62 -7.54 6.90 -2.89
CA PHE A 62 -7.32 8.32 -3.02
C PHE A 62 -8.63 9.01 -3.32
N ARG A 63 -8.84 10.17 -2.71
CA ARG A 63 -10.13 10.84 -2.76
C ARG A 63 -10.44 11.33 -4.17
N GLY A 64 -9.39 11.62 -4.92
CA GLY A 64 -9.52 12.06 -6.28
C GLY A 64 -8.18 12.07 -7.00
N PRO A 65 -7.81 13.20 -7.61
CA PRO A 65 -6.52 13.34 -8.27
C PRO A 65 -5.37 13.48 -7.26
N ILE A 66 -4.18 13.07 -7.65
CA ILE A 66 -3.04 13.10 -6.76
C ILE A 66 -2.42 14.51 -6.70
N THR A 67 -1.96 14.88 -5.52
CA THR A 67 -1.38 16.19 -5.31
C THR A 67 0.01 16.05 -4.69
N TYR A 68 0.77 17.15 -4.61
CA TYR A 68 2.12 17.12 -4.05
C TYR A 68 2.13 16.59 -2.63
N SER A 69 1.07 16.88 -1.88
CA SER A 69 0.96 16.44 -0.49
C SER A 69 0.61 14.96 -0.39
N LEU A 70 0.44 14.29 -1.52
CA LEU A 70 0.10 12.88 -1.53
C LEU A 70 1.32 12.02 -1.83
N ALA A 71 2.44 12.67 -2.12
CA ALA A 71 3.68 11.97 -2.42
C ALA A 71 4.32 11.38 -1.16
N GLY A 72 5.25 10.45 -1.34
CA GLY A 72 5.93 9.84 -0.21
C GLY A 72 6.08 8.34 -0.36
N THR A 73 6.26 7.65 0.75
CA THR A 73 6.41 6.21 0.75
C THR A 73 5.28 5.54 1.54
N TYR A 74 4.47 4.74 0.85
CA TYR A 74 3.41 4.01 1.51
C TYR A 74 3.84 2.57 1.71
N ILE A 75 3.80 2.11 2.95
CA ILE A 75 4.26 0.78 3.30
C ILE A 75 3.09 -0.05 3.84
N CYS A 76 3.04 -1.31 3.46
CA CYS A 76 2.01 -2.19 4.00
C CYS A 76 2.68 -3.43 4.57
N GLU A 77 2.15 -3.93 5.67
CA GLU A 77 2.66 -5.13 6.31
C GLU A 77 1.54 -6.14 6.43
N ALA A 78 1.84 -7.42 6.28
CA ALA A 78 0.83 -8.45 6.37
C ALA A 78 1.26 -9.53 7.33
N THR A 79 0.38 -9.90 8.24
CA THR A 79 0.73 -10.93 9.19
C THR A 79 0.06 -12.25 8.83
N ASN A 80 0.85 -13.31 8.80
CA ASN A 80 0.35 -14.65 8.60
C ASN A 80 1.01 -15.56 9.64
N PRO A 81 0.59 -16.84 9.77
CA PRO A 81 1.19 -17.76 10.75
C PRO A 81 2.65 -18.08 10.44
N ILE A 82 3.09 -17.73 9.23
CA ILE A 82 4.46 -17.96 8.83
C ILE A 82 5.33 -16.74 9.13
N GLY A 83 4.69 -15.59 9.31
CA GLY A 83 5.41 -14.40 9.67
C GLY A 83 4.75 -13.12 9.18
N THR A 84 5.46 -12.01 9.34
CA THR A 84 4.98 -10.70 8.92
C THR A 84 5.98 -10.07 7.97
N ARG A 85 5.50 -9.67 6.80
CA ARG A 85 6.33 -8.99 5.84
C ARG A 85 5.72 -7.66 5.48
N SER A 86 6.50 -6.80 4.87
CA SER A 86 6.07 -5.45 4.56
C SER A 86 6.59 -5.03 3.19
N GLY A 87 5.85 -4.17 2.52
CA GLY A 87 6.33 -3.62 1.29
C GLY A 87 5.94 -2.17 1.17
N GLN A 88 6.83 -1.39 0.60
CA GLN A 88 6.61 0.03 0.45
C GLN A 88 6.60 0.41 -1.02
N VAL A 89 5.88 1.47 -1.31
CA VAL A 89 5.81 2.02 -2.64
C VAL A 89 6.16 3.50 -2.54
N GLU A 90 6.81 4.03 -3.55
CA GLU A 90 7.22 5.42 -3.50
C GLU A 90 6.47 6.19 -4.54
N VAL A 91 5.64 7.09 -4.06
CA VAL A 91 4.79 7.88 -4.92
C VAL A 91 5.40 9.23 -5.14
N ASN A 92 5.52 9.61 -6.39
CA ASN A 92 6.08 10.88 -6.77
C ASN A 92 5.15 11.57 -7.71
N ILE A 93 5.02 12.87 -7.57
CA ILE A 93 4.12 13.62 -8.40
C ILE A 93 4.86 14.12 -9.62
N THR A 94 4.22 14.02 -10.77
CA THR A 94 4.84 14.26 -12.07
C THR A 94 5.54 15.61 -12.15
N HIS A 95 6.87 15.56 -12.20
CA HIS A 95 7.71 16.74 -12.30
C HIS A 95 9.10 16.33 -12.75
N LEU A 1 -1.63 -26.13 2.00
CA LEU A 1 -0.66 -26.94 1.25
C LEU A 1 0.54 -27.27 2.11
N ASN A 2 1.52 -27.97 1.54
CA ASN A 2 2.72 -28.35 2.27
C ASN A 2 3.75 -27.22 2.25
N VAL A 3 3.55 -26.25 1.37
CA VAL A 3 4.45 -25.12 1.26
C VAL A 3 3.80 -23.88 1.85
N GLN A 4 4.38 -23.39 2.92
CA GLN A 4 3.91 -22.17 3.55
C GLN A 4 5.03 -21.14 3.55
N TYR A 5 4.68 -19.92 3.17
CA TYR A 5 5.64 -18.84 3.09
C TYR A 5 5.02 -17.56 3.62
N GLU A 6 5.87 -16.60 4.00
CA GLU A 6 5.37 -15.32 4.49
C GLU A 6 4.66 -14.60 3.36
N PRO A 7 3.63 -13.80 3.68
CA PRO A 7 2.79 -13.18 2.66
C PRO A 7 3.57 -12.27 1.71
N GLU A 8 3.30 -12.44 0.43
CA GLU A 8 3.92 -11.62 -0.61
C GLU A 8 3.19 -10.29 -0.71
N VAL A 9 3.84 -9.23 -0.28
CA VAL A 9 3.22 -7.91 -0.29
C VAL A 9 3.54 -7.19 -1.58
N THR A 10 2.51 -6.63 -2.17
CA THR A 10 2.61 -5.96 -3.46
C THR A 10 1.72 -4.72 -3.48
N ILE A 11 2.08 -3.74 -4.30
CA ILE A 11 1.32 -2.52 -4.42
C ILE A 11 0.65 -2.43 -5.79
N GLU A 12 -0.65 -2.27 -5.79
CA GLU A 12 -1.40 -2.15 -7.03
C GLU A 12 -2.27 -0.91 -7.01
N GLY A 13 -1.91 0.07 -7.82
CA GLY A 13 -2.69 1.27 -7.91
C GLY A 13 -2.43 1.99 -9.20
N PHE A 14 -1.67 3.08 -9.13
CA PHE A 14 -1.19 3.72 -10.34
C PHE A 14 0.06 3.01 -10.81
N ASP A 15 -0.01 2.39 -11.98
CA ASP A 15 1.10 1.61 -12.50
C ASP A 15 2.07 2.49 -13.28
N GLY A 16 2.89 3.23 -12.56
CA GLY A 16 3.85 4.12 -13.18
C GLY A 16 4.02 5.40 -12.39
N ASN A 17 4.27 6.49 -13.10
CA ASN A 17 4.39 7.80 -12.45
C ASN A 17 3.02 8.40 -12.19
N TRP A 18 2.87 9.01 -11.03
CA TRP A 18 1.58 9.53 -10.60
C TRP A 18 1.31 10.90 -11.20
N TYR A 19 0.25 10.98 -11.98
CA TYR A 19 -0.16 12.24 -12.59
C TYR A 19 -1.13 12.97 -11.70
N LEU A 20 -1.00 14.29 -11.65
CA LEU A 20 -1.80 15.12 -10.74
C LEU A 20 -3.29 14.89 -10.92
N GLN A 21 -3.78 15.07 -12.13
CA GLN A 21 -5.21 15.04 -12.38
C GLN A 21 -5.69 13.64 -12.72
N ARG A 22 -5.84 12.82 -11.69
CA ARG A 22 -6.38 11.48 -11.84
C ARG A 22 -6.73 10.90 -10.47
N THR A 23 -7.84 10.18 -10.40
CA THR A 23 -8.24 9.52 -9.16
C THR A 23 -7.70 8.09 -9.11
N ASP A 24 -6.99 7.72 -10.17
CA ASP A 24 -6.38 6.40 -10.28
C ASP A 24 -5.08 6.33 -9.47
N VAL A 25 -4.88 7.33 -8.61
CA VAL A 25 -3.63 7.50 -7.89
C VAL A 25 -3.70 6.80 -6.54
N LYS A 26 -4.72 5.95 -6.41
CA LYS A 26 -4.94 5.18 -5.20
C LYS A 26 -4.10 3.90 -5.26
N LEU A 27 -3.78 3.33 -4.11
CA LEU A 27 -2.93 2.15 -4.07
C LEU A 27 -3.52 1.07 -3.20
N THR A 28 -3.59 -0.12 -3.74
CA THR A 28 -4.07 -1.27 -3.02
C THR A 28 -2.89 -2.15 -2.62
N CYS A 29 -2.90 -2.63 -1.40
CA CYS A 29 -1.83 -3.49 -0.92
C CYS A 29 -2.33 -4.92 -0.84
N LYS A 30 -1.60 -5.83 -1.47
CA LYS A 30 -2.01 -7.22 -1.50
C LYS A 30 -0.94 -8.10 -0.86
N ALA A 31 -1.38 -9.04 -0.04
CA ALA A 31 -0.48 -10.03 0.53
C ALA A 31 -0.90 -11.42 0.07
N ASP A 32 -0.01 -12.08 -0.64
CA ASP A 32 -0.29 -13.41 -1.16
C ASP A 32 0.49 -14.47 -0.38
N ALA A 33 -0.23 -15.38 0.24
CA ALA A 33 0.36 -16.44 1.02
C ALA A 33 -0.55 -17.65 1.01
N ASN A 34 -0.08 -18.78 1.49
CA ASN A 34 -0.92 -19.97 1.57
C ASN A 34 -2.03 -19.74 2.60
N PRO A 35 -1.70 -19.42 3.88
CA PRO A 35 -2.68 -18.97 4.85
C PRO A 35 -2.95 -17.48 4.68
N PRO A 36 -4.19 -17.03 4.95
CA PRO A 36 -4.61 -15.63 4.77
C PRO A 36 -3.69 -14.62 5.47
N ALA A 37 -4.01 -14.29 6.72
CA ALA A 37 -3.24 -13.32 7.48
C ALA A 37 -3.74 -13.27 8.92
N THR A 38 -2.89 -12.79 9.82
CA THR A 38 -3.29 -12.56 11.20
C THR A 38 -3.37 -11.07 11.48
N GLU A 39 -2.42 -10.33 10.93
CA GLU A 39 -2.39 -8.89 11.10
C GLU A 39 -2.08 -8.16 9.81
N TYR A 40 -2.51 -6.92 9.75
CA TYR A 40 -2.24 -6.07 8.62
C TYR A 40 -1.94 -4.66 9.09
N HIS A 41 -0.82 -4.14 8.63
CA HIS A 41 -0.39 -2.80 9.01
C HIS A 41 -0.21 -1.93 7.78
N TRP A 42 -0.84 -0.78 7.76
CA TRP A 42 -0.62 0.18 6.70
C TRP A 42 -0.06 1.47 7.29
N THR A 43 1.13 1.83 6.86
CA THR A 43 1.81 2.99 7.40
C THR A 43 2.73 3.64 6.37
N THR A 44 2.84 4.95 6.40
CA THR A 44 3.71 5.65 5.48
C THR A 44 5.07 5.86 6.12
N LEU A 45 6.02 6.38 5.35
CA LEU A 45 7.35 6.66 5.87
C LEU A 45 7.31 7.84 6.86
N ASN A 46 6.17 8.52 6.90
CA ASN A 46 5.97 9.64 7.82
C ASN A 46 5.28 9.17 9.10
N GLY A 47 4.64 8.02 9.02
CA GLY A 47 3.96 7.46 10.17
C GLY A 47 2.52 7.93 10.27
N SER A 48 2.13 8.78 9.35
CA SER A 48 0.76 9.30 9.31
C SER A 48 0.26 9.31 7.87
N LEU A 49 -1.04 9.47 7.68
CA LEU A 49 -1.62 9.52 6.35
C LEU A 49 -2.31 10.86 6.14
N PRO A 50 -2.10 11.50 4.98
CA PRO A 50 -2.69 12.79 4.66
C PRO A 50 -4.22 12.74 4.68
N LYS A 51 -4.84 13.82 5.13
CA LYS A 51 -6.30 13.87 5.27
C LYS A 51 -7.00 13.99 3.91
N GLY A 52 -6.21 14.04 2.85
CA GLY A 52 -6.76 14.08 1.51
C GLY A 52 -7.06 12.68 0.98
N VAL A 53 -6.33 11.69 1.49
CA VAL A 53 -6.53 10.31 1.11
C VAL A 53 -7.30 9.57 2.19
N GLU A 54 -8.10 8.59 1.79
CA GLU A 54 -8.80 7.75 2.74
C GLU A 54 -8.23 6.34 2.75
N ALA A 55 -8.29 5.66 3.89
CA ALA A 55 -7.72 4.33 4.02
C ALA A 55 -8.79 3.31 4.39
N GLN A 56 -8.82 2.21 3.66
CA GLN A 56 -9.78 1.15 3.91
C GLN A 56 -9.08 -0.21 3.90
N ASN A 57 -8.88 -0.78 5.10
CA ASN A 57 -8.17 -2.04 5.26
C ASN A 57 -6.79 -2.00 4.61
N ARG A 58 -6.66 -2.64 3.45
CA ARG A 58 -5.39 -2.70 2.74
C ARG A 58 -5.45 -1.83 1.48
N THR A 59 -6.55 -1.12 1.33
CA THR A 59 -6.74 -0.26 0.19
C THR A 59 -6.50 1.19 0.56
N LEU A 60 -5.55 1.81 -0.12
CA LEU A 60 -5.27 3.22 0.06
C LEU A 60 -6.02 3.99 -1.01
N PHE A 61 -7.12 4.60 -0.63
CA PHE A 61 -7.94 5.30 -1.58
C PHE A 61 -7.58 6.76 -1.59
N PHE A 62 -7.05 7.21 -2.70
CA PHE A 62 -6.80 8.62 -2.89
C PHE A 62 -8.12 9.25 -3.25
N ARG A 63 -8.60 10.10 -2.36
CA ARG A 63 -10.00 10.52 -2.42
C ARG A 63 -10.22 11.55 -3.51
N GLY A 64 -9.14 11.97 -4.13
CA GLY A 64 -9.19 12.90 -5.22
C GLY A 64 -7.96 12.77 -6.09
N PRO A 65 -7.56 13.85 -6.75
CA PRO A 65 -6.37 13.87 -7.59
C PRO A 65 -5.09 13.99 -6.76
N ILE A 66 -3.99 13.47 -7.28
CA ILE A 66 -2.74 13.48 -6.53
C ILE A 66 -2.07 14.85 -6.62
N THR A 67 -1.55 15.30 -5.48
CA THR A 67 -0.86 16.57 -5.40
C THR A 67 0.54 16.35 -4.85
N TYR A 68 1.37 17.39 -4.85
CA TYR A 68 2.74 17.26 -4.38
C TYR A 68 2.77 16.94 -2.89
N SER A 69 1.76 17.39 -2.18
CA SER A 69 1.61 17.12 -0.76
C SER A 69 1.33 15.62 -0.51
N LEU A 70 1.02 14.90 -1.58
CA LEU A 70 0.68 13.48 -1.49
C LEU A 70 1.88 12.60 -1.86
N ALA A 71 2.96 13.24 -2.30
CA ALA A 71 4.16 12.50 -2.72
C ALA A 71 4.94 11.97 -1.51
N GLY A 72 5.25 10.68 -1.53
CA GLY A 72 5.95 10.07 -0.42
C GLY A 72 5.95 8.56 -0.48
N THR A 73 6.51 7.91 0.53
CA THR A 73 6.59 6.45 0.58
C THR A 73 5.42 5.85 1.37
N TYR A 74 4.66 5.00 0.71
CA TYR A 74 3.57 4.26 1.34
C TYR A 74 3.98 2.81 1.53
N ILE A 75 3.89 2.33 2.76
CA ILE A 75 4.34 0.99 3.12
C ILE A 75 3.17 0.20 3.73
N CYS A 76 3.09 -1.07 3.42
CA CYS A 76 2.13 -1.93 4.09
C CYS A 76 2.82 -3.18 4.60
N GLU A 77 2.41 -3.63 5.77
CA GLU A 77 2.98 -4.81 6.40
C GLU A 77 1.89 -5.82 6.70
N ALA A 78 2.19 -7.10 6.57
CA ALA A 78 1.21 -8.13 6.84
C ALA A 78 1.78 -9.13 7.81
N THR A 79 1.07 -9.41 8.88
CA THR A 79 1.57 -10.37 9.85
C THR A 79 0.84 -11.69 9.68
N ASN A 80 1.61 -12.75 9.51
CA ASN A 80 1.07 -14.09 9.29
C ASN A 80 1.79 -15.07 10.21
N PRO A 81 1.28 -16.31 10.34
CA PRO A 81 1.95 -17.35 11.13
C PRO A 81 3.31 -17.74 10.56
N ILE A 82 3.56 -17.38 9.31
CA ILE A 82 4.82 -17.71 8.66
C ILE A 82 5.81 -16.55 8.80
N GLY A 83 5.29 -15.37 9.06
CA GLY A 83 6.15 -14.21 9.28
C GLY A 83 5.47 -12.90 8.91
N THR A 84 6.23 -11.82 8.94
CA THR A 84 5.74 -10.50 8.60
C THR A 84 6.53 -9.93 7.44
N ARG A 85 5.81 -9.50 6.42
CA ARG A 85 6.44 -8.87 5.28
C ARG A 85 5.83 -7.50 5.06
N SER A 86 6.60 -6.60 4.49
CA SER A 86 6.15 -5.24 4.28
C SER A 86 6.59 -4.78 2.89
N GLY A 87 5.77 -3.97 2.26
CA GLY A 87 6.13 -3.40 0.98
C GLY A 87 5.90 -1.93 0.97
N GLN A 88 6.80 -1.20 0.32
CA GLN A 88 6.73 0.23 0.27
C GLN A 88 6.85 0.69 -1.17
N VAL A 89 6.15 1.77 -1.46
CA VAL A 89 6.19 2.37 -2.77
C VAL A 89 6.33 3.88 -2.61
N GLU A 90 7.07 4.51 -3.48
CA GLU A 90 7.28 5.94 -3.37
C GLU A 90 6.68 6.62 -4.56
N VAL A 91 5.73 7.47 -4.28
CA VAL A 91 4.96 8.13 -5.31
C VAL A 91 5.56 9.50 -5.61
N ASN A 92 5.63 9.82 -6.88
CA ASN A 92 6.18 11.08 -7.31
C ASN A 92 5.22 11.74 -8.27
N ILE A 93 5.06 13.03 -8.13
CA ILE A 93 4.13 13.76 -8.96
C ILE A 93 4.84 14.34 -10.18
N THR A 94 4.21 14.15 -11.34
CA THR A 94 4.79 14.56 -12.62
C THR A 94 5.20 16.03 -12.64
N HIS A 95 6.49 16.27 -12.41
CA HIS A 95 7.08 17.58 -12.44
C HIS A 95 8.55 17.48 -12.07
N LEU A 1 -2.86 -24.40 1.11
CA LEU A 1 -2.19 -25.69 0.83
C LEU A 1 -1.38 -26.16 2.04
N ASN A 2 -0.39 -27.01 1.81
CA ASN A 2 0.42 -27.56 2.90
C ASN A 2 1.73 -26.79 3.08
N VAL A 3 1.97 -25.78 2.25
CA VAL A 3 3.25 -25.09 2.26
C VAL A 3 3.12 -23.74 2.94
N GLN A 4 3.82 -23.58 4.05
CA GLN A 4 3.70 -22.38 4.86
C GLN A 4 4.85 -21.41 4.62
N TYR A 5 4.50 -20.18 4.30
CA TYR A 5 5.47 -19.11 4.12
C TYR A 5 4.82 -17.80 4.54
N GLU A 6 5.61 -16.82 4.95
CA GLU A 6 5.06 -15.54 5.39
C GLU A 6 4.42 -14.84 4.21
N PRO A 7 3.36 -14.05 4.46
CA PRO A 7 2.58 -13.44 3.38
C PRO A 7 3.43 -12.56 2.47
N GLU A 8 3.26 -12.75 1.17
CA GLU A 8 3.95 -11.95 0.18
C GLU A 8 3.23 -10.63 -0.03
N VAL A 9 3.81 -9.56 0.45
CA VAL A 9 3.19 -8.25 0.34
C VAL A 9 3.66 -7.55 -0.92
N THR A 10 2.73 -6.96 -1.63
CA THR A 10 3.00 -6.31 -2.90
C THR A 10 2.14 -5.07 -3.06
N ILE A 11 2.64 -4.08 -3.80
CA ILE A 11 1.91 -2.84 -4.02
C ILE A 11 1.50 -2.71 -5.47
N GLU A 12 0.26 -2.30 -5.69
CA GLU A 12 -0.23 -1.97 -7.01
C GLU A 12 -0.80 -0.57 -6.96
N GLY A 13 -0.90 0.11 -8.08
CA GLY A 13 -1.42 1.44 -8.06
C GLY A 13 -1.46 2.07 -9.42
N PHE A 14 -1.28 3.38 -9.49
CA PHE A 14 -1.22 4.04 -10.79
C PHE A 14 0.01 3.57 -11.55
N ASP A 15 -0.24 2.97 -12.70
CA ASP A 15 0.82 2.36 -13.49
C ASP A 15 1.64 3.43 -14.21
N GLY A 16 2.90 3.54 -13.82
CA GLY A 16 3.80 4.49 -14.43
C GLY A 16 4.30 5.52 -13.44
N ASN A 17 4.06 6.79 -13.73
CA ASN A 17 4.47 7.87 -12.86
C ASN A 17 3.26 8.63 -12.36
N TRP A 18 3.25 8.99 -11.08
CA TRP A 18 2.10 9.61 -10.48
C TRP A 18 2.07 11.10 -10.80
N TYR A 19 1.19 11.44 -11.74
CA TYR A 19 1.02 12.82 -12.17
C TYR A 19 -0.01 13.51 -11.29
N LEU A 20 0.17 14.81 -11.11
CA LEU A 20 -0.69 15.61 -10.24
C LEU A 20 -2.17 15.44 -10.57
N GLN A 21 -2.51 15.41 -11.84
CA GLN A 21 -3.91 15.46 -12.24
C GLN A 21 -4.45 14.11 -12.69
N ARG A 22 -4.29 13.08 -11.86
CA ARG A 22 -4.87 11.77 -12.13
C ARG A 22 -5.53 11.21 -10.87
N THR A 23 -6.68 10.57 -11.05
CA THR A 23 -7.42 10.00 -9.92
C THR A 23 -7.08 8.51 -9.73
N ASP A 24 -6.36 7.95 -10.69
CA ASP A 24 -5.95 6.54 -10.66
C ASP A 24 -4.73 6.35 -9.76
N VAL A 25 -4.44 7.35 -8.95
CA VAL A 25 -3.18 7.39 -8.21
C VAL A 25 -3.34 6.69 -6.87
N LYS A 26 -4.22 5.71 -6.88
CA LYS A 26 -4.55 4.95 -5.69
C LYS A 26 -3.78 3.64 -5.72
N LEU A 27 -3.46 3.12 -4.55
CA LEU A 27 -2.61 1.95 -4.44
C LEU A 27 -3.34 0.82 -3.74
N THR A 28 -2.91 -0.40 -3.99
CA THR A 28 -3.52 -1.57 -3.41
C THR A 28 -2.45 -2.48 -2.81
N CYS A 29 -2.70 -2.99 -1.62
CA CYS A 29 -1.75 -3.88 -0.97
C CYS A 29 -2.29 -5.30 -1.04
N LYS A 30 -1.47 -6.21 -1.52
CA LYS A 30 -1.84 -7.60 -1.63
C LYS A 30 -0.90 -8.46 -0.81
N ALA A 31 -1.40 -9.57 -0.30
CA ALA A 31 -0.58 -10.49 0.46
C ALA A 31 -0.92 -11.93 0.10
N ASP A 32 0.04 -12.63 -0.45
CA ASP A 32 -0.15 -14.03 -0.81
C ASP A 32 0.54 -14.94 0.20
N ALA A 33 -0.23 -15.80 0.83
CA ALA A 33 0.31 -16.75 1.79
C ALA A 33 -0.57 -17.98 1.84
N ASN A 34 -0.07 -19.02 2.49
CA ASN A 34 -0.86 -20.23 2.70
C ASN A 34 -2.18 -19.91 3.41
N PRO A 35 -2.13 -19.29 4.60
CA PRO A 35 -3.32 -18.75 5.26
C PRO A 35 -3.55 -17.30 4.85
N PRO A 36 -4.76 -16.77 5.05
CA PRO A 36 -5.08 -15.37 4.72
C PRO A 36 -4.14 -14.40 5.43
N ALA A 37 -4.47 -14.07 6.68
CA ALA A 37 -3.64 -13.20 7.51
C ALA A 37 -4.24 -13.09 8.90
N THR A 38 -3.41 -13.29 9.91
CA THR A 38 -3.84 -13.11 11.28
C THR A 38 -3.97 -11.63 11.58
N GLU A 39 -3.07 -10.85 10.99
CA GLU A 39 -3.10 -9.41 11.17
C GLU A 39 -2.77 -8.69 9.87
N TYR A 40 -3.31 -7.49 9.74
CA TYR A 40 -3.06 -6.65 8.59
C TYR A 40 -2.71 -5.25 9.07
N HIS A 41 -1.60 -4.74 8.60
CA HIS A 41 -1.09 -3.44 9.04
C HIS A 41 -0.83 -2.53 7.86
N TRP A 42 -1.18 -1.26 8.03
CA TRP A 42 -0.88 -0.24 7.03
C TRP A 42 -0.16 0.91 7.69
N THR A 43 1.04 1.21 7.23
CA THR A 43 1.87 2.23 7.85
C THR A 43 2.62 3.04 6.79
N THR A 44 2.81 4.31 7.04
CA THR A 44 3.63 5.11 6.17
C THR A 44 4.98 5.33 6.82
N LEU A 45 5.95 5.82 6.05
CA LEU A 45 7.28 6.09 6.59
C LEU A 45 7.20 7.13 7.70
N ASN A 46 6.15 7.95 7.66
CA ASN A 46 5.94 9.00 8.66
C ASN A 46 5.13 8.48 9.84
N GLY A 47 4.46 7.35 9.65
CA GLY A 47 3.62 6.79 10.70
C GLY A 47 2.30 7.51 10.81
N SER A 48 2.02 8.39 9.85
CA SER A 48 0.78 9.15 9.83
C SER A 48 0.16 9.10 8.43
N LEU A 49 -1.15 9.21 8.36
CA LEU A 49 -1.85 9.15 7.08
C LEU A 49 -2.42 10.52 6.74
N PRO A 50 -2.25 10.97 5.48
CA PRO A 50 -2.80 12.24 4.99
C PRO A 50 -4.32 12.16 4.80
N LYS A 51 -4.96 13.32 4.70
CA LYS A 51 -6.42 13.38 4.54
C LYS A 51 -6.79 13.30 3.07
N GLY A 52 -5.80 13.45 2.20
CA GLY A 52 -6.04 13.36 0.78
C GLY A 52 -6.34 11.94 0.33
N VAL A 53 -5.87 10.97 1.10
CA VAL A 53 -6.11 9.57 0.79
C VAL A 53 -7.20 8.98 1.68
N GLU A 54 -8.10 8.20 1.10
CA GLU A 54 -9.05 7.43 1.88
C GLU A 54 -8.62 5.96 1.92
N ALA A 55 -8.80 5.32 3.07
CA ALA A 55 -8.33 3.95 3.24
C ALA A 55 -9.50 2.98 3.33
N GLN A 56 -9.39 1.86 2.61
CA GLN A 56 -10.39 0.82 2.66
C GLN A 56 -9.73 -0.55 2.67
N ASN A 57 -9.71 -1.17 3.83
CA ASN A 57 -9.05 -2.47 4.05
C ASN A 57 -7.61 -2.43 3.53
N ARG A 58 -7.32 -3.20 2.48
CA ARG A 58 -5.98 -3.28 1.93
C ARG A 58 -5.83 -2.34 0.74
N THR A 59 -6.85 -1.55 0.48
CA THR A 59 -6.85 -0.65 -0.65
C THR A 59 -6.63 0.79 -0.21
N LEU A 60 -5.71 1.45 -0.88
CA LEU A 60 -5.41 2.84 -0.61
C LEU A 60 -5.99 3.68 -1.72
N PHE A 61 -7.13 4.31 -1.45
CA PHE A 61 -7.80 5.06 -2.48
C PHE A 61 -7.53 6.54 -2.32
N PHE A 62 -6.86 7.12 -3.29
CA PHE A 62 -6.57 8.53 -3.24
C PHE A 62 -7.84 9.29 -3.54
N ARG A 63 -8.16 10.22 -2.65
CA ARG A 63 -9.44 10.90 -2.70
C ARG A 63 -9.36 12.14 -3.57
N GLY A 64 -8.92 11.95 -4.80
CA GLY A 64 -8.73 13.05 -5.71
C GLY A 64 -7.44 12.89 -6.47
N PRO A 65 -6.97 13.94 -7.14
CA PRO A 65 -5.72 13.94 -7.90
C PRO A 65 -4.51 13.98 -6.96
N ILE A 66 -3.41 13.36 -7.36
CA ILE A 66 -2.25 13.25 -6.50
C ILE A 66 -1.56 14.60 -6.31
N THR A 67 -1.23 14.90 -5.07
CA THR A 67 -0.61 16.17 -4.73
C THR A 67 0.73 15.94 -4.03
N TYR A 68 1.51 16.99 -3.86
CA TYR A 68 2.84 16.86 -3.26
C TYR A 68 2.73 16.37 -1.81
N SER A 69 1.63 16.70 -1.16
CA SER A 69 1.37 16.26 0.19
C SER A 69 0.89 14.79 0.23
N LEU A 70 0.82 14.16 -0.94
CA LEU A 70 0.42 12.75 -1.03
C LEU A 70 1.62 11.88 -1.37
N ALA A 71 2.76 12.52 -1.63
CA ALA A 71 3.99 11.81 -1.94
C ALA A 71 4.60 11.20 -0.69
N GLY A 72 5.50 10.23 -0.87
CA GLY A 72 6.14 9.59 0.24
C GLY A 72 6.20 8.08 0.11
N THR A 73 6.60 7.40 1.17
CA THR A 73 6.69 5.94 1.16
C THR A 73 5.50 5.31 1.89
N TYR A 74 4.68 4.58 1.16
CA TYR A 74 3.54 3.88 1.74
C TYR A 74 3.89 2.41 1.92
N ILE A 75 3.74 1.92 3.13
CA ILE A 75 4.12 0.55 3.50
C ILE A 75 2.89 -0.20 4.05
N CYS A 76 2.80 -1.48 3.78
CA CYS A 76 1.80 -2.30 4.44
C CYS A 76 2.45 -3.57 4.97
N GLU A 77 1.97 -4.04 6.11
CA GLU A 77 2.52 -5.20 6.78
C GLU A 77 1.43 -6.23 6.99
N ALA A 78 1.76 -7.49 6.87
CA ALA A 78 0.77 -8.53 7.03
C ALA A 78 1.28 -9.56 8.01
N THR A 79 0.49 -9.85 9.05
CA THR A 79 0.93 -10.80 10.04
C THR A 79 0.24 -12.13 9.84
N ASN A 80 1.03 -13.18 9.76
CA ASN A 80 0.53 -14.54 9.66
C ASN A 80 1.31 -15.42 10.64
N PRO A 81 0.88 -16.67 10.87
CA PRO A 81 1.56 -17.57 11.81
C PRO A 81 2.98 -17.93 11.36
N ILE A 82 3.29 -17.64 10.11
CA ILE A 82 4.60 -17.96 9.55
C ILE A 82 5.54 -16.77 9.68
N GLY A 83 4.96 -15.58 9.85
CA GLY A 83 5.77 -14.40 10.06
C GLY A 83 5.06 -13.13 9.66
N THR A 84 5.80 -12.03 9.67
CA THR A 84 5.29 -10.71 9.31
C THR A 84 6.14 -10.11 8.22
N ARG A 85 5.51 -9.75 7.12
CA ARG A 85 6.20 -9.13 6.03
C ARG A 85 5.54 -7.80 5.71
N SER A 86 6.32 -6.88 5.18
CA SER A 86 5.83 -5.57 4.83
C SER A 86 6.26 -5.19 3.42
N GLY A 87 5.45 -4.39 2.75
CA GLY A 87 5.84 -3.90 1.46
C GLY A 87 5.67 -2.40 1.41
N GLN A 88 6.59 -1.74 0.74
CA GLN A 88 6.59 -0.30 0.67
C GLN A 88 6.69 0.15 -0.77
N VAL A 89 6.10 1.30 -1.03
CA VAL A 89 6.13 1.91 -2.35
C VAL A 89 6.41 3.39 -2.17
N GLU A 90 7.14 3.97 -3.09
CA GLU A 90 7.49 5.37 -2.96
C GLU A 90 6.87 6.14 -4.11
N VAL A 91 6.03 7.07 -3.72
CA VAL A 91 5.31 7.89 -4.66
C VAL A 91 5.88 9.29 -4.65
N ASN A 92 6.15 9.81 -5.82
CA ASN A 92 6.68 11.16 -5.95
C ASN A 92 5.91 11.87 -7.03
N ILE A 93 5.67 13.14 -6.84
CA ILE A 93 4.84 13.89 -7.75
C ILE A 93 5.71 14.53 -8.81
N THR A 94 5.44 14.20 -10.06
CA THR A 94 6.31 14.57 -11.15
C THR A 94 5.69 15.66 -12.03
N HIS A 95 6.53 16.28 -12.83
CA HIS A 95 6.11 17.33 -13.73
C HIS A 95 7.15 17.50 -14.83
N LEU A 1 -1.02 -25.62 -0.74
CA LEU A 1 -0.86 -27.08 -0.65
C LEU A 1 0.01 -27.43 0.54
N ASN A 2 1.12 -28.13 0.29
CA ASN A 2 2.02 -28.53 1.37
C ASN A 2 3.14 -27.51 1.56
N VAL A 3 3.19 -26.52 0.69
CA VAL A 3 4.25 -25.51 0.75
C VAL A 3 3.69 -24.19 1.25
N GLN A 4 4.25 -23.70 2.35
CA GLN A 4 3.84 -22.44 2.93
C GLN A 4 5.03 -21.49 3.01
N TYR A 5 4.81 -20.25 2.60
CA TYR A 5 5.87 -19.25 2.61
C TYR A 5 5.32 -17.96 3.19
N GLU A 6 6.22 -17.06 3.60
CA GLU A 6 5.79 -15.77 4.15
C GLU A 6 5.08 -14.97 3.05
N PRO A 7 4.06 -14.19 3.42
CA PRO A 7 3.22 -13.49 2.45
C PRO A 7 4.00 -12.50 1.60
N GLU A 8 3.76 -12.56 0.30
CA GLU A 8 4.39 -11.63 -0.64
C GLU A 8 3.65 -10.30 -0.60
N VAL A 9 4.28 -9.29 -0.05
CA VAL A 9 3.64 -7.99 0.09
C VAL A 9 3.94 -7.12 -1.11
N THR A 10 2.87 -6.66 -1.72
CA THR A 10 2.96 -5.92 -2.97
C THR A 10 2.01 -4.72 -2.95
N ILE A 11 2.37 -3.68 -3.69
CA ILE A 11 1.53 -2.50 -3.81
C ILE A 11 1.01 -2.36 -5.24
N GLU A 12 -0.31 -2.26 -5.37
CA GLU A 12 -0.93 -2.16 -6.68
C GLU A 12 -1.78 -0.90 -6.76
N GLY A 13 -1.35 0.04 -7.58
CA GLY A 13 -2.09 1.27 -7.76
C GLY A 13 -1.93 1.80 -9.15
N PHE A 14 -1.63 3.09 -9.28
CA PHE A 14 -1.38 3.66 -10.59
C PHE A 14 -0.03 3.17 -11.10
N ASP A 15 -0.05 2.45 -12.23
CA ASP A 15 1.15 1.82 -12.76
C ASP A 15 2.03 2.82 -13.49
N GLY A 16 3.08 3.26 -12.83
CA GLY A 16 3.99 4.22 -13.42
C GLY A 16 4.21 5.41 -12.52
N ASN A 17 4.36 6.57 -13.12
CA ASN A 17 4.56 7.81 -12.37
C ASN A 17 3.23 8.49 -12.15
N TRP A 18 3.01 9.00 -10.94
CA TRP A 18 1.72 9.54 -10.57
C TRP A 18 1.56 10.98 -11.00
N TYR A 19 0.53 11.22 -11.79
CA TYR A 19 0.25 12.55 -12.28
C TYR A 19 -0.74 13.25 -11.35
N LEU A 20 -0.61 14.56 -11.25
CA LEU A 20 -1.44 15.35 -10.34
C LEU A 20 -2.92 15.14 -10.64
N GLN A 21 -3.26 15.03 -11.92
CA GLN A 21 -4.65 14.90 -12.31
C GLN A 21 -4.97 13.47 -12.73
N ARG A 22 -5.36 12.67 -11.75
CA ARG A 22 -5.79 11.30 -11.98
C ARG A 22 -6.40 10.73 -10.71
N THR A 23 -7.48 9.97 -10.85
CA THR A 23 -8.15 9.37 -9.71
C THR A 23 -7.67 7.94 -9.49
N ASP A 24 -6.85 7.47 -10.41
CA ASP A 24 -6.29 6.12 -10.35
C ASP A 24 -5.09 6.07 -9.41
N VAL A 25 -4.92 7.11 -8.61
CA VAL A 25 -3.71 7.29 -7.83
C VAL A 25 -3.84 6.61 -6.47
N LYS A 26 -4.78 5.69 -6.39
CA LYS A 26 -5.02 4.93 -5.20
C LYS A 26 -4.21 3.64 -5.26
N LEU A 27 -3.87 3.11 -4.12
CA LEU A 27 -2.99 1.94 -4.06
C LEU A 27 -3.65 0.83 -3.26
N THR A 28 -3.24 -0.37 -3.53
CA THR A 28 -3.78 -1.55 -2.88
C THR A 28 -2.65 -2.38 -2.31
N CYS A 29 -2.81 -2.87 -1.10
CA CYS A 29 -1.78 -3.66 -0.49
C CYS A 29 -2.20 -5.12 -0.50
N LYS A 30 -1.36 -5.95 -1.08
CA LYS A 30 -1.64 -7.36 -1.20
C LYS A 30 -0.55 -8.18 -0.54
N ALA A 31 -0.93 -9.21 0.18
CA ALA A 31 0.02 -10.20 0.64
C ALA A 31 -0.38 -11.55 0.10
N ASP A 32 0.48 -12.13 -0.72
CA ASP A 32 0.18 -13.42 -1.33
C ASP A 32 0.96 -14.52 -0.64
N ALA A 33 0.23 -15.46 -0.09
CA ALA A 33 0.81 -16.60 0.58
C ALA A 33 -0.16 -17.76 0.49
N ASN A 34 0.28 -18.95 0.85
CA ASN A 34 -0.61 -20.10 0.86
C ASN A 34 -1.72 -19.91 1.88
N PRO A 35 -1.39 -19.59 3.16
CA PRO A 35 -2.37 -19.11 4.12
C PRO A 35 -2.68 -17.64 3.87
N PRO A 36 -3.91 -17.19 4.21
CA PRO A 36 -4.33 -15.80 3.96
C PRO A 36 -3.47 -14.79 4.71
N ALA A 37 -3.87 -14.44 5.92
CA ALA A 37 -3.13 -13.51 6.76
C ALA A 37 -3.75 -13.44 8.13
N THR A 38 -2.92 -13.36 9.16
CA THR A 38 -3.43 -13.17 10.51
C THR A 38 -3.63 -11.68 10.75
N GLU A 39 -2.68 -10.89 10.28
CA GLU A 39 -2.78 -9.45 10.43
C GLU A 39 -2.27 -8.70 9.20
N TYR A 40 -2.71 -7.46 9.09
CA TYR A 40 -2.34 -6.58 7.99
C TYR A 40 -1.94 -5.22 8.55
N HIS A 41 -0.78 -4.73 8.16
CA HIS A 41 -0.28 -3.46 8.66
C HIS A 41 0.07 -2.51 7.52
N TRP A 42 -0.37 -1.27 7.63
CA TRP A 42 0.07 -0.23 6.72
C TRP A 42 0.80 0.87 7.48
N THR A 43 2.02 1.14 7.08
CA THR A 43 2.83 2.17 7.72
C THR A 43 3.63 2.93 6.69
N THR A 44 3.83 4.21 6.90
CA THR A 44 4.63 4.99 5.99
C THR A 44 6.01 5.21 6.60
N LEU A 45 6.91 5.82 5.84
CA LEU A 45 8.23 6.14 6.35
C LEU A 45 8.10 7.13 7.53
N ASN A 46 6.98 7.84 7.57
CA ASN A 46 6.68 8.76 8.67
C ASN A 46 5.98 8.03 9.80
N GLY A 47 5.43 6.87 9.48
CA GLY A 47 4.70 6.07 10.45
C GLY A 47 3.22 6.40 10.47
N SER A 48 2.83 7.38 9.68
CA SER A 48 1.43 7.79 9.61
C SER A 48 1.07 8.17 8.17
N LEU A 49 -0.18 7.90 7.80
CA LEU A 49 -0.66 8.21 6.45
C LEU A 49 -1.36 9.57 6.44
N PRO A 50 -1.27 10.29 5.30
CA PRO A 50 -1.92 11.60 5.15
C PRO A 50 -3.44 11.51 5.33
N LYS A 51 -4.02 12.53 5.95
CA LYS A 51 -5.45 12.51 6.27
C LYS A 51 -6.30 12.81 5.02
N GLY A 52 -5.65 13.04 3.90
CA GLY A 52 -6.36 13.29 2.67
C GLY A 52 -6.75 12.01 1.96
N VAL A 53 -6.05 10.93 2.26
CA VAL A 53 -6.34 9.64 1.63
C VAL A 53 -7.15 8.75 2.56
N GLU A 54 -8.17 8.10 2.02
CA GLU A 54 -9.01 7.20 2.82
C GLU A 54 -8.50 5.76 2.74
N ALA A 55 -7.95 5.27 3.84
CA ALA A 55 -7.42 3.90 3.88
C ALA A 55 -8.37 2.97 4.64
N GLN A 56 -8.69 1.84 4.03
CA GLN A 56 -9.56 0.84 4.67
C GLN A 56 -9.06 -0.57 4.37
N ASN A 57 -9.15 -1.46 5.35
CA ASN A 57 -8.72 -2.85 5.23
C ASN A 57 -7.29 -2.96 4.68
N ARG A 58 -7.15 -3.36 3.42
CA ARG A 58 -5.85 -3.47 2.78
C ARG A 58 -5.80 -2.61 1.52
N THR A 59 -6.63 -1.58 1.48
CA THR A 59 -6.73 -0.71 0.32
C THR A 59 -6.49 0.74 0.68
N LEU A 60 -5.71 1.42 -0.14
CA LEU A 60 -5.45 2.84 0.03
C LEU A 60 -6.23 3.60 -1.03
N PHE A 61 -7.35 4.19 -0.63
CA PHE A 61 -8.17 4.92 -1.57
C PHE A 61 -7.85 6.40 -1.50
N PHE A 62 -7.33 6.93 -2.58
CA PHE A 62 -7.02 8.35 -2.63
C PHE A 62 -8.29 9.12 -2.86
N ARG A 63 -8.49 10.17 -2.07
CA ARG A 63 -9.75 10.88 -2.06
C ARG A 63 -9.80 11.90 -3.21
N GLY A 64 -9.47 11.45 -4.41
CA GLY A 64 -9.46 12.32 -5.56
C GLY A 64 -8.15 12.21 -6.31
N PRO A 65 -7.60 13.35 -6.75
CA PRO A 65 -6.35 13.41 -7.49
C PRO A 65 -5.14 13.48 -6.56
N ILE A 66 -3.97 13.09 -7.08
CA ILE A 66 -2.77 13.05 -6.27
C ILE A 66 -2.11 14.43 -6.22
N THR A 67 -1.61 14.79 -5.04
CA THR A 67 -0.96 16.07 -4.85
C THR A 67 0.48 15.87 -4.42
N TYR A 68 1.27 16.93 -4.43
CA TYR A 68 2.68 16.84 -4.06
C TYR A 68 2.84 16.44 -2.59
N SER A 69 1.86 16.83 -1.78
CA SER A 69 1.85 16.47 -0.36
C SER A 69 1.40 15.01 -0.15
N LEU A 70 1.04 14.34 -1.24
CA LEU A 70 0.61 12.95 -1.18
C LEU A 70 1.74 12.02 -1.60
N ALA A 71 2.88 12.60 -1.97
CA ALA A 71 4.04 11.83 -2.39
C ALA A 71 4.76 11.25 -1.17
N GLY A 72 5.58 10.24 -1.41
CA GLY A 72 6.32 9.63 -0.33
C GLY A 72 6.40 8.13 -0.46
N THR A 73 6.67 7.45 0.64
CA THR A 73 6.83 6.00 0.63
C THR A 73 5.75 5.33 1.50
N TYR A 74 4.87 4.57 0.86
CA TYR A 74 3.88 3.81 1.58
C TYR A 74 4.32 2.36 1.70
N ILE A 75 4.38 1.88 2.93
CA ILE A 75 4.87 0.54 3.23
C ILE A 75 3.73 -0.28 3.84
N CYS A 76 3.60 -1.52 3.43
CA CYS A 76 2.62 -2.39 4.03
C CYS A 76 3.31 -3.63 4.58
N GLU A 77 2.83 -4.10 5.71
CA GLU A 77 3.37 -5.27 6.36
C GLU A 77 2.27 -6.28 6.58
N ALA A 78 2.57 -7.56 6.41
CA ALA A 78 1.55 -8.57 6.57
C ALA A 78 1.98 -9.58 7.61
N THR A 79 1.10 -9.88 8.55
CA THR A 79 1.44 -10.82 9.59
C THR A 79 0.80 -12.17 9.32
N ASN A 80 1.64 -13.17 9.13
CA ASN A 80 1.18 -14.53 8.88
C ASN A 80 1.97 -15.50 9.76
N PRO A 81 1.51 -16.76 9.91
CA PRO A 81 2.21 -17.76 10.73
C PRO A 81 3.58 -18.12 10.17
N ILE A 82 3.80 -17.85 8.89
CA ILE A 82 5.07 -18.16 8.25
C ILE A 82 6.06 -17.02 8.45
N GLY A 83 5.52 -15.84 8.76
CA GLY A 83 6.35 -14.70 9.07
C GLY A 83 5.67 -13.38 8.77
N THR A 84 6.43 -12.31 8.90
CA THR A 84 5.93 -10.96 8.64
C THR A 84 6.82 -10.27 7.63
N ARG A 85 6.23 -9.83 6.55
CA ARG A 85 6.98 -9.15 5.51
C ARG A 85 6.36 -7.79 5.25
N SER A 86 7.16 -6.87 4.74
CA SER A 86 6.72 -5.53 4.49
C SER A 86 7.22 -5.08 3.12
N GLY A 87 6.40 -4.33 2.41
CA GLY A 87 6.83 -3.79 1.13
C GLY A 87 6.41 -2.34 0.98
N GLN A 88 7.27 -1.56 0.37
CA GLN A 88 7.05 -0.14 0.23
C GLN A 88 6.94 0.26 -1.24
N VAL A 89 6.20 1.32 -1.47
CA VAL A 89 6.09 1.92 -2.78
C VAL A 89 6.35 3.41 -2.63
N GLU A 90 6.97 4.02 -3.61
CA GLU A 90 7.27 5.43 -3.53
C GLU A 90 6.51 6.17 -4.61
N VAL A 91 5.63 7.04 -4.17
CA VAL A 91 4.82 7.80 -5.08
C VAL A 91 5.49 9.13 -5.36
N ASN A 92 5.62 9.44 -6.64
CA ASN A 92 6.28 10.66 -7.05
C ASN A 92 5.38 11.40 -8.00
N ILE A 93 5.15 12.67 -7.70
CA ILE A 93 4.25 13.48 -8.50
C ILE A 93 5.02 14.20 -9.58
N THR A 94 4.64 13.96 -10.82
CA THR A 94 5.36 14.52 -11.94
C THR A 94 4.83 15.91 -12.27
N HIS A 95 3.53 15.99 -12.53
CA HIS A 95 2.85 17.24 -12.81
C HIS A 95 1.41 16.94 -13.17
N LEU A 1 -0.08 -22.83 -0.97
CA LEU A 1 0.02 -24.25 -1.37
C LEU A 1 0.05 -25.14 -0.12
N ASN A 2 1.01 -26.05 -0.04
CA ASN A 2 1.12 -26.94 1.12
C ASN A 2 2.14 -26.40 2.11
N VAL A 3 3.08 -25.61 1.61
CA VAL A 3 4.18 -25.12 2.44
C VAL A 3 3.97 -23.66 2.80
N GLN A 4 4.28 -23.31 4.04
CA GLN A 4 4.08 -21.97 4.56
C GLN A 4 5.36 -21.17 4.52
N TYR A 5 5.21 -19.87 4.36
CA TYR A 5 6.33 -18.94 4.41
C TYR A 5 5.80 -17.57 4.81
N GLU A 6 6.68 -16.67 5.19
CA GLU A 6 6.28 -15.34 5.61
C GLU A 6 5.65 -14.60 4.44
N PRO A 7 4.57 -13.84 4.69
CA PRO A 7 3.79 -13.18 3.64
C PRO A 7 4.60 -12.19 2.81
N GLU A 8 4.44 -12.29 1.50
CA GLU A 8 5.09 -11.36 0.58
C GLU A 8 4.19 -10.17 0.32
N VAL A 9 4.61 -9.00 0.75
CA VAL A 9 3.76 -7.83 0.70
C VAL A 9 3.93 -7.08 -0.62
N THR A 10 2.80 -6.75 -1.22
CA THR A 10 2.77 -6.17 -2.55
C THR A 10 1.75 -5.04 -2.62
N ILE A 11 2.04 -4.02 -3.41
CA ILE A 11 1.15 -2.88 -3.57
C ILE A 11 0.59 -2.84 -4.98
N GLU A 12 -0.72 -2.78 -5.10
CA GLU A 12 -1.40 -2.82 -6.38
C GLU A 12 -2.26 -1.58 -6.58
N GLY A 13 -1.85 -0.75 -7.51
CA GLY A 13 -2.60 0.45 -7.81
C GLY A 13 -2.25 0.98 -9.18
N PHE A 14 -1.82 2.23 -9.25
CA PHE A 14 -1.37 2.79 -10.51
C PHE A 14 0.06 2.36 -10.80
N ASP A 15 0.31 1.92 -12.02
CA ASP A 15 1.63 1.44 -12.39
C ASP A 15 2.45 2.52 -13.08
N GLY A 16 3.55 2.91 -12.43
CA GLY A 16 4.45 3.89 -13.01
C GLY A 16 4.41 5.22 -12.30
N ASN A 17 4.42 6.30 -13.07
CA ASN A 17 4.39 7.65 -12.51
C ASN A 17 2.95 8.07 -12.24
N TRP A 18 2.74 8.71 -11.10
CA TRP A 18 1.41 9.11 -10.70
C TRP A 18 1.09 10.51 -11.19
N TYR A 19 0.05 10.61 -12.00
CA TYR A 19 -0.34 11.87 -12.60
C TYR A 19 -1.28 12.62 -11.67
N LEU A 20 -1.10 13.93 -11.60
CA LEU A 20 -1.88 14.78 -10.70
C LEU A 20 -3.38 14.59 -10.88
N GLN A 21 -3.87 14.79 -12.10
CA GLN A 21 -5.29 14.76 -12.35
C GLN A 21 -5.76 13.39 -12.80
N ARG A 22 -5.56 12.40 -11.93
CA ARG A 22 -6.01 11.04 -12.19
C ARG A 22 -6.55 10.43 -10.91
N THR A 23 -7.70 9.76 -11.02
CA THR A 23 -8.30 9.07 -9.88
C THR A 23 -7.78 7.65 -9.76
N ASP A 24 -6.90 7.30 -10.70
CA ASP A 24 -6.29 5.97 -10.78
C ASP A 24 -5.18 5.81 -9.73
N VAL A 25 -5.11 6.77 -8.81
CA VAL A 25 -3.95 6.90 -7.95
C VAL A 25 -4.14 6.19 -6.61
N LYS A 26 -5.10 5.27 -6.57
CA LYS A 26 -5.35 4.50 -5.37
C LYS A 26 -4.49 3.26 -5.36
N LEU A 27 -4.23 2.72 -4.17
CA LEU A 27 -3.34 1.58 -4.03
C LEU A 27 -3.94 0.54 -3.10
N THR A 28 -3.53 -0.69 -3.28
CA THR A 28 -4.03 -1.79 -2.51
C THR A 28 -2.88 -2.63 -1.99
N CYS A 29 -2.93 -3.03 -0.73
CA CYS A 29 -1.85 -3.79 -0.14
C CYS A 29 -2.28 -5.24 0.03
N LYS A 30 -1.47 -6.14 -0.52
CA LYS A 30 -1.70 -7.57 -0.37
C LYS A 30 -0.48 -8.25 0.22
N ALA A 31 -0.69 -9.40 0.82
CA ALA A 31 0.41 -10.24 1.27
C ALA A 31 0.22 -11.64 0.72
N ASP A 32 1.16 -12.08 -0.10
CA ASP A 32 1.07 -13.41 -0.68
C ASP A 32 1.80 -14.41 0.20
N ALA A 33 1.04 -15.35 0.71
CA ALA A 33 1.55 -16.38 1.59
C ALA A 33 0.63 -17.57 1.48
N ASN A 34 1.01 -18.69 2.07
CA ASN A 34 0.12 -19.83 2.13
C ASN A 34 -1.21 -19.43 2.80
N PRO A 35 -1.17 -18.88 4.03
CA PRO A 35 -2.33 -18.23 4.61
C PRO A 35 -2.31 -16.72 4.34
N PRO A 36 -3.48 -16.08 4.19
CA PRO A 36 -3.58 -14.64 3.91
C PRO A 36 -2.73 -13.80 4.87
N ALA A 37 -3.21 -13.67 6.11
CA ALA A 37 -2.50 -12.94 7.15
C ALA A 37 -3.30 -12.97 8.44
N THR A 38 -2.60 -13.01 9.58
CA THR A 38 -3.24 -12.92 10.87
C THR A 38 -3.37 -11.45 11.27
N GLU A 39 -2.35 -10.67 10.90
CA GLU A 39 -2.34 -9.25 11.21
C GLU A 39 -1.86 -8.41 10.05
N TYR A 40 -2.21 -7.14 10.09
CA TYR A 40 -1.77 -6.18 9.11
C TYR A 40 -1.41 -4.88 9.81
N HIS A 41 -0.21 -4.39 9.58
CA HIS A 41 0.23 -3.12 10.12
C HIS A 41 0.41 -2.12 9.00
N TRP A 42 -0.08 -0.91 9.20
CA TRP A 42 0.01 0.11 8.19
C TRP A 42 0.76 1.32 8.71
N THR A 43 1.86 1.65 8.05
CA THR A 43 2.62 2.84 8.40
C THR A 43 3.33 3.40 7.18
N THR A 44 3.44 4.70 7.11
CA THR A 44 4.12 5.34 6.01
C THR A 44 5.51 5.76 6.45
N LEU A 45 6.33 6.21 5.51
CA LEU A 45 7.69 6.61 5.83
C LEU A 45 7.72 7.86 6.71
N ASN A 46 6.61 8.58 6.76
CA ASN A 46 6.52 9.77 7.61
C ASN A 46 5.68 9.50 8.85
N GLY A 47 5.07 8.31 8.90
CA GLY A 47 4.33 7.91 10.08
C GLY A 47 2.92 8.44 10.13
N SER A 48 2.54 9.22 9.12
CA SER A 48 1.19 9.78 9.06
C SER A 48 0.54 9.52 7.72
N LEU A 49 -0.78 9.40 7.71
CA LEU A 49 -1.53 9.23 6.47
C LEU A 49 -2.16 10.56 6.07
N PRO A 50 -2.12 10.90 4.78
CA PRO A 50 -2.72 12.14 4.26
C PRO A 50 -4.22 12.20 4.50
N LYS A 51 -4.76 13.40 4.53
CA LYS A 51 -6.18 13.60 4.78
C LYS A 51 -6.99 13.54 3.48
N GLY A 52 -6.28 13.50 2.37
CA GLY A 52 -6.92 13.41 1.08
C GLY A 52 -7.16 11.98 0.65
N VAL A 53 -6.56 11.04 1.36
CA VAL A 53 -6.73 9.64 1.06
C VAL A 53 -7.69 8.98 2.05
N GLU A 54 -8.54 8.10 1.56
CA GLU A 54 -9.42 7.32 2.42
C GLU A 54 -8.85 5.91 2.60
N ALA A 55 -8.49 5.57 3.83
CA ALA A 55 -7.90 4.27 4.10
C ALA A 55 -8.95 3.32 4.69
N GLN A 56 -9.05 2.15 4.08
CA GLN A 56 -9.97 1.13 4.56
C GLN A 56 -9.27 -0.23 4.54
N ASN A 57 -8.88 -0.70 5.72
CA ASN A 57 -8.14 -1.95 5.86
C ASN A 57 -6.89 -1.95 4.97
N ARG A 58 -6.68 -3.02 4.22
CA ARG A 58 -5.50 -3.11 3.34
C ARG A 58 -5.75 -2.41 2.01
N THR A 59 -6.63 -1.42 2.00
CA THR A 59 -6.93 -0.68 0.79
C THR A 59 -6.66 0.81 0.99
N LEU A 60 -5.90 1.38 0.07
CA LEU A 60 -5.67 2.81 0.07
C LEU A 60 -6.49 3.42 -1.05
N PHE A 61 -7.61 4.02 -0.71
CA PHE A 61 -8.46 4.61 -1.71
C PHE A 61 -8.28 6.12 -1.70
N PHE A 62 -7.76 6.64 -2.78
CA PHE A 62 -7.57 8.06 -2.90
C PHE A 62 -8.91 8.73 -3.15
N ARG A 63 -9.15 9.84 -2.48
CA ARG A 63 -10.47 10.46 -2.51
C ARG A 63 -10.70 11.22 -3.79
N GLY A 64 -9.62 11.41 -4.55
CA GLY A 64 -9.71 12.09 -5.82
C GLY A 64 -8.39 12.04 -6.55
N PRO A 65 -7.93 13.17 -7.07
CA PRO A 65 -6.67 13.25 -7.81
C PRO A 65 -5.46 13.32 -6.88
N ILE A 66 -4.32 12.84 -7.35
CA ILE A 66 -3.11 12.84 -6.53
C ILE A 66 -2.49 14.24 -6.52
N THR A 67 -1.88 14.59 -5.40
CA THR A 67 -1.28 15.90 -5.24
C THR A 67 0.13 15.75 -4.67
N TYR A 68 0.89 16.85 -4.64
CA TYR A 68 2.27 16.80 -4.17
C TYR A 68 2.32 16.44 -2.68
N SER A 69 1.28 16.83 -1.95
CA SER A 69 1.16 16.51 -0.53
C SER A 69 0.81 15.04 -0.33
N LEU A 70 0.47 14.36 -1.42
CA LEU A 70 0.10 12.95 -1.38
C LEU A 70 1.30 12.08 -1.73
N ALA A 71 2.41 12.73 -2.09
CA ALA A 71 3.63 12.03 -2.49
C ALA A 71 4.34 11.42 -1.29
N GLY A 72 4.89 10.22 -1.48
CA GLY A 72 5.61 9.57 -0.41
C GLY A 72 5.60 8.06 -0.53
N THR A 73 6.20 7.39 0.45
CA THR A 73 6.25 5.94 0.47
C THR A 73 5.17 5.37 1.37
N TYR A 74 4.28 4.57 0.79
CA TYR A 74 3.27 3.88 1.57
C TYR A 74 3.74 2.46 1.83
N ILE A 75 3.79 2.09 3.10
CA ILE A 75 4.32 0.79 3.53
C ILE A 75 3.26 0.06 4.36
N CYS A 76 3.20 -1.25 4.22
CA CYS A 76 2.34 -2.06 5.08
C CYS A 76 3.05 -3.33 5.48
N GLU A 77 2.80 -3.78 6.70
CA GLU A 77 3.39 -4.99 7.21
C GLU A 77 2.30 -6.02 7.45
N ALA A 78 2.58 -7.28 7.20
CA ALA A 78 1.59 -8.32 7.38
C ALA A 78 2.11 -9.36 8.34
N THR A 79 1.33 -9.70 9.34
CA THR A 79 1.75 -10.70 10.30
C THR A 79 1.06 -12.02 10.02
N ASN A 80 1.83 -13.07 9.96
CA ASN A 80 1.33 -14.41 9.78
C ASN A 80 2.01 -15.32 10.78
N PRO A 81 1.58 -16.59 10.92
CA PRO A 81 2.22 -17.54 11.85
C PRO A 81 3.67 -17.84 11.48
N ILE A 82 4.06 -17.44 10.27
CA ILE A 82 5.40 -17.70 9.78
C ILE A 82 6.29 -16.48 9.99
N GLY A 83 5.66 -15.32 10.18
CA GLY A 83 6.42 -14.10 10.43
C GLY A 83 5.71 -12.85 9.93
N THR A 84 6.41 -11.73 9.99
CA THR A 84 5.88 -10.45 9.55
C THR A 84 6.83 -9.81 8.54
N ARG A 85 6.27 -9.37 7.43
CA ARG A 85 7.04 -8.71 6.39
C ARG A 85 6.37 -7.40 6.02
N SER A 86 7.09 -6.53 5.32
CA SER A 86 6.59 -5.21 4.99
C SER A 86 6.79 -4.91 3.52
N GLY A 87 5.85 -4.18 2.94
CA GLY A 87 5.98 -3.76 1.56
C GLY A 87 5.67 -2.29 1.42
N GLN A 88 6.38 -1.63 0.53
CA GLN A 88 6.25 -0.20 0.34
C GLN A 88 6.17 0.15 -1.15
N VAL A 89 5.50 1.24 -1.44
CA VAL A 89 5.45 1.80 -2.78
C VAL A 89 5.68 3.29 -2.68
N GLU A 90 6.35 3.87 -3.67
CA GLU A 90 6.68 5.27 -3.62
C GLU A 90 5.99 6.00 -4.74
N VAL A 91 5.10 6.91 -4.39
CA VAL A 91 4.32 7.62 -5.37
C VAL A 91 5.01 8.94 -5.70
N ASN A 92 5.14 9.19 -6.99
CA ASN A 92 5.78 10.41 -7.44
C ASN A 92 4.82 11.18 -8.32
N ILE A 93 4.69 12.46 -8.02
CA ILE A 93 3.73 13.30 -8.70
C ILE A 93 4.35 13.99 -9.91
N THR A 94 3.64 13.92 -11.04
CA THR A 94 4.05 14.60 -12.26
C THR A 94 4.40 16.07 -12.00
N HIS A 95 5.51 16.52 -12.57
CA HIS A 95 5.95 17.88 -12.38
C HIS A 95 6.08 18.58 -13.72
N LEU A 1 -0.64 -24.52 -1.71
CA LEU A 1 0.26 -25.70 -1.74
C LEU A 1 0.42 -26.27 -0.34
N ASN A 2 1.39 -27.17 -0.17
CA ASN A 2 1.61 -27.84 1.11
C ASN A 2 2.63 -27.09 1.97
N VAL A 3 3.16 -26.01 1.42
CA VAL A 3 4.25 -25.30 2.05
C VAL A 3 3.77 -24.01 2.72
N GLN A 4 4.26 -23.77 3.92
CA GLN A 4 3.93 -22.57 4.66
C GLN A 4 5.03 -21.53 4.48
N TYR A 5 4.64 -20.35 4.04
CA TYR A 5 5.58 -19.26 3.84
C TYR A 5 4.94 -17.95 4.25
N GLU A 6 5.77 -16.97 4.58
CA GLU A 6 5.27 -15.67 5.00
C GLU A 6 4.55 -15.00 3.82
N PRO A 7 3.55 -14.16 4.11
CA PRO A 7 2.72 -13.55 3.06
C PRO A 7 3.54 -12.67 2.11
N GLU A 8 3.32 -12.87 0.82
CA GLU A 8 4.00 -12.10 -0.21
C GLU A 8 3.22 -10.82 -0.50
N VAL A 9 3.84 -9.70 -0.19
CA VAL A 9 3.16 -8.41 -0.29
C VAL A 9 3.42 -7.76 -1.64
N THR A 10 2.39 -7.18 -2.21
CA THR A 10 2.48 -6.51 -3.49
C THR A 10 1.62 -5.24 -3.50
N ILE A 11 2.03 -4.25 -4.26
CA ILE A 11 1.30 -2.99 -4.35
C ILE A 11 0.70 -2.82 -5.73
N GLU A 12 -0.58 -2.45 -5.77
CA GLU A 12 -1.28 -2.20 -7.01
C GLU A 12 -1.76 -0.75 -7.04
N GLY A 13 -2.02 -0.23 -8.22
CA GLY A 13 -2.47 1.15 -8.33
C GLY A 13 -1.85 1.85 -9.51
N PHE A 14 -1.33 3.04 -9.29
CA PHE A 14 -0.73 3.81 -10.36
C PHE A 14 0.72 3.37 -10.61
N ASP A 15 1.07 3.21 -11.88
CA ASP A 15 2.42 2.79 -12.24
C ASP A 15 3.28 3.99 -12.63
N GLY A 16 4.45 4.08 -12.02
CA GLY A 16 5.40 5.11 -12.39
C GLY A 16 5.14 6.43 -11.70
N ASN A 17 5.03 7.49 -12.51
CA ASN A 17 4.80 8.82 -11.99
C ASN A 17 3.32 9.04 -11.68
N TRP A 18 3.04 9.63 -10.54
CA TRP A 18 1.69 9.88 -10.12
C TRP A 18 1.22 11.22 -10.64
N TYR A 19 0.19 11.18 -11.47
CA TYR A 19 -0.35 12.38 -12.08
C TYR A 19 -1.38 13.02 -11.17
N LEU A 20 -1.27 14.33 -11.00
CA LEU A 20 -2.13 15.08 -10.09
C LEU A 20 -3.60 14.82 -10.38
N GLN A 21 -4.03 15.09 -11.60
CA GLN A 21 -5.45 15.04 -11.93
C GLN A 21 -5.88 13.63 -12.34
N ARG A 22 -5.91 12.74 -11.37
CA ARG A 22 -6.42 11.39 -11.56
C ARG A 22 -6.74 10.75 -10.22
N THR A 23 -7.81 9.97 -10.17
CA THR A 23 -8.21 9.29 -8.95
C THR A 23 -7.64 7.87 -8.92
N ASP A 24 -6.84 7.56 -9.92
CA ASP A 24 -6.16 6.27 -10.02
C ASP A 24 -4.90 6.27 -9.16
N VAL A 25 -4.80 7.28 -8.31
CA VAL A 25 -3.61 7.49 -7.51
C VAL A 25 -3.75 6.76 -6.19
N LYS A 26 -4.74 5.87 -6.16
CA LYS A 26 -5.00 5.02 -5.02
C LYS A 26 -4.21 3.73 -5.19
N LEU A 27 -3.92 3.06 -4.09
CA LEU A 27 -3.11 1.86 -4.14
C LEU A 27 -3.80 0.73 -3.39
N THR A 28 -3.46 -0.48 -3.74
CA THR A 28 -4.02 -1.65 -3.08
C THR A 28 -2.92 -2.61 -2.68
N CYS A 29 -2.99 -3.13 -1.47
CA CYS A 29 -1.98 -4.02 -0.96
C CYS A 29 -2.50 -5.45 -0.93
N LYS A 30 -1.76 -6.38 -1.51
CA LYS A 30 -2.15 -7.78 -1.53
C LYS A 30 -1.09 -8.63 -0.84
N ALA A 31 -1.50 -9.77 -0.31
CA ALA A 31 -0.58 -10.68 0.34
C ALA A 31 -0.89 -12.12 -0.04
N ASP A 32 0.08 -12.78 -0.65
CA ASP A 32 -0.08 -14.19 -1.03
C ASP A 32 0.62 -15.08 -0.01
N ALA A 33 -0.13 -15.94 0.63
CA ALA A 33 0.42 -16.85 1.61
C ALA A 33 -0.43 -18.11 1.70
N ASN A 34 0.07 -19.11 2.42
CA ASN A 34 -0.72 -20.31 2.68
C ASN A 34 -2.03 -19.96 3.40
N PRO A 35 -1.96 -19.24 4.53
CA PRO A 35 -3.14 -18.66 5.17
C PRO A 35 -3.35 -17.21 4.73
N PRO A 36 -4.53 -16.63 4.97
CA PRO A 36 -4.81 -15.23 4.64
C PRO A 36 -3.84 -14.27 5.34
N ALA A 37 -4.15 -13.93 6.60
CA ALA A 37 -3.30 -13.05 7.39
C ALA A 37 -3.81 -12.97 8.81
N THR A 38 -2.89 -12.99 9.77
CA THR A 38 -3.24 -12.81 11.17
C THR A 38 -3.26 -11.33 11.50
N GLU A 39 -2.35 -10.60 10.89
CA GLU A 39 -2.23 -9.17 11.13
C GLU A 39 -2.00 -8.42 9.84
N TYR A 40 -2.48 -7.20 9.81
CA TYR A 40 -2.25 -6.32 8.68
C TYR A 40 -1.79 -4.96 9.17
N HIS A 41 -0.69 -4.51 8.63
CA HIS A 41 -0.08 -3.26 9.03
C HIS A 41 0.02 -2.31 7.85
N TRP A 42 -0.41 -1.08 8.05
CA TRP A 42 -0.26 -0.06 7.03
C TRP A 42 0.46 1.14 7.64
N THR A 43 1.63 1.45 7.10
CA THR A 43 2.43 2.54 7.63
C THR A 43 3.29 3.17 6.54
N THR A 44 3.52 4.47 6.64
CA THR A 44 4.36 5.15 5.67
C THR A 44 5.78 5.28 6.20
N LEU A 45 6.68 5.77 5.36
CA LEU A 45 8.08 5.94 5.75
C LEU A 45 8.22 6.96 6.89
N ASN A 46 7.19 7.77 7.08
CA ASN A 46 7.19 8.77 8.14
C ASN A 46 6.49 8.24 9.39
N GLY A 47 5.66 7.21 9.20
CA GLY A 47 4.90 6.65 10.31
C GLY A 47 3.57 7.35 10.51
N SER A 48 3.30 8.35 9.69
CA SER A 48 2.04 9.08 9.76
C SER A 48 1.24 8.89 8.48
N LEU A 49 -0.06 9.10 8.57
CA LEU A 49 -0.94 8.97 7.42
C LEU A 49 -1.54 10.34 7.09
N PRO A 50 -1.53 10.75 5.81
CA PRO A 50 -2.19 11.98 5.41
C PRO A 50 -3.70 11.87 5.60
N LYS A 51 -4.33 12.93 6.07
CA LYS A 51 -5.75 12.89 6.40
C LYS A 51 -6.60 13.06 5.14
N GLY A 52 -5.94 13.26 4.02
CA GLY A 52 -6.64 13.45 2.76
C GLY A 52 -7.01 12.14 2.09
N VAL A 53 -6.42 11.04 2.55
CA VAL A 53 -6.68 9.73 1.98
C VAL A 53 -7.64 8.93 2.83
N GLU A 54 -8.43 8.07 2.20
CA GLU A 54 -9.27 7.13 2.92
C GLU A 54 -8.61 5.76 2.93
N ALA A 55 -8.12 5.35 4.08
CA ALA A 55 -7.43 4.07 4.18
C ALA A 55 -8.27 3.05 4.93
N GLN A 56 -8.51 1.90 4.28
CA GLN A 56 -9.24 0.83 4.92
C GLN A 56 -8.62 -0.53 4.57
N ASN A 57 -8.03 -1.15 5.58
CA ASN A 57 -7.38 -2.46 5.47
C ASN A 57 -6.40 -2.53 4.28
N ARG A 58 -6.76 -3.29 3.26
CA ARG A 58 -5.85 -3.58 2.15
C ARG A 58 -5.88 -2.49 1.09
N THR A 59 -6.88 -1.64 1.15
CA THR A 59 -7.07 -0.64 0.12
C THR A 59 -6.68 0.76 0.58
N LEU A 60 -5.83 1.39 -0.21
CA LEU A 60 -5.50 2.78 0.01
C LEU A 60 -6.29 3.62 -0.97
N PHE A 61 -7.36 4.23 -0.50
CA PHE A 61 -8.24 4.97 -1.38
C PHE A 61 -7.95 6.45 -1.28
N PHE A 62 -7.53 7.04 -2.38
CA PHE A 62 -7.30 8.46 -2.41
C PHE A 62 -8.63 9.15 -2.63
N ARG A 63 -8.87 10.20 -1.86
CA ARG A 63 -10.19 10.81 -1.81
C ARG A 63 -10.52 11.51 -3.13
N GLY A 64 -9.51 12.17 -3.68
CA GLY A 64 -9.66 12.78 -4.98
C GLY A 64 -8.39 12.64 -5.78
N PRO A 65 -7.94 13.72 -6.43
CA PRO A 65 -6.70 13.72 -7.19
C PRO A 65 -5.48 13.80 -6.27
N ILE A 66 -4.32 13.38 -6.77
CA ILE A 66 -3.13 13.36 -5.94
C ILE A 66 -2.49 14.75 -5.87
N THR A 67 -2.04 15.10 -4.68
CA THR A 67 -1.40 16.38 -4.45
C THR A 67 0.02 16.16 -3.93
N TYR A 68 0.82 17.22 -3.91
CA TYR A 68 2.21 17.12 -3.48
C TYR A 68 2.31 16.66 -2.02
N SER A 69 1.30 16.98 -1.23
CA SER A 69 1.24 16.58 0.17
C SER A 69 0.94 15.08 0.33
N LEU A 70 0.60 14.42 -0.78
CA LEU A 70 0.26 13.00 -0.76
C LEU A 70 1.46 12.16 -1.19
N ALA A 71 2.53 12.82 -1.60
CA ALA A 71 3.73 12.14 -2.06
C ALA A 71 4.51 11.54 -0.89
N GLY A 72 5.09 10.36 -1.12
CA GLY A 72 5.84 9.69 -0.09
C GLY A 72 5.82 8.18 -0.23
N THR A 73 6.57 7.49 0.61
CA THR A 73 6.64 6.04 0.58
C THR A 73 5.54 5.40 1.43
N TYR A 74 4.67 4.66 0.78
CA TYR A 74 3.63 3.92 1.47
C TYR A 74 4.03 2.46 1.58
N ILE A 75 4.04 1.95 2.80
CA ILE A 75 4.46 0.57 3.07
C ILE A 75 3.32 -0.18 3.74
N CYS A 76 3.11 -1.43 3.39
CA CYS A 76 2.19 -2.26 4.14
C CYS A 76 2.88 -3.54 4.56
N GLU A 77 2.56 -3.99 5.76
CA GLU A 77 3.12 -5.21 6.31
C GLU A 77 2.01 -6.17 6.66
N ALA A 78 2.22 -7.45 6.45
CA ALA A 78 1.19 -8.43 6.73
C ALA A 78 1.76 -9.51 7.62
N THR A 79 1.09 -9.79 8.73
CA THR A 79 1.58 -10.82 9.61
C THR A 79 0.76 -12.09 9.46
N ASN A 80 1.47 -13.20 9.37
CA ASN A 80 0.86 -14.51 9.31
C ASN A 80 1.59 -15.41 10.31
N PRO A 81 1.11 -16.65 10.58
CA PRO A 81 1.76 -17.56 11.52
C PRO A 81 3.18 -17.93 11.09
N ILE A 82 3.51 -17.63 9.84
CA ILE A 82 4.82 -17.95 9.30
C ILE A 82 5.76 -16.74 9.42
N GLY A 83 5.18 -15.56 9.59
CA GLY A 83 6.00 -14.37 9.72
C GLY A 83 5.32 -13.12 9.17
N THR A 84 6.10 -12.05 9.07
CA THR A 84 5.58 -10.76 8.62
C THR A 84 6.44 -10.24 7.48
N ARG A 85 5.80 -9.85 6.40
CA ARG A 85 6.49 -9.27 5.27
C ARG A 85 5.87 -7.93 4.96
N SER A 86 6.60 -7.08 4.26
CA SER A 86 6.16 -5.72 4.01
C SER A 86 6.49 -5.30 2.58
N GLY A 87 5.69 -4.40 2.03
CA GLY A 87 6.00 -3.84 0.75
C GLY A 87 5.80 -2.35 0.76
N GLN A 88 6.68 -1.64 0.08
CA GLN A 88 6.64 -0.19 0.05
C GLN A 88 6.61 0.29 -1.40
N VAL A 89 5.98 1.42 -1.59
CA VAL A 89 5.97 2.07 -2.87
C VAL A 89 6.06 3.57 -2.63
N GLU A 90 6.74 4.28 -3.50
CA GLU A 90 6.92 5.69 -3.29
C GLU A 90 6.21 6.46 -4.37
N VAL A 91 5.25 7.22 -3.94
CA VAL A 91 4.44 7.99 -4.85
C VAL A 91 5.04 9.37 -4.99
N ASN A 92 5.22 9.77 -6.23
CA ASN A 92 5.85 11.03 -6.53
C ASN A 92 5.02 11.75 -7.56
N ILE A 93 4.82 13.03 -7.35
CA ILE A 93 3.91 13.81 -8.16
C ILE A 93 4.62 14.42 -9.35
N THR A 94 4.12 14.14 -10.53
CA THR A 94 4.74 14.62 -11.76
C THR A 94 4.57 16.13 -11.92
N HIS A 95 5.52 16.75 -12.59
CA HIS A 95 5.48 18.19 -12.83
C HIS A 95 5.90 18.47 -14.25
N LEU A 1 -1.75 -24.63 -0.97
CA LEU A 1 -1.74 -26.08 -0.67
C LEU A 1 -0.69 -26.42 0.40
N ASN A 2 0.34 -27.17 0.02
CA ASN A 2 1.26 -27.74 0.99
C ASN A 2 2.52 -26.90 1.20
N VAL A 3 2.72 -25.88 0.39
CA VAL A 3 3.94 -25.07 0.47
C VAL A 3 3.63 -23.72 1.11
N GLN A 4 4.28 -23.44 2.24
CA GLN A 4 4.01 -22.23 2.99
C GLN A 4 5.26 -21.35 3.09
N TYR A 5 5.02 -20.05 3.15
CA TYR A 5 6.09 -19.07 3.29
C TYR A 5 5.51 -17.80 3.89
N GLU A 6 6.36 -16.88 4.32
CA GLU A 6 5.89 -15.60 4.83
C GLU A 6 5.24 -14.82 3.69
N PRO A 7 4.26 -13.98 4.00
CA PRO A 7 3.45 -13.28 2.99
C PRO A 7 4.29 -12.38 2.09
N GLU A 8 4.04 -12.48 0.80
CA GLU A 8 4.68 -11.62 -0.18
C GLU A 8 3.89 -10.32 -0.30
N VAL A 9 4.48 -9.23 0.14
CA VAL A 9 3.78 -7.95 0.16
C VAL A 9 4.02 -7.19 -1.13
N THR A 10 2.93 -6.75 -1.72
CA THR A 10 2.95 -6.11 -3.03
C THR A 10 2.02 -4.90 -3.05
N ILE A 11 2.31 -3.94 -3.92
CA ILE A 11 1.48 -2.75 -4.05
C ILE A 11 0.79 -2.73 -5.41
N GLU A 12 -0.52 -2.59 -5.39
CA GLU A 12 -1.32 -2.58 -6.61
C GLU A 12 -2.16 -1.31 -6.65
N GLY A 13 -2.63 -0.95 -7.83
CA GLY A 13 -3.50 0.21 -7.93
C GLY A 13 -2.97 1.27 -8.87
N PHE A 14 -1.77 1.77 -8.58
CA PHE A 14 -1.13 2.76 -9.44
C PHE A 14 -0.93 2.23 -10.85
N ASP A 15 -1.37 3.01 -11.83
CA ASP A 15 -1.18 2.65 -13.24
C ASP A 15 0.06 3.34 -13.79
N GLY A 16 1.22 2.79 -13.47
CA GLY A 16 2.47 3.31 -14.01
C GLY A 16 2.97 4.55 -13.30
N ASN A 17 2.45 5.70 -13.71
CA ASN A 17 2.95 6.99 -13.22
C ASN A 17 1.87 7.73 -12.42
N TRP A 18 2.28 8.33 -11.32
CA TRP A 18 1.40 9.10 -10.49
C TRP A 18 1.36 10.55 -11.00
N TYR A 19 0.28 10.90 -11.66
CA TYR A 19 0.13 12.22 -12.25
C TYR A 19 -0.63 13.12 -11.29
N LEU A 20 -0.30 14.42 -11.32
CA LEU A 20 -0.95 15.40 -10.45
C LEU A 20 -2.47 15.32 -10.58
N GLN A 21 -2.96 15.26 -11.79
CA GLN A 21 -4.39 15.18 -12.02
C GLN A 21 -4.80 13.78 -12.42
N ARG A 22 -4.77 12.87 -11.46
CA ARG A 22 -5.11 11.47 -11.70
C ARG A 22 -5.74 10.85 -10.48
N THR A 23 -6.84 10.15 -10.68
CA THR A 23 -7.53 9.46 -9.60
C THR A 23 -7.06 8.02 -9.48
N ASP A 24 -6.32 7.59 -10.50
CA ASP A 24 -5.75 6.24 -10.57
C ASP A 24 -4.55 6.09 -9.64
N VAL A 25 -4.38 7.05 -8.74
CA VAL A 25 -3.19 7.15 -7.91
C VAL A 25 -3.38 6.47 -6.56
N LYS A 26 -4.41 5.65 -6.46
CA LYS A 26 -4.72 4.95 -5.23
C LYS A 26 -4.03 3.59 -5.24
N LEU A 27 -3.78 3.02 -4.06
CA LEU A 27 -3.03 1.79 -3.95
C LEU A 27 -3.75 0.77 -3.10
N THR A 28 -3.41 -0.48 -3.32
CA THR A 28 -3.97 -1.60 -2.60
C THR A 28 -2.84 -2.46 -2.08
N CYS A 29 -2.96 -2.93 -0.84
CA CYS A 29 -1.89 -3.73 -0.26
C CYS A 29 -2.28 -5.19 -0.27
N LYS A 30 -1.44 -6.00 -0.87
CA LYS A 30 -1.66 -7.43 -0.94
C LYS A 30 -0.49 -8.20 -0.37
N ALA A 31 -0.76 -9.11 0.54
CA ALA A 31 0.25 -10.03 1.01
C ALA A 31 -0.15 -11.44 0.59
N ASP A 32 0.67 -12.05 -0.25
CA ASP A 32 0.37 -13.37 -0.78
C ASP A 32 1.13 -14.44 -0.03
N ALA A 33 0.40 -15.37 0.55
CA ALA A 33 0.98 -16.45 1.30
C ALA A 33 0.07 -17.66 1.23
N ASN A 34 0.55 -18.82 1.65
CA ASN A 34 -0.25 -20.04 1.59
C ASN A 34 -1.43 -19.98 2.56
N PRO A 35 -1.19 -19.79 3.87
CA PRO A 35 -2.26 -19.57 4.83
C PRO A 35 -2.61 -18.10 4.92
N PRO A 36 -3.66 -17.71 5.67
CA PRO A 36 -4.03 -16.32 5.85
C PRO A 36 -3.07 -15.62 6.80
N ALA A 37 -3.58 -14.64 7.52
CA ALA A 37 -2.74 -13.78 8.33
C ALA A 37 -3.29 -13.68 9.74
N THR A 38 -2.48 -13.13 10.63
CA THR A 38 -2.91 -12.89 11.98
C THR A 38 -3.11 -11.39 12.17
N GLU A 39 -2.26 -10.60 11.52
CA GLU A 39 -2.37 -9.15 11.59
C GLU A 39 -1.94 -8.50 10.29
N TYR A 40 -2.43 -7.28 10.08
CA TYR A 40 -2.16 -6.51 8.87
C TYR A 40 -1.82 -5.09 9.27
N HIS A 41 -0.75 -4.54 8.70
CA HIS A 41 -0.33 -3.19 9.04
C HIS A 41 0.06 -2.40 7.81
N TRP A 42 -0.15 -1.09 7.87
CA TRP A 42 0.30 -0.19 6.82
C TRP A 42 0.98 1.02 7.45
N THR A 43 2.17 1.32 6.97
CA THR A 43 2.93 2.43 7.51
C THR A 43 3.82 3.05 6.43
N THR A 44 4.19 4.29 6.59
CA THR A 44 5.06 4.94 5.63
C THR A 44 6.47 5.04 6.18
N LEU A 45 7.39 5.51 5.36
CA LEU A 45 8.78 5.69 5.79
C LEU A 45 8.90 6.84 6.78
N ASN A 46 7.85 7.64 6.90
CA ASN A 46 7.82 8.73 7.86
C ASN A 46 6.99 8.34 9.07
N GLY A 47 6.29 7.20 8.95
CA GLY A 47 5.56 6.65 10.07
C GLY A 47 4.14 7.19 10.17
N SER A 48 3.78 8.10 9.29
CA SER A 48 2.45 8.68 9.31
C SER A 48 1.80 8.62 7.93
N LEU A 49 0.48 8.50 7.89
CA LEU A 49 -0.23 8.54 6.63
C LEU A 49 -0.85 9.91 6.44
N PRO A 50 -0.68 10.50 5.23
CA PRO A 50 -1.23 11.83 4.93
C PRO A 50 -2.75 11.88 5.06
N LYS A 51 -3.27 13.05 5.38
CA LYS A 51 -4.70 13.21 5.57
C LYS A 51 -5.42 13.40 4.25
N GLY A 52 -4.65 13.42 3.17
CA GLY A 52 -5.22 13.53 1.84
C GLY A 52 -5.66 12.20 1.28
N VAL A 53 -5.12 11.12 1.84
CA VAL A 53 -5.49 9.78 1.41
C VAL A 53 -6.46 9.13 2.40
N GLU A 54 -7.49 8.49 1.87
CA GLU A 54 -8.41 7.75 2.71
C GLU A 54 -8.02 6.27 2.74
N ALA A 55 -7.50 5.83 3.87
CA ALA A 55 -7.03 4.46 4.00
C ALA A 55 -8.06 3.62 4.73
N GLN A 56 -8.39 2.48 4.16
CA GLN A 56 -9.40 1.61 4.74
C GLN A 56 -8.98 0.15 4.62
N ASN A 57 -8.74 -0.48 5.78
CA ASN A 57 -8.30 -1.88 5.86
C ASN A 57 -6.94 -2.06 5.18
N ARG A 58 -6.94 -2.54 3.95
CA ARG A 58 -5.70 -2.74 3.20
C ARG A 58 -5.72 -1.91 1.92
N THR A 59 -6.79 -1.14 1.76
CA THR A 59 -6.95 -0.32 0.58
C THR A 59 -6.55 1.12 0.86
N LEU A 60 -5.70 1.66 -0.01
CA LEU A 60 -5.31 3.04 0.09
C LEU A 60 -6.06 3.81 -0.99
N PHE A 61 -7.10 4.52 -0.59
CA PHE A 61 -7.92 5.23 -1.54
C PHE A 61 -7.54 6.70 -1.53
N PHE A 62 -7.00 7.17 -2.63
CA PHE A 62 -6.63 8.56 -2.74
C PHE A 62 -7.89 9.39 -2.93
N ARG A 63 -7.97 10.51 -2.24
CA ARG A 63 -9.21 11.28 -2.18
C ARG A 63 -9.41 12.13 -3.43
N GLY A 64 -8.74 11.74 -4.51
CA GLY A 64 -8.83 12.48 -5.74
C GLY A 64 -7.54 12.37 -6.51
N PRO A 65 -7.03 13.49 -7.01
CA PRO A 65 -5.77 13.54 -7.74
C PRO A 65 -4.56 13.59 -6.81
N ILE A 66 -3.44 13.03 -7.24
CA ILE A 66 -2.26 12.97 -6.40
C ILE A 66 -1.54 14.33 -6.37
N THR A 67 -1.25 14.78 -5.17
CA THR A 67 -0.60 16.07 -4.97
C THR A 67 0.80 15.87 -4.41
N TYR A 68 1.59 16.95 -4.38
CA TYR A 68 2.95 16.90 -3.89
C TYR A 68 2.98 16.46 -2.42
N SER A 69 1.93 16.80 -1.70
CA SER A 69 1.80 16.46 -0.28
C SER A 69 1.47 14.97 -0.09
N LEU A 70 1.26 14.25 -1.20
CA LEU A 70 0.91 12.84 -1.15
C LEU A 70 2.13 11.97 -1.50
N ALA A 71 3.23 12.62 -1.88
CA ALA A 71 4.44 11.92 -2.28
C ALA A 71 5.16 11.32 -1.08
N GLY A 72 5.55 10.05 -1.20
CA GLY A 72 6.25 9.38 -0.12
C GLY A 72 6.27 7.87 -0.32
N THR A 73 6.99 7.18 0.57
CA THR A 73 7.07 5.72 0.51
C THR A 73 5.97 5.08 1.32
N TYR A 74 5.08 4.35 0.66
CA TYR A 74 4.02 3.64 1.33
C TYR A 74 4.42 2.19 1.53
N ILE A 75 4.40 1.76 2.77
CA ILE A 75 4.84 0.42 3.14
C ILE A 75 3.66 -0.34 3.77
N CYS A 76 3.59 -1.63 3.52
CA CYS A 76 2.61 -2.46 4.17
C CYS A 76 3.32 -3.59 4.90
N GLU A 77 2.82 -3.95 6.05
CA GLU A 77 3.42 -5.01 6.86
C GLU A 77 2.36 -6.07 7.16
N ALA A 78 2.74 -7.33 7.14
CA ALA A 78 1.78 -8.39 7.35
C ALA A 78 2.27 -9.34 8.42
N THR A 79 1.42 -9.62 9.40
CA THR A 79 1.77 -10.56 10.44
C THR A 79 1.05 -11.87 10.18
N ASN A 80 1.82 -12.91 9.93
CA ASN A 80 1.26 -14.19 9.53
C ASN A 80 1.87 -15.31 10.38
N PRO A 81 1.33 -16.54 10.30
CA PRO A 81 1.84 -17.68 11.07
C PRO A 81 3.25 -18.09 10.65
N ILE A 82 3.69 -17.66 9.47
CA ILE A 82 4.98 -18.06 8.94
C ILE A 82 6.03 -16.98 9.18
N GLY A 83 5.57 -15.75 9.40
CA GLY A 83 6.47 -14.65 9.67
C GLY A 83 5.83 -13.30 9.43
N THR A 84 6.65 -12.26 9.49
CA THR A 84 6.20 -10.89 9.26
C THR A 84 7.03 -10.26 8.16
N ARG A 85 6.36 -9.79 7.13
CA ARG A 85 7.03 -9.15 6.02
C ARG A 85 6.39 -7.80 5.73
N SER A 86 7.09 -6.99 4.98
CA SER A 86 6.63 -5.65 4.67
C SER A 86 7.05 -5.30 3.25
N GLY A 87 6.23 -4.53 2.56
CA GLY A 87 6.58 -4.08 1.23
C GLY A 87 6.30 -2.61 1.08
N GLN A 88 7.17 -1.93 0.36
CA GLN A 88 7.09 -0.49 0.22
C GLN A 88 7.18 -0.08 -1.24
N VAL A 89 6.58 1.05 -1.52
CA VAL A 89 6.63 1.66 -2.83
C VAL A 89 6.68 3.16 -2.63
N GLU A 90 7.40 3.87 -3.48
CA GLU A 90 7.55 5.29 -3.28
C GLU A 90 6.91 6.05 -4.42
N VAL A 91 6.01 6.92 -4.05
CA VAL A 91 5.23 7.67 -5.01
C VAL A 91 5.85 9.04 -5.23
N ASN A 92 6.02 9.39 -6.49
CA ASN A 92 6.55 10.68 -6.86
C ASN A 92 5.58 11.38 -7.77
N ILE A 93 5.44 12.67 -7.58
CA ILE A 93 4.47 13.43 -8.35
C ILE A 93 5.13 14.09 -9.54
N THR A 94 4.41 14.08 -10.66
CA THR A 94 4.89 14.69 -11.89
C THR A 94 5.43 16.11 -11.63
N HIS A 95 6.70 16.30 -11.95
CA HIS A 95 7.39 17.55 -11.63
C HIS A 95 7.96 18.17 -12.89
N LEU A 1 -2.28 -26.51 2.68
CA LEU A 1 -1.32 -26.65 1.57
C LEU A 1 0.04 -27.12 2.11
N ASN A 2 0.80 -27.81 1.26
CA ASN A 2 2.09 -28.36 1.66
C ASN A 2 3.14 -27.27 1.78
N VAL A 3 2.86 -26.12 1.19
CA VAL A 3 3.79 -24.99 1.22
C VAL A 3 3.29 -23.93 2.17
N GLN A 4 4.06 -23.68 3.21
CA GLN A 4 3.76 -22.62 4.15
C GLN A 4 4.84 -21.55 4.06
N TYR A 5 4.43 -20.32 3.84
CA TYR A 5 5.37 -19.22 3.65
C TYR A 5 4.77 -17.94 4.20
N GLU A 6 5.64 -16.99 4.53
CA GLU A 6 5.18 -15.71 5.05
C GLU A 6 4.42 -14.97 3.95
N PRO A 7 3.44 -14.15 4.32
CA PRO A 7 2.57 -13.50 3.34
C PRO A 7 3.33 -12.54 2.43
N GLU A 8 3.08 -12.66 1.13
CA GLU A 8 3.69 -11.78 0.15
C GLU A 8 2.88 -10.51 0.04
N VAL A 9 3.44 -9.43 0.54
CA VAL A 9 2.72 -8.16 0.56
C VAL A 9 3.05 -7.35 -0.68
N THR A 10 2.01 -6.90 -1.34
CA THR A 10 2.12 -6.23 -2.62
C THR A 10 1.20 -5.03 -2.68
N ILE A 11 1.61 -4.02 -3.42
CA ILE A 11 0.80 -2.82 -3.60
C ILE A 11 0.33 -2.69 -5.04
N GLU A 12 -0.95 -2.45 -5.21
CA GLU A 12 -1.53 -2.27 -6.53
C GLU A 12 -2.22 -0.91 -6.59
N GLY A 13 -2.43 -0.40 -7.78
CA GLY A 13 -3.07 0.89 -7.92
C GLY A 13 -2.83 1.46 -9.30
N PHE A 14 -2.30 2.67 -9.38
CA PHE A 14 -1.96 3.22 -10.68
C PHE A 14 -0.53 2.87 -11.05
N ASP A 15 -0.38 2.08 -12.10
CA ASP A 15 0.95 1.61 -12.52
C ASP A 15 1.67 2.68 -13.32
N GLY A 16 2.94 2.89 -12.99
CA GLY A 16 3.75 3.85 -13.71
C GLY A 16 4.02 5.11 -12.92
N ASN A 17 3.48 6.22 -13.39
CA ASN A 17 3.66 7.50 -12.73
C ASN A 17 2.32 8.06 -12.29
N TRP A 18 2.26 8.59 -11.08
CA TRP A 18 1.02 9.10 -10.54
C TRP A 18 0.89 10.60 -10.87
N TYR A 19 0.04 10.90 -11.83
CA TYR A 19 -0.12 12.28 -12.30
C TYR A 19 -1.12 13.03 -11.44
N LEU A 20 -0.96 14.35 -11.37
CA LEU A 20 -1.80 15.20 -10.53
C LEU A 20 -3.28 15.06 -10.88
N GLN A 21 -3.57 14.69 -12.11
CA GLN A 21 -4.96 14.55 -12.54
C GLN A 21 -5.25 13.10 -12.91
N ARG A 22 -5.41 12.28 -11.87
CA ARG A 22 -5.74 10.88 -12.04
C ARG A 22 -6.51 10.40 -10.81
N THR A 23 -7.57 9.64 -11.03
CA THR A 23 -8.38 9.15 -9.92
C THR A 23 -8.03 7.71 -9.58
N ASP A 24 -7.33 7.06 -10.50
CA ASP A 24 -6.86 5.69 -10.32
C ASP A 24 -5.64 5.64 -9.41
N VAL A 25 -5.38 6.72 -8.70
CA VAL A 25 -4.16 6.87 -7.94
C VAL A 25 -4.35 6.30 -6.53
N LYS A 26 -5.37 5.47 -6.44
CA LYS A 26 -5.70 4.77 -5.21
C LYS A 26 -4.93 3.47 -5.19
N LEU A 27 -4.63 2.96 -4.03
CA LEU A 27 -3.77 1.80 -3.93
C LEU A 27 -4.42 0.70 -3.12
N THR A 28 -4.00 -0.50 -3.36
CA THR A 28 -4.55 -1.66 -2.69
C THR A 28 -3.42 -2.54 -2.18
N CYS A 29 -3.55 -3.03 -0.96
CA CYS A 29 -2.52 -3.86 -0.38
C CYS A 29 -2.99 -5.31 -0.37
N LYS A 30 -2.18 -6.18 -0.93
CA LYS A 30 -2.50 -7.60 -0.99
C LYS A 30 -1.42 -8.41 -0.30
N ALA A 31 -1.82 -9.48 0.37
CA ALA A 31 -0.87 -10.40 0.95
C ALA A 31 -1.19 -11.81 0.49
N ASP A 32 -0.26 -12.43 -0.21
CA ASP A 32 -0.45 -13.79 -0.67
C ASP A 32 0.28 -14.76 0.25
N ALA A 33 -0.48 -15.62 0.88
CA ALA A 33 0.08 -16.64 1.73
C ALA A 33 -0.87 -17.82 1.79
N ASN A 34 -0.44 -18.93 2.37
CA ASN A 34 -1.33 -20.05 2.58
C ASN A 34 -2.52 -19.62 3.46
N PRO A 35 -2.28 -19.05 4.66
CA PRO A 35 -3.30 -18.35 5.42
C PRO A 35 -3.31 -16.87 5.06
N PRO A 36 -4.47 -16.22 5.07
CA PRO A 36 -4.60 -14.80 4.68
C PRO A 36 -3.64 -13.91 5.45
N ALA A 37 -3.96 -13.65 6.72
CA ALA A 37 -3.11 -12.85 7.59
C ALA A 37 -3.69 -12.78 8.98
N THR A 38 -2.94 -13.25 9.97
CA THR A 38 -3.37 -13.17 11.35
C THR A 38 -3.42 -11.71 11.79
N GLU A 39 -2.43 -10.95 11.35
CA GLU A 39 -2.37 -9.53 11.64
C GLU A 39 -2.04 -8.70 10.43
N TYR A 40 -2.44 -7.44 10.46
CA TYR A 40 -2.19 -6.52 9.37
C TYR A 40 -1.80 -5.16 9.92
N HIS A 41 -0.68 -4.63 9.44
CA HIS A 41 -0.25 -3.29 9.80
C HIS A 41 -0.24 -2.41 8.56
N TRP A 42 -0.64 -1.16 8.72
CA TRP A 42 -0.49 -0.18 7.67
C TRP A 42 0.28 1.01 8.20
N THR A 43 1.44 1.27 7.61
CA THR A 43 2.32 2.32 8.10
C THR A 43 3.13 2.93 6.97
N THR A 44 3.39 4.22 7.06
CA THR A 44 4.21 4.90 6.07
C THR A 44 5.64 5.03 6.58
N LEU A 45 6.53 5.52 5.72
CA LEU A 45 7.93 5.70 6.10
C LEU A 45 8.06 6.73 7.23
N ASN A 46 7.04 7.56 7.41
CA ASN A 46 7.05 8.57 8.45
C ASN A 46 6.27 8.11 9.67
N GLY A 47 5.53 7.01 9.51
CA GLY A 47 4.69 6.50 10.59
C GLY A 47 3.37 7.25 10.71
N SER A 48 3.20 8.26 9.86
CA SER A 48 1.99 9.07 9.86
C SER A 48 1.24 8.90 8.56
N LEU A 49 -0.08 9.02 8.62
CA LEU A 49 -0.92 8.88 7.43
C LEU A 49 -1.66 10.19 7.18
N PRO A 50 -1.57 10.73 5.97
CA PRO A 50 -2.25 11.97 5.59
C PRO A 50 -3.77 11.84 5.71
N LYS A 51 -4.41 12.89 6.20
CA LYS A 51 -5.86 12.90 6.39
C LYS A 51 -6.60 13.02 5.07
N GLY A 52 -5.86 13.27 4.00
CA GLY A 52 -6.48 13.46 2.69
C GLY A 52 -7.01 12.17 2.11
N VAL A 53 -6.26 11.10 2.26
CA VAL A 53 -6.63 9.82 1.67
C VAL A 53 -7.56 9.03 2.59
N GLU A 54 -8.50 8.33 1.97
CA GLU A 54 -9.43 7.48 2.70
C GLU A 54 -8.89 6.06 2.76
N ALA A 55 -8.43 5.63 3.93
CA ALA A 55 -7.84 4.31 4.08
C ALA A 55 -8.79 3.36 4.81
N GLN A 56 -8.95 2.16 4.27
CA GLN A 56 -9.82 1.16 4.89
C GLN A 56 -9.19 -0.23 4.80
N ASN A 57 -8.65 -0.69 5.93
CA ASN A 57 -8.06 -2.03 6.05
C ASN A 57 -6.99 -2.29 5.00
N ARG A 58 -7.37 -2.96 3.91
CA ARG A 58 -6.42 -3.37 2.89
C ARG A 58 -6.45 -2.42 1.70
N THR A 59 -7.47 -1.56 1.65
CA THR A 59 -7.66 -0.67 0.53
C THR A 59 -7.29 0.76 0.87
N LEU A 60 -6.57 1.40 -0.04
CA LEU A 60 -6.24 2.81 0.07
C LEU A 60 -7.03 3.56 -0.98
N PHE A 61 -8.10 4.21 -0.57
CA PHE A 61 -8.94 4.93 -1.51
C PHE A 61 -8.53 6.39 -1.52
N PHE A 62 -8.04 6.84 -2.65
CA PHE A 62 -7.62 8.21 -2.76
C PHE A 62 -8.83 9.11 -2.92
N ARG A 63 -8.77 10.26 -2.29
CA ARG A 63 -9.89 11.22 -2.27
C ARG A 63 -10.31 11.63 -3.68
N GLY A 64 -9.47 11.36 -4.65
CA GLY A 64 -9.72 11.74 -6.02
C GLY A 64 -8.44 11.77 -6.81
N PRO A 65 -7.99 12.97 -7.19
CA PRO A 65 -6.70 13.15 -7.85
C PRO A 65 -5.55 13.09 -6.85
N ILE A 66 -4.36 12.76 -7.32
CA ILE A 66 -3.20 12.70 -6.45
C ILE A 66 -2.60 14.09 -6.27
N THR A 67 -2.19 14.38 -5.04
CA THR A 67 -1.61 15.65 -4.71
C THR A 67 -0.21 15.45 -4.13
N TYR A 68 0.56 16.53 -4.00
CA TYR A 68 1.95 16.42 -3.58
C TYR A 68 2.06 15.90 -2.15
N SER A 69 1.05 16.19 -1.33
CA SER A 69 1.01 15.70 0.03
C SER A 69 0.77 14.19 0.08
N LEU A 70 0.40 13.61 -1.06
CA LEU A 70 0.10 12.18 -1.15
C LEU A 70 1.33 11.40 -1.59
N ALA A 71 2.40 12.12 -1.92
CA ALA A 71 3.64 11.49 -2.36
C ALA A 71 4.43 10.95 -1.18
N GLY A 72 5.15 9.86 -1.41
CA GLY A 72 5.92 9.24 -0.35
C GLY A 72 5.91 7.72 -0.47
N THR A 73 6.11 7.05 0.65
CA THR A 73 6.14 5.60 0.68
C THR A 73 5.00 5.05 1.54
N TYR A 74 4.09 4.31 0.91
CA TYR A 74 3.04 3.62 1.64
C TYR A 74 3.43 2.15 1.80
N ILE A 75 3.48 1.71 3.04
CA ILE A 75 3.90 0.35 3.37
C ILE A 75 2.80 -0.35 4.16
N CYS A 76 2.61 -1.63 3.93
CA CYS A 76 1.73 -2.41 4.79
C CYS A 76 2.43 -3.70 5.19
N GLU A 77 2.19 -4.13 6.41
CA GLU A 77 2.83 -5.32 6.95
C GLU A 77 1.77 -6.35 7.29
N ALA A 78 2.06 -7.61 7.07
CA ALA A 78 1.09 -8.64 7.35
C ALA A 78 1.71 -9.68 8.25
N THR A 79 1.04 -9.98 9.35
CA THR A 79 1.55 -10.97 10.26
C THR A 79 0.83 -12.29 10.06
N ASN A 80 1.61 -13.35 9.93
CA ASN A 80 1.06 -14.69 9.81
C ASN A 80 1.85 -15.63 10.73
N PRO A 81 1.42 -16.88 10.91
CA PRO A 81 2.15 -17.85 11.76
C PRO A 81 3.52 -18.19 11.17
N ILE A 82 3.73 -17.84 9.91
CA ILE A 82 4.99 -18.13 9.24
C ILE A 82 5.94 -16.94 9.33
N GLY A 83 5.38 -15.76 9.59
CA GLY A 83 6.21 -14.58 9.75
C GLY A 83 5.48 -13.30 9.42
N THR A 84 6.23 -12.20 9.41
CA THR A 84 5.70 -10.88 9.10
C THR A 84 6.47 -10.27 7.95
N ARG A 85 5.76 -9.89 6.90
CA ARG A 85 6.38 -9.23 5.78
C ARG A 85 5.66 -7.91 5.53
N SER A 86 6.36 -6.98 4.92
CA SER A 86 5.81 -5.68 4.63
C SER A 86 6.03 -5.34 3.16
N GLY A 87 5.11 -4.60 2.58
CA GLY A 87 5.28 -4.15 1.22
C GLY A 87 5.07 -2.66 1.14
N GLN A 88 5.86 -2.01 0.31
CA GLN A 88 5.87 -0.58 0.21
C GLN A 88 5.72 -0.14 -1.23
N VAL A 89 5.17 1.03 -1.42
CA VAL A 89 5.05 1.63 -2.73
C VAL A 89 5.54 3.07 -2.67
N GLU A 90 6.17 3.53 -3.73
CA GLU A 90 6.73 4.87 -3.74
C GLU A 90 6.02 5.70 -4.80
N VAL A 91 5.37 6.75 -4.34
CA VAL A 91 4.58 7.58 -5.21
C VAL A 91 5.24 8.94 -5.40
N ASN A 92 5.36 9.34 -6.66
CA ASN A 92 5.99 10.61 -7.00
C ASN A 92 5.02 11.44 -7.84
N ILE A 93 4.84 12.69 -7.46
CA ILE A 93 3.89 13.54 -8.12
C ILE A 93 4.55 14.36 -9.22
N THR A 94 4.03 14.22 -10.44
CA THR A 94 4.53 14.96 -11.58
C THR A 94 4.28 16.46 -11.43
N HIS A 95 5.12 17.27 -12.06
CA HIS A 95 4.97 18.72 -12.03
C HIS A 95 5.64 19.32 -13.25
N LEU A 1 -1.48 -26.67 1.06
CA LEU A 1 -0.43 -26.24 2.02
C LEU A 1 0.77 -27.18 1.96
N ASN A 2 1.39 -27.29 0.79
CA ASN A 2 2.58 -28.11 0.63
C ASN A 2 3.77 -27.38 1.26
N VAL A 3 3.84 -26.08 1.00
CA VAL A 3 4.85 -25.23 1.62
C VAL A 3 4.17 -24.00 2.19
N GLN A 4 4.56 -23.63 3.40
CA GLN A 4 4.04 -22.43 4.03
C GLN A 4 5.12 -21.38 4.12
N TYR A 5 4.82 -20.20 3.60
CA TYR A 5 5.79 -19.11 3.57
C TYR A 5 5.11 -17.81 3.97
N GLU A 6 5.90 -16.84 4.41
CA GLU A 6 5.35 -15.54 4.81
C GLU A 6 4.73 -14.86 3.60
N PRO A 7 3.71 -14.02 3.80
CA PRO A 7 2.99 -13.39 2.70
C PRO A 7 3.84 -12.38 1.95
N GLU A 8 3.78 -12.46 0.63
CA GLU A 8 4.48 -11.52 -0.23
C GLU A 8 3.64 -10.26 -0.40
N VAL A 9 4.13 -9.15 0.10
CA VAL A 9 3.36 -7.91 0.05
C VAL A 9 3.67 -7.14 -1.22
N THR A 10 2.61 -6.70 -1.87
CA THR A 10 2.69 -6.09 -3.17
C THR A 10 1.83 -4.84 -3.24
N ILE A 11 2.28 -3.86 -4.02
CA ILE A 11 1.54 -2.61 -4.18
C ILE A 11 1.01 -2.48 -5.61
N GLU A 12 -0.29 -2.28 -5.72
CA GLU A 12 -0.97 -2.19 -7.01
C GLU A 12 -1.85 -0.95 -7.04
N GLY A 13 -2.22 -0.49 -8.23
CA GLY A 13 -3.19 0.58 -8.33
C GLY A 13 -2.74 1.75 -9.17
N PHE A 14 -1.54 2.26 -8.89
CA PHE A 14 -1.00 3.41 -9.60
C PHE A 14 -0.90 3.18 -11.11
N ASP A 15 -1.20 4.24 -11.85
CA ASP A 15 -1.12 4.20 -13.30
C ASP A 15 0.26 4.65 -13.77
N GLY A 16 1.23 3.75 -13.65
CA GLY A 16 2.59 4.05 -14.07
C GLY A 16 3.25 5.13 -13.22
N ASN A 17 2.95 6.38 -13.54
CA ASN A 17 3.52 7.52 -12.85
C ASN A 17 2.43 8.35 -12.20
N TRP A 18 2.66 8.81 -10.99
CA TRP A 18 1.68 9.59 -10.28
C TRP A 18 1.72 11.04 -10.78
N TYR A 19 0.76 11.40 -11.62
CA TYR A 19 0.65 12.76 -12.08
C TYR A 19 -0.40 13.49 -11.27
N LEU A 20 -0.32 14.80 -11.28
CA LEU A 20 -1.15 15.65 -10.42
C LEU A 20 -2.63 15.42 -10.67
N GLN A 21 -3.05 15.59 -11.91
CA GLN A 21 -4.47 15.57 -12.22
C GLN A 21 -4.92 14.19 -12.71
N ARG A 22 -5.10 13.27 -11.77
CA ARG A 22 -5.60 11.94 -12.06
C ARG A 22 -6.07 11.26 -10.77
N THR A 23 -7.12 10.45 -10.88
CA THR A 23 -7.63 9.72 -9.73
C THR A 23 -7.10 8.30 -9.71
N ASP A 24 -6.31 7.99 -10.74
CA ASP A 24 -5.68 6.68 -10.91
C ASP A 24 -4.50 6.52 -9.96
N VAL A 25 -4.39 7.42 -9.01
CA VAL A 25 -3.23 7.51 -8.14
C VAL A 25 -3.47 6.75 -6.84
N LYS A 26 -4.44 5.84 -6.85
CA LYS A 26 -4.80 5.08 -5.68
C LYS A 26 -4.00 3.77 -5.66
N LEU A 27 -3.81 3.21 -4.48
CA LEU A 27 -3.02 2.00 -4.34
C LEU A 27 -3.78 0.94 -3.54
N THR A 28 -3.42 -0.29 -3.78
CA THR A 28 -3.99 -1.42 -3.07
C THR A 28 -2.87 -2.32 -2.59
N CYS A 29 -2.97 -2.80 -1.36
CA CYS A 29 -1.93 -3.64 -0.82
C CYS A 29 -2.40 -5.09 -0.79
N LYS A 30 -1.61 -5.96 -1.39
CA LYS A 30 -1.93 -7.37 -1.42
C LYS A 30 -0.81 -8.18 -0.79
N ALA A 31 -1.15 -9.35 -0.26
CA ALA A 31 -0.16 -10.25 0.28
C ALA A 31 -0.40 -11.65 -0.28
N ASP A 32 0.57 -12.16 -1.02
CA ASP A 32 0.45 -13.47 -1.62
C ASP A 32 1.07 -14.51 -0.69
N ALA A 33 0.27 -15.45 -0.25
CA ALA A 33 0.74 -16.49 0.64
C ALA A 33 -0.11 -17.75 0.46
N ASN A 34 0.41 -18.89 0.86
CA ASN A 34 -0.32 -20.14 0.77
C ASN A 34 -1.45 -20.19 1.81
N PRO A 35 -1.14 -19.99 3.12
CA PRO A 35 -2.14 -19.79 4.16
C PRO A 35 -2.57 -18.33 4.22
N PRO A 36 -3.65 -18.00 4.95
CA PRO A 36 -4.16 -16.65 5.01
C PRO A 36 -3.45 -15.84 6.11
N ALA A 37 -4.09 -14.78 6.54
CA ALA A 37 -3.45 -13.81 7.40
C ALA A 37 -4.15 -13.76 8.74
N THR A 38 -3.42 -13.36 9.76
CA THR A 38 -3.99 -13.25 11.08
C THR A 38 -4.12 -11.78 11.48
N GLU A 39 -3.13 -10.98 11.07
CA GLU A 39 -3.15 -9.54 11.35
C GLU A 39 -2.77 -8.75 10.13
N TYR A 40 -3.18 -7.48 10.11
CA TYR A 40 -2.89 -6.61 9.00
C TYR A 40 -2.53 -5.22 9.51
N HIS A 41 -1.40 -4.73 9.04
CA HIS A 41 -0.88 -3.45 9.47
C HIS A 41 -0.81 -2.48 8.31
N TRP A 42 -1.35 -1.30 8.50
CA TRP A 42 -1.19 -0.23 7.53
C TRP A 42 -0.52 0.95 8.20
N THR A 43 0.65 1.33 7.70
CA THR A 43 1.40 2.43 8.28
C THR A 43 2.37 3.04 7.28
N THR A 44 2.57 4.34 7.38
CA THR A 44 3.55 5.02 6.56
C THR A 44 4.84 5.18 7.35
N LEU A 45 5.91 5.60 6.69
CA LEU A 45 7.19 5.76 7.37
C LEU A 45 7.14 6.90 8.38
N ASN A 46 6.18 7.81 8.21
CA ASN A 46 6.03 8.93 9.12
C ASN A 46 5.05 8.59 10.24
N GLY A 47 4.35 7.47 10.10
CA GLY A 47 3.41 7.03 11.11
C GLY A 47 2.08 7.75 11.03
N SER A 48 1.96 8.66 10.07
CA SER A 48 0.74 9.44 9.90
C SER A 48 0.28 9.39 8.46
N LEU A 49 -1.01 9.65 8.25
CA LEU A 49 -1.60 9.59 6.92
C LEU A 49 -2.07 10.97 6.48
N PRO A 50 -1.97 11.26 5.17
CA PRO A 50 -2.47 12.51 4.58
C PRO A 50 -3.99 12.49 4.45
N LYS A 51 -4.61 13.66 4.46
CA LYS A 51 -6.05 13.76 4.44
C LYS A 51 -6.61 13.65 3.03
N GLY A 52 -5.73 13.51 2.05
CA GLY A 52 -6.15 13.37 0.68
C GLY A 52 -6.49 11.94 0.31
N VAL A 53 -6.06 10.99 1.14
CA VAL A 53 -6.30 9.58 0.87
C VAL A 53 -7.43 9.03 1.74
N GLU A 54 -8.33 8.28 1.12
CA GLU A 54 -9.34 7.51 1.85
C GLU A 54 -8.79 6.11 2.12
N ALA A 55 -8.48 5.84 3.37
CA ALA A 55 -7.87 4.58 3.75
C ALA A 55 -8.90 3.59 4.27
N GLN A 56 -8.97 2.43 3.64
CA GLN A 56 -9.90 1.39 4.04
C GLN A 56 -9.21 0.03 4.09
N ASN A 57 -8.91 -0.42 5.31
CA ASN A 57 -8.23 -1.71 5.54
C ASN A 57 -6.89 -1.77 4.81
N ARG A 58 -6.85 -2.46 3.67
CA ARG A 58 -5.62 -2.61 2.91
C ARG A 58 -5.75 -1.93 1.55
N THR A 59 -6.64 -0.95 1.46
CA THR A 59 -6.85 -0.22 0.23
C THR A 59 -6.56 1.26 0.42
N LEU A 60 -5.77 1.81 -0.49
CA LEU A 60 -5.53 3.24 -0.53
C LEU A 60 -6.36 3.83 -1.64
N PHE A 61 -7.47 4.45 -1.31
CA PHE A 61 -8.28 5.09 -2.32
C PHE A 61 -8.05 6.58 -2.24
N PHE A 62 -7.47 7.14 -3.28
CA PHE A 62 -7.18 8.55 -3.28
C PHE A 62 -8.46 9.32 -3.53
N ARG A 63 -8.66 10.39 -2.77
CA ARG A 63 -9.95 11.08 -2.74
C ARG A 63 -10.10 12.02 -3.92
N GLY A 64 -9.08 12.05 -4.77
CA GLY A 64 -9.10 12.87 -5.94
C GLY A 64 -7.77 12.79 -6.67
N PRO A 65 -7.27 13.91 -7.15
CA PRO A 65 -5.99 13.98 -7.85
C PRO A 65 -4.82 14.00 -6.89
N ILE A 66 -3.67 13.45 -7.30
CA ILE A 66 -2.52 13.36 -6.41
C ILE A 66 -1.80 14.70 -6.32
N THR A 67 -1.53 15.12 -5.09
CA THR A 67 -0.92 16.40 -4.84
C THR A 67 0.47 16.19 -4.24
N TYR A 68 1.23 17.28 -4.06
CA TYR A 68 2.59 17.18 -3.57
C TYR A 68 2.62 16.64 -2.15
N SER A 69 1.58 16.93 -1.38
CA SER A 69 1.48 16.45 0.00
C SER A 69 0.89 15.03 0.05
N LEU A 70 0.79 14.41 -1.11
CA LEU A 70 0.34 13.02 -1.19
C LEU A 70 1.53 12.12 -1.52
N ALA A 71 2.70 12.73 -1.72
CA ALA A 71 3.92 12.01 -2.01
C ALA A 71 4.50 11.41 -0.72
N GLY A 72 5.23 10.31 -0.84
CA GLY A 72 5.80 9.67 0.34
C GLY A 72 5.83 8.16 0.22
N THR A 73 6.13 7.49 1.32
CA THR A 73 6.22 6.03 1.33
C THR A 73 5.00 5.40 2.00
N TYR A 74 4.23 4.64 1.24
CA TYR A 74 3.12 3.90 1.79
C TYR A 74 3.52 2.45 2.00
N ILE A 75 3.37 1.95 3.21
CA ILE A 75 3.78 0.60 3.58
C ILE A 75 2.60 -0.16 4.18
N CYS A 76 2.47 -1.42 3.82
CA CYS A 76 1.48 -2.29 4.43
C CYS A 76 2.16 -3.54 4.97
N GLU A 77 1.73 -4.01 6.12
CA GLU A 77 2.31 -5.19 6.75
C GLU A 77 1.23 -6.22 7.03
N ALA A 78 1.55 -7.50 6.93
CA ALA A 78 0.58 -8.54 7.21
C ALA A 78 1.17 -9.55 8.18
N THR A 79 0.43 -9.89 9.22
CA THR A 79 0.91 -10.87 10.17
C THR A 79 0.23 -12.21 9.93
N ASN A 80 1.01 -13.19 9.53
CA ASN A 80 0.49 -14.49 9.14
C ASN A 80 1.10 -15.55 10.05
N PRO A 81 0.56 -16.79 10.04
CA PRO A 81 1.09 -17.89 10.86
C PRO A 81 2.53 -18.26 10.50
N ILE A 82 3.01 -17.78 9.36
CA ILE A 82 4.36 -18.08 8.93
C ILE A 82 5.30 -16.91 9.20
N GLY A 83 4.74 -15.73 9.38
CA GLY A 83 5.55 -14.58 9.67
C GLY A 83 4.85 -13.27 9.35
N THR A 84 5.61 -12.19 9.38
CA THR A 84 5.09 -10.86 9.12
C THR A 84 5.94 -10.19 8.06
N ARG A 85 5.30 -9.70 7.03
CA ARG A 85 5.99 -9.03 5.95
C ARG A 85 5.32 -7.70 5.66
N SER A 86 6.09 -6.77 5.15
CA SER A 86 5.60 -5.44 4.86
C SER A 86 6.03 -5.04 3.46
N GLY A 87 5.18 -4.31 2.78
CA GLY A 87 5.52 -3.81 1.47
C GLY A 87 5.28 -2.33 1.39
N GLN A 88 6.15 -1.64 0.69
CA GLN A 88 6.11 -0.20 0.64
C GLN A 88 6.31 0.29 -0.79
N VAL A 89 5.84 1.48 -1.03
CA VAL A 89 6.01 2.14 -2.31
C VAL A 89 6.22 3.63 -2.07
N GLU A 90 7.05 4.25 -2.88
CA GLU A 90 7.31 5.66 -2.71
C GLU A 90 6.78 6.43 -3.90
N VAL A 91 5.82 7.28 -3.61
CA VAL A 91 5.10 8.00 -4.64
C VAL A 91 5.73 9.36 -4.88
N ASN A 92 5.85 9.71 -6.15
CA ASN A 92 6.39 10.99 -6.55
C ASN A 92 5.40 11.68 -7.45
N ILE A 93 5.22 12.97 -7.24
CA ILE A 93 4.27 13.72 -8.03
C ILE A 93 4.94 14.34 -9.24
N THR A 94 4.48 13.96 -10.41
CA THR A 94 5.07 14.44 -11.64
C THR A 94 4.07 15.27 -12.45
N HIS A 95 4.59 16.00 -13.42
CA HIS A 95 3.78 16.84 -14.29
C HIS A 95 4.46 16.95 -15.63
N LEU A 1 -0.72 -28.02 3.56
CA LEU A 1 0.20 -26.98 3.05
C LEU A 1 1.52 -27.61 2.65
N ASN A 2 1.80 -27.62 1.35
CA ASN A 2 3.05 -28.19 0.85
C ASN A 2 4.18 -27.17 1.00
N VAL A 3 3.87 -25.91 0.76
CA VAL A 3 4.81 -24.83 0.99
C VAL A 3 4.10 -23.64 1.62
N GLN A 4 4.66 -23.13 2.69
CA GLN A 4 4.13 -21.94 3.32
C GLN A 4 5.20 -20.87 3.39
N TYR A 5 4.88 -19.70 2.89
CA TYR A 5 5.81 -18.59 2.86
C TYR A 5 5.18 -17.39 3.52
N GLU A 6 6.01 -16.48 4.01
CA GLU A 6 5.49 -15.26 4.59
C GLU A 6 4.84 -14.45 3.48
N PRO A 7 3.82 -13.65 3.80
CA PRO A 7 2.98 -13.00 2.79
C PRO A 7 3.79 -12.16 1.81
N GLU A 8 3.52 -12.36 0.54
CA GLU A 8 4.17 -11.59 -0.50
C GLU A 8 3.37 -10.33 -0.78
N VAL A 9 3.90 -9.20 -0.37
CA VAL A 9 3.18 -7.94 -0.44
C VAL A 9 3.46 -7.24 -1.75
N THR A 10 2.40 -6.73 -2.36
CA THR A 10 2.46 -6.11 -3.66
C THR A 10 1.63 -4.83 -3.67
N ILE A 11 2.08 -3.85 -4.44
CA ILE A 11 1.38 -2.58 -4.54
C ILE A 11 0.81 -2.41 -5.95
N GLU A 12 -0.49 -2.19 -6.03
CA GLU A 12 -1.17 -1.99 -7.30
C GLU A 12 -1.77 -0.59 -7.34
N GLY A 13 -2.03 -0.09 -8.53
CA GLY A 13 -2.60 1.23 -8.68
C GLY A 13 -2.03 1.96 -9.85
N PHE A 14 -1.55 3.17 -9.62
CA PHE A 14 -0.91 3.92 -10.70
C PHE A 14 0.50 3.42 -10.91
N ASP A 15 0.75 2.82 -12.06
CA ASP A 15 2.03 2.21 -12.36
C ASP A 15 2.93 3.17 -13.13
N GLY A 16 4.07 3.49 -12.55
CA GLY A 16 5.03 4.36 -13.21
C GLY A 16 5.12 5.72 -12.55
N ASN A 17 4.43 6.70 -13.10
CA ASN A 17 4.49 8.07 -12.59
C ASN A 17 3.12 8.53 -12.13
N TRP A 18 3.08 9.19 -10.98
CA TRP A 18 1.83 9.68 -10.44
C TRP A 18 1.57 11.11 -10.91
N TYR A 19 0.59 11.26 -11.78
CA TYR A 19 0.25 12.55 -12.34
C TYR A 19 -0.71 13.29 -11.44
N LEU A 20 -0.48 14.59 -11.28
CA LEU A 20 -1.26 15.42 -10.37
C LEU A 20 -2.76 15.28 -10.62
N GLN A 21 -3.17 15.54 -11.86
CA GLN A 21 -4.59 15.58 -12.18
C GLN A 21 -5.11 14.22 -12.58
N ARG A 22 -5.22 13.32 -11.62
CA ARG A 22 -5.78 11.99 -11.85
C ARG A 22 -6.24 11.39 -10.53
N THR A 23 -7.31 10.62 -10.58
CA THR A 23 -7.85 9.96 -9.40
C THR A 23 -7.46 8.48 -9.39
N ASP A 24 -6.74 8.09 -10.44
CA ASP A 24 -6.20 6.74 -10.58
C ASP A 24 -4.94 6.57 -9.74
N VAL A 25 -4.70 7.53 -8.86
CA VAL A 25 -3.45 7.63 -8.12
C VAL A 25 -3.56 6.90 -6.79
N LYS A 26 -4.52 5.98 -6.73
CA LYS A 26 -4.78 5.21 -5.54
C LYS A 26 -4.00 3.90 -5.62
N LEU A 27 -3.74 3.30 -4.47
CA LEU A 27 -2.88 2.12 -4.42
C LEU A 27 -3.53 1.01 -3.61
N THR A 28 -3.55 -0.17 -4.18
CA THR A 28 -4.10 -1.33 -3.53
C THR A 28 -2.99 -2.21 -2.99
N CYS A 29 -3.13 -2.67 -1.76
CA CYS A 29 -2.11 -3.53 -1.18
C CYS A 29 -2.63 -4.97 -1.10
N LYS A 30 -1.84 -5.89 -1.65
CA LYS A 30 -2.15 -7.30 -1.60
C LYS A 30 -1.00 -8.07 -0.97
N ALA A 31 -1.33 -9.06 -0.18
CA ALA A 31 -0.32 -9.97 0.34
C ALA A 31 -0.72 -11.42 0.05
N ASP A 32 0.10 -12.10 -0.74
CA ASP A 32 -0.17 -13.48 -1.10
C ASP A 32 0.60 -14.42 -0.19
N ALA A 33 -0.13 -15.28 0.48
CA ALA A 33 0.46 -16.29 1.34
C ALA A 33 -0.45 -17.50 1.36
N ASN A 34 0.11 -18.69 1.53
CA ASN A 34 -0.70 -19.91 1.50
C ASN A 34 -1.66 -19.95 2.69
N PRO A 35 -1.17 -19.85 3.95
CA PRO A 35 -2.02 -19.62 5.11
C PRO A 35 -2.45 -18.17 5.17
N PRO A 36 -3.53 -17.84 5.91
CA PRO A 36 -4.03 -16.48 6.00
C PRO A 36 -3.16 -15.61 6.90
N ALA A 37 -3.77 -14.62 7.51
CA ALA A 37 -3.03 -13.60 8.21
C ALA A 37 -3.60 -13.34 9.58
N THR A 38 -2.74 -12.97 10.51
CA THR A 38 -3.16 -12.61 11.84
C THR A 38 -3.34 -11.11 11.92
N GLU A 39 -2.45 -10.37 11.25
CA GLU A 39 -2.51 -8.92 11.27
C GLU A 39 -2.21 -8.29 9.92
N TYR A 40 -2.68 -7.07 9.76
CA TYR A 40 -2.42 -6.28 8.56
C TYR A 40 -2.06 -4.86 8.98
N HIS A 41 -0.95 -4.38 8.49
CA HIS A 41 -0.46 -3.05 8.84
C HIS A 41 -0.37 -2.17 7.62
N TRP A 42 -0.76 -0.92 7.77
CA TRP A 42 -0.56 0.08 6.75
C TRP A 42 0.24 1.23 7.35
N THR A 43 1.42 1.46 6.80
CA THR A 43 2.31 2.46 7.38
C THR A 43 3.17 3.11 6.31
N THR A 44 3.47 4.39 6.47
CA THR A 44 4.34 5.07 5.56
C THR A 44 5.72 5.20 6.19
N LEU A 45 6.70 5.66 5.43
CA LEU A 45 8.06 5.82 5.94
C LEU A 45 8.10 6.85 7.07
N ASN A 46 7.09 7.71 7.13
CA ASN A 46 7.02 8.73 8.17
C ASN A 46 6.06 8.30 9.27
N GLY A 47 5.45 7.12 9.10
CA GLY A 47 4.52 6.61 10.10
C GLY A 47 3.26 7.46 10.23
N SER A 48 3.02 8.32 9.26
CA SER A 48 1.84 9.17 9.28
C SER A 48 1.10 9.13 7.94
N LEU A 49 -0.21 9.32 8.00
CA LEU A 49 -1.03 9.36 6.80
C LEU A 49 -1.75 10.70 6.67
N PRO A 50 -1.62 11.36 5.51
CA PRO A 50 -2.29 12.64 5.25
C PRO A 50 -3.81 12.48 5.13
N LYS A 51 -4.53 13.58 5.26
CA LYS A 51 -5.99 13.55 5.24
C LYS A 51 -6.53 13.38 3.81
N GLY A 52 -5.67 13.63 2.83
CA GLY A 52 -6.09 13.58 1.45
C GLY A 52 -6.27 12.16 0.93
N VAL A 53 -5.67 11.19 1.61
CA VAL A 53 -5.81 9.80 1.20
C VAL A 53 -6.78 9.07 2.12
N GLU A 54 -7.73 8.36 1.52
CA GLU A 54 -8.67 7.54 2.28
C GLU A 54 -8.11 6.13 2.43
N ALA A 55 -8.13 5.61 3.65
CA ALA A 55 -7.61 4.28 3.92
C ALA A 55 -8.75 3.33 4.25
N GLN A 56 -8.90 2.31 3.43
CA GLN A 56 -9.95 1.34 3.61
C GLN A 56 -9.37 -0.06 3.65
N ASN A 57 -9.27 -0.62 4.84
CA ASN A 57 -8.62 -1.91 5.06
C ASN A 57 -7.23 -1.93 4.41
N ARG A 58 -7.06 -2.73 3.37
CA ARG A 58 -5.76 -2.85 2.71
C ARG A 58 -5.74 -2.11 1.38
N THR A 59 -6.69 -1.19 1.22
CA THR A 59 -6.76 -0.38 0.01
C THR A 59 -6.50 1.09 0.30
N LEU A 60 -5.59 1.68 -0.45
CA LEU A 60 -5.31 3.10 -0.33
C LEU A 60 -6.08 3.83 -1.42
N PHE A 61 -7.17 4.46 -1.04
CA PHE A 61 -8.00 5.17 -1.99
C PHE A 61 -7.73 6.66 -1.90
N PHE A 62 -7.21 7.23 -2.96
CA PHE A 62 -6.93 8.65 -2.97
C PHE A 62 -8.23 9.41 -3.16
N ARG A 63 -8.43 10.44 -2.36
CA ARG A 63 -9.71 11.11 -2.30
C ARG A 63 -9.97 11.94 -3.54
N GLY A 64 -8.93 12.60 -3.99
CA GLY A 64 -9.00 13.33 -5.24
C GLY A 64 -7.73 13.17 -6.05
N PRO A 65 -7.24 14.24 -6.66
CA PRO A 65 -6.02 14.22 -7.46
C PRO A 65 -4.77 14.16 -6.58
N ILE A 66 -3.66 13.68 -7.13
CA ILE A 66 -2.44 13.55 -6.35
C ILE A 66 -1.73 14.89 -6.24
N THR A 67 -1.32 15.22 -5.03
CA THR A 67 -0.70 16.49 -4.75
C THR A 67 0.74 16.27 -4.31
N TYR A 68 1.52 17.35 -4.22
CA TYR A 68 2.94 17.25 -3.88
C TYR A 68 3.14 16.66 -2.50
N SER A 69 2.20 16.90 -1.60
CA SER A 69 2.29 16.39 -0.23
C SER A 69 1.80 14.94 -0.14
N LEU A 70 1.39 14.38 -1.27
CA LEU A 70 0.91 13.00 -1.30
C LEU A 70 2.05 12.07 -1.73
N ALA A 71 3.20 12.65 -2.01
CA ALA A 71 4.38 11.88 -2.41
C ALA A 71 5.05 11.22 -1.20
N GLY A 72 5.87 10.21 -1.47
CA GLY A 72 6.57 9.53 -0.39
C GLY A 72 6.53 8.03 -0.54
N THR A 73 6.99 7.32 0.49
CA THR A 73 6.99 5.87 0.46
C THR A 73 5.79 5.30 1.23
N TYR A 74 4.89 4.65 0.51
CA TYR A 74 3.76 3.97 1.12
C TYR A 74 4.09 2.49 1.28
N ILE A 75 3.98 1.99 2.49
CA ILE A 75 4.32 0.61 2.82
C ILE A 75 3.11 -0.08 3.47
N CYS A 76 3.00 -1.38 3.32
CA CYS A 76 2.06 -2.14 4.13
C CYS A 76 2.70 -3.45 4.55
N GLU A 77 2.40 -3.88 5.77
CA GLU A 77 3.00 -5.07 6.34
C GLU A 77 1.91 -6.03 6.77
N ALA A 78 2.14 -7.31 6.62
CA ALA A 78 1.14 -8.29 7.01
C ALA A 78 1.72 -9.23 8.04
N THR A 79 0.99 -9.49 9.11
CA THR A 79 1.48 -10.40 10.11
C THR A 79 0.79 -11.73 9.94
N ASN A 80 1.56 -12.75 9.60
CA ASN A 80 1.02 -14.04 9.28
C ASN A 80 1.72 -15.10 10.14
N PRO A 81 1.18 -16.32 10.22
CA PRO A 81 1.79 -17.41 10.99
C PRO A 81 3.16 -17.83 10.45
N ILE A 82 3.47 -17.42 9.22
CA ILE A 82 4.76 -17.75 8.61
C ILE A 82 5.76 -16.62 8.83
N GLY A 83 5.25 -15.43 9.12
CA GLY A 83 6.12 -14.30 9.39
C GLY A 83 5.46 -12.98 9.01
N THR A 84 6.25 -11.91 9.04
CA THR A 84 5.78 -10.59 8.69
C THR A 84 6.60 -10.01 7.54
N ARG A 85 5.93 -9.65 6.46
CA ARG A 85 6.57 -9.01 5.35
C ARG A 85 5.84 -7.73 5.01
N SER A 86 6.50 -6.82 4.35
CA SER A 86 5.93 -5.53 4.03
C SER A 86 6.26 -5.17 2.59
N GLY A 87 5.42 -4.36 1.98
CA GLY A 87 5.71 -3.87 0.66
C GLY A 87 5.59 -2.37 0.62
N GLN A 88 6.47 -1.74 -0.13
CA GLN A 88 6.55 -0.30 -0.18
C GLN A 88 6.59 0.17 -1.63
N VAL A 89 6.03 1.34 -1.84
CA VAL A 89 6.05 1.99 -3.13
C VAL A 89 6.32 3.47 -2.92
N GLU A 90 7.02 4.09 -3.84
CA GLU A 90 7.35 5.48 -3.68
C GLU A 90 6.66 6.28 -4.75
N VAL A 91 5.80 7.17 -4.29
CA VAL A 91 5.02 7.98 -5.19
C VAL A 91 5.72 9.30 -5.42
N ASN A 92 5.85 9.65 -6.68
CA ASN A 92 6.50 10.88 -7.06
C ASN A 92 5.56 11.67 -7.94
N ILE A 93 5.42 12.94 -7.65
CA ILE A 93 4.49 13.78 -8.36
C ILE A 93 5.17 14.48 -9.53
N THR A 94 4.47 14.56 -10.65
CA THR A 94 4.98 15.17 -11.86
C THR A 94 5.60 16.55 -11.58
N HIS A 95 6.92 16.59 -11.59
CA HIS A 95 7.66 17.82 -11.34
C HIS A 95 8.90 17.83 -12.22
N LEU A 1 -2.57 -24.15 1.31
CA LEU A 1 -1.69 -25.20 0.75
C LEU A 1 -0.84 -25.83 1.86
N ASN A 2 0.10 -26.68 1.47
CA ASN A 2 0.98 -27.35 2.43
C ASN A 2 2.29 -26.56 2.61
N VAL A 3 2.40 -25.47 1.89
CA VAL A 3 3.60 -24.65 1.95
C VAL A 3 3.35 -23.41 2.79
N GLN A 4 4.17 -23.23 3.81
CA GLN A 4 4.03 -22.11 4.72
C GLN A 4 5.20 -21.16 4.57
N TYR A 5 4.89 -19.88 4.44
CA TYR A 5 5.89 -18.85 4.26
C TYR A 5 5.34 -17.52 4.75
N GLU A 6 6.22 -16.59 5.10
CA GLU A 6 5.80 -15.28 5.56
C GLU A 6 5.09 -14.55 4.41
N PRO A 7 4.05 -13.77 4.73
CA PRO A 7 3.19 -13.15 3.72
C PRO A 7 3.97 -12.26 2.75
N GLU A 8 3.71 -12.44 1.48
CA GLU A 8 4.33 -11.64 0.44
C GLU A 8 3.51 -10.40 0.19
N VAL A 9 4.02 -9.24 0.58
CA VAL A 9 3.28 -8.00 0.44
C VAL A 9 3.60 -7.35 -0.90
N THR A 10 2.55 -6.99 -1.59
CA THR A 10 2.65 -6.47 -2.94
C THR A 10 1.82 -5.20 -3.09
N ILE A 11 2.21 -4.35 -4.04
CA ILE A 11 1.51 -3.09 -4.27
C ILE A 11 0.79 -3.11 -5.61
N GLU A 12 -0.51 -2.89 -5.56
CA GLU A 12 -1.35 -2.87 -6.75
C GLU A 12 -1.90 -1.47 -6.95
N GLY A 13 -2.37 -1.16 -8.14
CA GLY A 13 -2.93 0.15 -8.38
C GLY A 13 -2.29 0.82 -9.56
N PHE A 14 -1.70 1.99 -9.35
CA PHE A 14 -1.04 2.68 -10.44
C PHE A 14 0.41 2.23 -10.56
N ASP A 15 0.71 1.54 -11.66
CA ASP A 15 2.07 1.15 -11.96
C ASP A 15 2.68 2.11 -12.97
N GLY A 16 3.61 2.92 -12.53
CA GLY A 16 4.25 3.86 -13.42
C GLY A 16 4.44 5.21 -12.79
N ASN A 17 4.54 6.25 -13.62
CA ASN A 17 4.74 7.60 -13.13
C ASN A 17 3.40 8.21 -12.73
N TRP A 18 3.37 8.84 -11.56
CA TRP A 18 2.15 9.40 -11.02
C TRP A 18 2.00 10.85 -11.46
N TYR A 19 0.87 11.13 -12.11
CA TYR A 19 0.60 12.45 -12.65
C TYR A 19 -0.30 13.25 -11.72
N LEU A 20 -0.11 14.57 -11.71
CA LEU A 20 -0.81 15.45 -10.79
C LEU A 20 -2.34 15.38 -10.95
N GLN A 21 -2.82 14.96 -12.11
CA GLN A 21 -4.25 15.02 -12.38
C GLN A 21 -4.81 13.66 -12.80
N ARG A 22 -5.20 12.87 -11.80
CA ARG A 22 -5.85 11.58 -12.02
C ARG A 22 -6.18 10.95 -10.67
N THR A 23 -7.34 10.31 -10.56
CA THR A 23 -7.76 9.69 -9.30
C THR A 23 -7.37 8.21 -9.27
N ASP A 24 -6.80 7.73 -10.36
CA ASP A 24 -6.35 6.35 -10.47
C ASP A 24 -5.03 6.15 -9.73
N VAL A 25 -4.65 7.13 -8.92
CA VAL A 25 -3.35 7.15 -8.28
C VAL A 25 -3.43 6.45 -6.93
N LYS A 26 -4.35 5.50 -6.86
CA LYS A 26 -4.61 4.74 -5.65
C LYS A 26 -3.84 3.43 -5.70
N LEU A 27 -3.62 2.85 -4.53
CA LEU A 27 -2.82 1.63 -4.40
C LEU A 27 -3.55 0.59 -3.59
N THR A 28 -3.18 -0.65 -3.78
CA THR A 28 -3.80 -1.77 -3.10
C THR A 28 -2.74 -2.67 -2.50
N CYS A 29 -2.94 -3.13 -1.29
CA CYS A 29 -1.97 -3.96 -0.62
C CYS A 29 -2.46 -5.41 -0.58
N LYS A 30 -1.66 -6.31 -1.10
CA LYS A 30 -1.96 -7.72 -1.07
C LYS A 30 -0.85 -8.48 -0.37
N ALA A 31 -1.20 -9.21 0.68
CA ALA A 31 -0.26 -10.10 1.32
C ALA A 31 -0.61 -11.53 0.95
N ASP A 32 0.31 -12.20 0.27
CA ASP A 32 0.07 -13.57 -0.16
C ASP A 32 0.83 -14.53 0.72
N ALA A 33 0.09 -15.41 1.37
CA ALA A 33 0.67 -16.41 2.26
C ALA A 33 -0.27 -17.61 2.32
N ASN A 34 0.19 -18.69 2.94
CA ASN A 34 -0.66 -19.86 3.17
C ASN A 34 -1.96 -19.43 3.87
N PRO A 35 -1.88 -18.75 5.04
CA PRO A 35 -3.02 -18.08 5.63
C PRO A 35 -3.05 -16.61 5.18
N PRO A 36 -4.25 -16.00 5.11
CA PRO A 36 -4.40 -14.60 4.69
C PRO A 36 -3.52 -13.66 5.53
N ALA A 37 -3.93 -13.44 6.78
CA ALA A 37 -3.19 -12.61 7.70
C ALA A 37 -3.89 -12.59 9.06
N THR A 38 -3.11 -12.53 10.12
CA THR A 38 -3.68 -12.36 11.44
C THR A 38 -3.82 -10.88 11.73
N GLU A 39 -2.82 -10.11 11.32
CA GLU A 39 -2.88 -8.67 11.41
C GLU A 39 -2.41 -8.00 10.14
N TYR A 40 -2.82 -6.76 9.99
CA TYR A 40 -2.47 -5.97 8.82
C TYR A 40 -1.97 -4.61 9.29
N HIS A 41 -0.93 -4.13 8.65
CA HIS A 41 -0.32 -2.87 9.02
C HIS A 41 -0.18 -1.95 7.82
N TRP A 42 -0.48 -0.68 8.00
CA TRP A 42 -0.26 0.31 6.96
C TRP A 42 0.49 1.49 7.55
N THR A 43 1.69 1.73 7.03
CA THR A 43 2.51 2.82 7.52
C THR A 43 3.41 3.36 6.42
N THR A 44 3.78 4.62 6.52
CA THR A 44 4.67 5.21 5.55
C THR A 44 6.06 5.35 6.14
N LEU A 45 7.05 5.68 5.30
CA LEU A 45 8.40 5.92 5.79
C LEU A 45 8.43 7.21 6.62
N ASN A 46 7.36 7.99 6.49
CA ASN A 46 7.22 9.24 7.24
C ASN A 46 6.68 8.95 8.65
N GLY A 47 6.06 7.78 8.81
CA GLY A 47 5.50 7.42 10.10
C GLY A 47 4.09 7.96 10.30
N SER A 48 3.60 8.69 9.30
CA SER A 48 2.25 9.25 9.35
C SER A 48 1.62 9.16 7.96
N LEU A 49 0.30 8.95 7.92
CA LEU A 49 -0.41 8.82 6.66
C LEU A 49 -1.15 10.12 6.35
N PRO A 50 -0.90 10.72 5.17
CA PRO A 50 -1.54 11.97 4.76
C PRO A 50 -3.05 11.84 4.66
N LYS A 51 -3.76 12.89 5.09
CA LYS A 51 -5.22 12.88 5.10
C LYS A 51 -5.80 13.01 3.69
N GLY A 52 -4.92 13.10 2.70
CA GLY A 52 -5.36 13.19 1.33
C GLY A 52 -5.73 11.84 0.76
N VAL A 53 -5.24 10.77 1.39
CA VAL A 53 -5.57 9.43 0.97
C VAL A 53 -6.60 8.79 1.91
N GLU A 54 -7.60 8.13 1.35
CA GLU A 54 -8.57 7.40 2.15
C GLU A 54 -8.26 5.90 2.13
N ALA A 55 -7.79 5.40 3.25
CA ALA A 55 -7.45 3.98 3.36
C ALA A 55 -8.66 3.17 3.76
N GLN A 56 -8.85 2.05 3.08
CA GLN A 56 -10.00 1.19 3.34
C GLN A 56 -9.57 -0.27 3.28
N ASN A 57 -9.55 -0.91 4.45
CA ASN A 57 -9.04 -2.27 4.60
C ASN A 57 -7.61 -2.36 4.09
N ARG A 58 -7.36 -3.18 3.07
CA ARG A 58 -6.03 -3.31 2.52
C ARG A 58 -5.91 -2.54 1.21
N THR A 59 -6.79 -1.57 1.02
CA THR A 59 -6.80 -0.76 -0.18
C THR A 59 -6.53 0.70 0.17
N LEU A 60 -5.72 1.35 -0.65
CA LEU A 60 -5.39 2.75 -0.45
C LEU A 60 -6.01 3.56 -1.57
N PHE A 61 -7.12 4.21 -1.27
CA PHE A 61 -7.82 4.98 -2.29
C PHE A 61 -7.52 6.45 -2.11
N PHE A 62 -6.88 7.04 -3.09
CA PHE A 62 -6.58 8.45 -3.04
C PHE A 62 -7.85 9.26 -3.16
N ARG A 63 -7.93 10.33 -2.40
CA ARG A 63 -9.18 11.09 -2.29
C ARG A 63 -9.22 12.19 -3.32
N GLY A 64 -8.52 11.99 -4.42
CA GLY A 64 -8.42 12.97 -5.45
C GLY A 64 -7.19 12.75 -6.30
N PRO A 65 -6.79 13.73 -7.08
CA PRO A 65 -5.59 13.65 -7.92
C PRO A 65 -4.33 13.73 -7.08
N ILE A 66 -3.25 13.09 -7.54
CA ILE A 66 -2.04 13.03 -6.75
C ILE A 66 -1.37 14.41 -6.68
N THR A 67 -1.10 14.85 -5.47
CA THR A 67 -0.51 16.16 -5.25
C THR A 67 0.85 16.00 -4.57
N TYR A 68 1.60 17.08 -4.49
CA TYR A 68 2.96 17.03 -3.94
C TYR A 68 2.95 16.60 -2.47
N SER A 69 1.88 16.91 -1.76
CA SER A 69 1.75 16.51 -0.37
C SER A 69 1.35 15.03 -0.24
N LEU A 70 1.23 14.35 -1.38
CA LEU A 70 0.89 12.93 -1.39
C LEU A 70 2.09 12.08 -1.79
N ALA A 71 3.19 12.75 -2.09
CA ALA A 71 4.42 12.07 -2.50
C ALA A 71 5.14 11.45 -1.31
N GLY A 72 5.62 10.22 -1.48
CA GLY A 72 6.32 9.55 -0.42
C GLY A 72 6.29 8.04 -0.57
N THR A 73 6.96 7.35 0.34
CA THR A 73 7.00 5.90 0.32
C THR A 73 5.88 5.31 1.17
N TYR A 74 4.95 4.63 0.50
CA TYR A 74 3.84 3.97 1.19
C TYR A 74 4.19 2.50 1.39
N ILE A 75 4.13 2.05 2.62
CA ILE A 75 4.50 0.69 2.98
C ILE A 75 3.29 -0.01 3.59
N CYS A 76 3.13 -1.28 3.28
CA CYS A 76 2.11 -2.08 3.91
C CYS A 76 2.78 -3.28 4.57
N GLU A 77 2.31 -3.65 5.74
CA GLU A 77 2.91 -4.74 6.49
C GLU A 77 1.84 -5.77 6.85
N ALA A 78 2.20 -7.04 6.85
CA ALA A 78 1.21 -8.07 7.15
C ALA A 78 1.74 -8.98 8.25
N THR A 79 0.93 -9.21 9.26
CA THR A 79 1.34 -10.08 10.35
C THR A 79 0.68 -11.45 10.21
N ASN A 80 1.51 -12.47 10.09
CA ASN A 80 1.02 -13.83 9.98
C ASN A 80 1.81 -14.72 10.94
N PRO A 81 1.36 -15.96 11.19
CA PRO A 81 2.04 -16.88 12.13
C PRO A 81 3.43 -17.30 11.63
N ILE A 82 3.72 -17.05 10.36
CA ILE A 82 5.01 -17.41 9.80
C ILE A 82 5.95 -16.22 9.85
N GLY A 83 5.40 -15.03 9.98
CA GLY A 83 6.22 -13.84 10.10
C GLY A 83 5.48 -12.57 9.71
N THR A 84 6.22 -11.49 9.64
CA THR A 84 5.70 -10.19 9.29
C THR A 84 6.54 -9.59 8.19
N ARG A 85 5.91 -9.25 7.09
CA ARG A 85 6.61 -8.67 5.98
C ARG A 85 5.96 -7.35 5.61
N SER A 86 6.67 -6.54 4.88
CA SER A 86 6.20 -5.23 4.49
C SER A 86 6.60 -4.93 3.05
N GLY A 87 5.74 -4.25 2.33
CA GLY A 87 6.08 -3.84 1.00
C GLY A 87 5.83 -2.37 0.83
N GLN A 88 6.69 -1.71 0.10
CA GLN A 88 6.65 -0.27 -0.03
C GLN A 88 6.75 0.15 -1.47
N VAL A 89 6.15 1.29 -1.75
CA VAL A 89 6.21 1.89 -3.05
C VAL A 89 6.42 3.38 -2.85
N GLU A 90 7.18 4.02 -3.70
CA GLU A 90 7.48 5.41 -3.52
C GLU A 90 6.92 6.21 -4.66
N VAL A 91 5.98 7.08 -4.33
CA VAL A 91 5.29 7.85 -5.34
C VAL A 91 5.93 9.22 -5.48
N ASN A 92 6.24 9.58 -6.70
CA ASN A 92 6.77 10.89 -7.01
C ASN A 92 5.78 11.60 -7.89
N ILE A 93 5.64 12.90 -7.70
CA ILE A 93 4.66 13.65 -8.44
C ILE A 93 5.26 14.22 -9.71
N THR A 94 4.72 13.79 -10.84
CA THR A 94 5.21 14.21 -12.13
C THR A 94 4.28 15.27 -12.73
N HIS A 95 4.89 16.14 -13.51
CA HIS A 95 4.17 17.27 -14.08
C HIS A 95 3.71 16.96 -15.49
N LEU A 1 -0.59 -26.98 -2.33
CA LEU A 1 -0.44 -26.08 -1.17
C LEU A 1 0.46 -26.71 -0.11
N ASN A 2 1.66 -27.09 -0.52
CA ASN A 2 2.59 -27.78 0.37
C ASN A 2 3.56 -26.79 1.01
N VAL A 3 3.76 -25.64 0.38
CA VAL A 3 4.77 -24.71 0.83
C VAL A 3 4.14 -23.53 1.54
N GLN A 4 4.54 -23.33 2.78
CA GLN A 4 4.05 -22.24 3.59
C GLN A 4 5.11 -21.15 3.69
N TYR A 5 4.72 -19.94 3.34
CA TYR A 5 5.64 -18.81 3.38
C TYR A 5 4.90 -17.57 3.83
N GLU A 6 5.62 -16.59 4.35
CA GLU A 6 5.02 -15.35 4.79
C GLU A 6 4.41 -14.63 3.59
N PRO A 7 3.30 -13.92 3.80
CA PRO A 7 2.56 -13.29 2.70
C PRO A 7 3.38 -12.23 1.98
N GLU A 8 3.35 -12.32 0.66
CA GLU A 8 4.05 -11.36 -0.19
C GLU A 8 3.19 -10.12 -0.36
N VAL A 9 3.69 -8.98 0.07
CA VAL A 9 2.92 -7.76 0.02
C VAL A 9 3.19 -7.01 -1.27
N THR A 10 2.13 -6.65 -1.95
CA THR A 10 2.22 -6.03 -3.26
C THR A 10 1.41 -4.74 -3.31
N ILE A 11 1.90 -3.76 -4.05
CA ILE A 11 1.21 -2.49 -4.19
C ILE A 11 0.70 -2.31 -5.61
N GLU A 12 -0.61 -2.17 -5.74
CA GLU A 12 -1.24 -2.03 -7.04
C GLU A 12 -1.89 -0.66 -7.14
N GLY A 13 -2.11 -0.19 -8.36
CA GLY A 13 -2.73 1.10 -8.55
C GLY A 13 -2.13 1.84 -9.72
N PHE A 14 -1.42 2.91 -9.43
CA PHE A 14 -0.73 3.66 -10.48
C PHE A 14 0.73 3.26 -10.53
N ASP A 15 1.14 2.67 -11.64
CA ASP A 15 2.51 2.23 -11.82
C ASP A 15 3.34 3.30 -12.52
N GLY A 16 4.30 3.87 -11.82
CA GLY A 16 5.17 4.86 -12.40
C GLY A 16 5.08 6.19 -11.68
N ASN A 17 4.77 7.24 -12.42
CA ASN A 17 4.65 8.58 -11.86
C ASN A 17 3.18 8.96 -11.71
N TRP A 18 2.86 9.58 -10.58
CA TRP A 18 1.49 9.91 -10.27
C TRP A 18 1.14 11.29 -10.80
N TYR A 19 0.21 11.31 -11.75
CA TYR A 19 -0.23 12.55 -12.37
C TYR A 19 -1.36 13.16 -11.56
N LEU A 20 -1.26 14.48 -11.33
CA LEU A 20 -2.18 15.20 -10.45
C LEU A 20 -3.64 14.93 -10.78
N GLN A 21 -4.04 15.21 -12.02
CA GLN A 21 -5.45 15.17 -12.37
C GLN A 21 -5.87 13.80 -12.91
N ARG A 22 -5.60 12.77 -12.13
CA ARG A 22 -6.02 11.41 -12.48
C ARG A 22 -6.55 10.71 -11.24
N THR A 23 -7.59 9.90 -11.43
CA THR A 23 -8.21 9.19 -10.33
C THR A 23 -7.56 7.82 -10.12
N ASP A 24 -6.67 7.49 -11.04
CA ASP A 24 -5.95 6.21 -11.05
C ASP A 24 -4.88 6.17 -9.96
N VAL A 25 -4.90 7.15 -9.07
CA VAL A 25 -3.79 7.39 -8.16
C VAL A 25 -4.01 6.68 -6.84
N LYS A 26 -5.01 5.82 -6.79
CA LYS A 26 -5.30 5.04 -5.61
C LYS A 26 -4.48 3.76 -5.64
N LEU A 27 -4.22 3.19 -4.47
CA LEU A 27 -3.37 2.02 -4.41
C LEU A 27 -4.05 0.90 -3.62
N THR A 28 -3.66 -0.31 -3.89
CA THR A 28 -4.18 -1.47 -3.20
C THR A 28 -3.04 -2.36 -2.75
N CYS A 29 -3.12 -2.83 -1.51
CA CYS A 29 -2.09 -3.70 -0.97
C CYS A 29 -2.64 -5.11 -0.90
N LYS A 30 -1.89 -6.04 -1.47
CA LYS A 30 -2.28 -7.44 -1.45
C LYS A 30 -1.21 -8.26 -0.76
N ALA A 31 -1.62 -9.38 -0.21
CA ALA A 31 -0.69 -10.31 0.40
C ALA A 31 -0.86 -11.69 -0.24
N ASP A 32 0.19 -12.16 -0.88
CA ASP A 32 0.15 -13.45 -1.53
C ASP A 32 0.84 -14.49 -0.68
N ALA A 33 0.10 -15.49 -0.26
CA ALA A 33 0.62 -16.55 0.57
C ALA A 33 -0.22 -17.80 0.38
N ASN A 34 0.22 -18.91 0.93
CA ASN A 34 -0.59 -20.12 0.95
C ASN A 34 -1.98 -19.82 1.53
N PRO A 35 -2.08 -19.23 2.73
CA PRO A 35 -3.32 -18.69 3.25
C PRO A 35 -3.46 -17.20 2.90
N PRO A 36 -4.65 -16.60 3.12
CA PRO A 36 -4.87 -15.18 2.88
C PRO A 36 -3.98 -14.29 3.77
N ALA A 37 -4.54 -13.85 4.90
CA ALA A 37 -3.81 -13.03 5.85
C ALA A 37 -4.56 -12.96 7.17
N THR A 38 -3.87 -13.20 8.27
CA THR A 38 -4.48 -13.13 9.58
C THR A 38 -4.54 -11.67 10.04
N GLU A 39 -3.49 -10.92 9.75
CA GLU A 39 -3.46 -9.51 10.13
C GLU A 39 -2.89 -8.64 9.02
N TYR A 40 -3.22 -7.36 9.11
CA TYR A 40 -2.74 -6.38 8.15
C TYR A 40 -2.41 -5.07 8.86
N HIS A 41 -1.21 -4.57 8.63
CA HIS A 41 -0.81 -3.27 9.16
C HIS A 41 -0.64 -2.29 8.02
N TRP A 42 -1.23 -1.12 8.14
CA TRP A 42 -1.06 -0.10 7.13
C TRP A 42 -0.45 1.14 7.76
N THR A 43 0.73 1.51 7.28
CA THR A 43 1.43 2.68 7.82
C THR A 43 2.32 3.32 6.77
N THR A 44 2.54 4.61 6.88
CA THR A 44 3.43 5.30 5.97
C THR A 44 4.80 5.45 6.60
N LEU A 45 5.79 5.82 5.79
CA LEU A 45 7.16 6.01 6.27
C LEU A 45 7.22 7.20 7.23
N ASN A 46 6.21 8.06 7.15
CA ASN A 46 6.16 9.25 7.97
C ASN A 46 5.44 8.98 9.29
N GLY A 47 4.65 7.90 9.32
CA GLY A 47 3.93 7.54 10.52
C GLY A 47 2.58 8.23 10.61
N SER A 48 2.29 9.08 9.64
CA SER A 48 1.02 9.79 9.62
C SER A 48 0.27 9.52 8.31
N LEU A 49 -1.06 9.58 8.38
CA LEU A 49 -1.90 9.38 7.21
C LEU A 49 -2.36 10.73 6.67
N PRO A 50 -2.25 10.96 5.34
CA PRO A 50 -2.73 12.19 4.71
C PRO A 50 -4.23 12.40 4.92
N LYS A 51 -4.67 13.63 4.74
CA LYS A 51 -6.04 14.01 5.06
C LYS A 51 -6.97 13.85 3.85
N GLY A 52 -6.40 13.51 2.71
CA GLY A 52 -7.19 13.42 1.49
C GLY A 52 -7.36 12.01 0.99
N VAL A 53 -6.82 11.04 1.71
CA VAL A 53 -6.93 9.64 1.30
C VAL A 53 -7.97 8.89 2.13
N GLU A 54 -8.82 8.14 1.46
CA GLU A 54 -9.73 7.23 2.13
C GLU A 54 -9.02 5.89 2.39
N ALA A 55 -8.70 5.62 3.64
CA ALA A 55 -7.98 4.41 3.99
C ALA A 55 -8.93 3.33 4.47
N GLN A 56 -8.95 2.21 3.78
CA GLN A 56 -9.80 1.10 4.16
C GLN A 56 -9.01 -0.19 4.14
N ASN A 57 -8.61 -0.64 5.33
CA ASN A 57 -7.78 -1.85 5.48
C ASN A 57 -6.65 -1.88 4.45
N ARG A 58 -6.69 -2.84 3.55
CA ARG A 58 -5.60 -3.05 2.59
C ARG A 58 -5.83 -2.25 1.31
N THR A 59 -6.81 -1.36 1.33
CA THR A 59 -7.12 -0.55 0.18
C THR A 59 -6.86 0.92 0.45
N LEU A 60 -6.01 1.51 -0.37
CA LEU A 60 -5.75 2.94 -0.30
C LEU A 60 -6.58 3.63 -1.36
N PHE A 61 -7.68 4.23 -0.96
CA PHE A 61 -8.55 4.89 -1.90
C PHE A 61 -8.26 6.37 -1.91
N PHE A 62 -7.78 6.87 -3.02
CA PHE A 62 -7.52 8.28 -3.13
C PHE A 62 -8.82 9.00 -3.42
N ARG A 63 -9.09 10.05 -2.67
CA ARG A 63 -10.40 10.69 -2.69
C ARG A 63 -10.52 11.68 -3.83
N GLY A 64 -10.19 11.22 -5.03
CA GLY A 64 -10.19 12.07 -6.19
C GLY A 64 -8.84 12.02 -6.88
N PRO A 65 -8.35 13.17 -7.33
CA PRO A 65 -7.06 13.29 -8.01
C PRO A 65 -5.92 13.47 -6.98
N ILE A 66 -4.69 13.14 -7.39
CA ILE A 66 -3.57 13.21 -6.48
C ILE A 66 -3.03 14.64 -6.37
N THR A 67 -2.60 14.99 -5.17
CA THR A 67 -2.00 16.28 -4.92
C THR A 67 -0.67 16.11 -4.19
N TYR A 68 0.08 17.19 -4.05
CA TYR A 68 1.38 17.12 -3.39
C TYR A 68 1.24 16.69 -1.94
N SER A 69 0.10 17.02 -1.35
CA SER A 69 -0.21 16.65 0.03
C SER A 69 -0.41 15.14 0.19
N LEU A 70 -0.50 14.43 -0.95
CA LEU A 70 -0.73 12.99 -0.94
C LEU A 70 0.54 12.21 -1.22
N ALA A 71 1.60 12.94 -1.57
CA ALA A 71 2.88 12.32 -1.92
C ALA A 71 3.58 11.76 -0.69
N GLY A 72 4.04 10.52 -0.79
CA GLY A 72 4.70 9.86 0.32
C GLY A 72 4.79 8.35 0.15
N THR A 73 5.56 7.71 1.00
CA THR A 73 5.73 6.27 0.96
C THR A 73 4.68 5.54 1.79
N TYR A 74 3.88 4.72 1.13
CA TYR A 74 2.90 3.90 1.81
C TYR A 74 3.43 2.47 1.93
N ILE A 75 3.45 1.97 3.15
CA ILE A 75 3.91 0.61 3.43
C ILE A 75 2.76 -0.20 4.04
N CYS A 76 2.60 -1.42 3.60
CA CYS A 76 1.61 -2.28 4.19
C CYS A 76 2.29 -3.53 4.73
N GLU A 77 1.82 -3.99 5.87
CA GLU A 77 2.31 -5.23 6.47
C GLU A 77 1.20 -6.25 6.50
N ALA A 78 1.53 -7.50 6.30
CA ALA A 78 0.55 -8.55 6.36
C ALA A 78 1.03 -9.65 7.28
N THR A 79 0.22 -9.99 8.27
CA THR A 79 0.60 -11.03 9.19
C THR A 79 -0.14 -12.32 8.87
N ASN A 80 0.61 -13.40 8.83
CA ASN A 80 0.05 -14.72 8.63
C ASN A 80 0.70 -15.65 9.66
N PRO A 81 0.25 -16.93 9.77
CA PRO A 81 0.84 -17.87 10.72
C PRO A 81 2.32 -18.15 10.45
N ILE A 82 2.77 -17.82 9.24
CA ILE A 82 4.15 -18.04 8.86
C ILE A 82 5.00 -16.83 9.21
N GLY A 83 4.36 -15.68 9.37
CA GLY A 83 5.08 -14.47 9.72
C GLY A 83 4.44 -13.21 9.15
N THR A 84 5.19 -12.11 9.19
CA THR A 84 4.70 -10.82 8.72
C THR A 84 5.68 -10.22 7.73
N ARG A 85 5.15 -9.73 6.63
CA ARG A 85 5.97 -9.04 5.64
C ARG A 85 5.39 -7.66 5.40
N SER A 86 6.16 -6.81 4.76
CA SER A 86 5.73 -5.43 4.53
C SER A 86 6.18 -4.99 3.15
N GLY A 87 5.33 -4.24 2.47
CA GLY A 87 5.70 -3.68 1.19
C GLY A 87 5.42 -2.20 1.15
N GLN A 88 6.29 -1.47 0.50
CA GLN A 88 6.21 -0.02 0.46
C GLN A 88 6.27 0.48 -0.98
N VAL A 89 5.59 1.59 -1.21
CA VAL A 89 5.65 2.29 -2.47
C VAL A 89 5.58 3.78 -2.19
N GLU A 90 6.29 4.57 -2.94
CA GLU A 90 6.31 6.00 -2.67
C GLU A 90 5.70 6.74 -3.84
N VAL A 91 4.60 7.40 -3.57
CA VAL A 91 3.90 8.13 -4.59
C VAL A 91 4.52 9.50 -4.73
N ASN A 92 4.84 9.86 -5.95
CA ASN A 92 5.45 11.13 -6.24
C ASN A 92 4.63 11.86 -7.25
N ILE A 93 4.51 13.15 -7.08
CA ILE A 93 3.67 13.93 -7.94
C ILE A 93 4.47 14.45 -9.11
N THR A 94 3.85 14.43 -10.29
CA THR A 94 4.49 14.76 -11.55
C THR A 94 5.35 16.02 -11.48
N HIS A 95 6.66 15.81 -11.61
CA HIS A 95 7.64 16.89 -11.61
C HIS A 95 8.99 16.31 -12.01
N LEU A 1 -1.75 -24.40 -0.28
CA LEU A 1 -1.83 -24.50 1.19
C LEU A 1 -0.94 -25.64 1.71
N ASN A 2 0.09 -25.98 0.95
CA ASN A 2 0.95 -27.11 1.32
C ASN A 2 2.07 -26.68 2.26
N VAL A 3 2.74 -25.58 1.93
CA VAL A 3 3.88 -25.13 2.71
C VAL A 3 3.65 -23.72 3.26
N GLN A 4 4.16 -23.47 4.45
CA GLN A 4 3.95 -22.17 5.08
C GLN A 4 5.18 -21.30 4.95
N TYR A 5 4.98 -20.10 4.42
CA TYR A 5 6.03 -19.10 4.30
C TYR A 5 5.44 -17.74 4.65
N GLU A 6 6.30 -16.79 5.01
CA GLU A 6 5.82 -15.46 5.40
C GLU A 6 5.17 -14.77 4.20
N PRO A 7 4.13 -13.95 4.44
CA PRO A 7 3.37 -13.32 3.36
C PRO A 7 4.18 -12.27 2.62
N GLU A 8 4.11 -12.32 1.30
CA GLU A 8 4.83 -11.39 0.46
C GLU A 8 3.95 -10.20 0.13
N VAL A 9 4.36 -9.02 0.56
CA VAL A 9 3.53 -7.84 0.39
C VAL A 9 3.86 -7.14 -0.92
N THR A 10 2.80 -6.76 -1.61
CA THR A 10 2.90 -6.22 -2.96
C THR A 10 2.09 -4.95 -3.11
N ILE A 11 2.54 -4.05 -3.98
CA ILE A 11 1.82 -2.81 -4.23
C ILE A 11 1.28 -2.80 -5.66
N GLU A 12 -0.03 -2.68 -5.76
CA GLU A 12 -0.70 -2.72 -7.05
C GLU A 12 -1.68 -1.56 -7.14
N GLY A 13 -2.12 -1.18 -8.33
CA GLY A 13 -3.11 -0.14 -8.43
C GLY A 13 -2.72 0.99 -9.36
N PHE A 14 -1.55 1.57 -9.10
CA PHE A 14 -1.06 2.66 -9.94
C PHE A 14 -0.87 2.22 -11.39
N ASP A 15 -1.38 3.03 -12.30
CA ASP A 15 -1.24 2.73 -13.72
C ASP A 15 -0.05 3.47 -14.30
N GLY A 16 1.14 2.93 -14.05
CA GLY A 16 2.35 3.49 -14.60
C GLY A 16 2.82 4.75 -13.90
N ASN A 17 2.17 5.86 -14.19
CA ASN A 17 2.65 7.17 -13.72
C ASN A 17 1.62 7.85 -12.81
N TRP A 18 2.11 8.44 -11.73
CA TRP A 18 1.28 9.16 -10.80
C TRP A 18 1.16 10.61 -11.22
N TYR A 19 0.01 10.96 -11.80
CA TYR A 19 -0.20 12.28 -12.38
C TYR A 19 -0.87 13.21 -11.38
N LEU A 20 -0.47 14.48 -11.43
CA LEU A 20 -1.06 15.51 -10.58
C LEU A 20 -2.57 15.54 -10.70
N GLN A 21 -3.06 15.28 -11.90
CA GLN A 21 -4.50 15.29 -12.16
C GLN A 21 -4.96 13.91 -12.63
N ARG A 22 -4.86 12.93 -11.74
CA ARG A 22 -5.28 11.58 -12.06
C ARG A 22 -5.88 10.91 -10.82
N THR A 23 -7.02 10.25 -11.02
CA THR A 23 -7.72 9.58 -9.93
C THR A 23 -7.28 8.11 -9.83
N ASP A 24 -6.56 7.68 -10.85
CA ASP A 24 -6.10 6.29 -10.97
C ASP A 24 -4.85 6.06 -10.13
N VAL A 25 -4.57 6.99 -9.22
CA VAL A 25 -3.31 7.01 -8.50
C VAL A 25 -3.44 6.27 -7.17
N LYS A 26 -4.40 5.36 -7.10
CA LYS A 26 -4.68 4.61 -5.89
C LYS A 26 -3.83 3.35 -5.86
N LEU A 27 -3.69 2.77 -4.68
CA LEU A 27 -2.86 1.59 -4.53
C LEU A 27 -3.57 0.53 -3.71
N THR A 28 -3.15 -0.70 -3.88
CA THR A 28 -3.70 -1.82 -3.16
C THR A 28 -2.56 -2.64 -2.59
N CYS A 29 -2.70 -3.04 -1.35
CA CYS A 29 -1.66 -3.81 -0.69
C CYS A 29 -2.09 -5.25 -0.57
N LYS A 30 -1.30 -6.14 -1.12
CA LYS A 30 -1.60 -7.56 -1.04
C LYS A 30 -0.45 -8.31 -0.39
N ALA A 31 -0.74 -9.01 0.68
CA ALA A 31 0.18 -9.99 1.21
C ALA A 31 -0.17 -11.33 0.63
N ASP A 32 0.73 -11.87 -0.16
CA ASP A 32 0.49 -13.14 -0.81
C ASP A 32 1.20 -14.24 -0.05
N ALA A 33 0.43 -15.17 0.45
CA ALA A 33 0.96 -16.28 1.21
C ALA A 33 0.02 -17.46 1.08
N ASN A 34 0.46 -18.61 1.55
CA ASN A 34 -0.40 -19.79 1.60
C ASN A 34 -1.60 -19.53 2.53
N PRO A 35 -1.36 -19.06 3.78
CA PRO A 35 -2.42 -18.54 4.64
C PRO A 35 -2.71 -17.07 4.32
N PRO A 36 -3.94 -16.59 4.56
CA PRO A 36 -4.32 -15.20 4.27
C PRO A 36 -3.51 -14.17 5.06
N ALA A 37 -3.99 -13.79 6.23
CA ALA A 37 -3.30 -12.83 7.08
C ALA A 37 -3.96 -12.78 8.46
N THR A 38 -3.14 -12.81 9.51
CA THR A 38 -3.65 -12.72 10.87
C THR A 38 -3.71 -11.26 11.29
N GLU A 39 -2.81 -10.46 10.74
CA GLU A 39 -2.81 -9.02 11.00
C GLU A 39 -2.34 -8.22 9.79
N TYR A 40 -2.69 -6.94 9.79
CA TYR A 40 -2.29 -6.05 8.72
C TYR A 40 -1.82 -4.73 9.29
N HIS A 41 -0.65 -4.32 8.88
CA HIS A 41 -0.01 -3.14 9.39
C HIS A 41 0.18 -2.11 8.28
N TRP A 42 0.09 -0.84 8.61
CA TRP A 42 0.30 0.21 7.63
C TRP A 42 1.20 1.29 8.20
N THR A 43 2.29 1.55 7.50
CA THR A 43 3.23 2.59 7.91
C THR A 43 3.84 3.26 6.68
N THR A 44 4.12 4.54 6.76
CA THR A 44 4.83 5.20 5.70
C THR A 44 6.27 5.44 6.13
N LEU A 45 7.11 5.89 5.21
CA LEU A 45 8.49 6.18 5.55
C LEU A 45 8.57 7.38 6.50
N ASN A 46 7.49 8.15 6.54
CA ASN A 46 7.41 9.32 7.41
C ASN A 46 6.66 8.97 8.70
N GLY A 47 5.89 7.89 8.66
CA GLY A 47 5.11 7.49 9.81
C GLY A 47 3.78 8.21 9.89
N SER A 48 3.53 9.10 8.95
CA SER A 48 2.31 9.89 8.95
C SER A 48 1.41 9.49 7.78
N LEU A 49 0.11 9.66 7.98
CA LEU A 49 -0.87 9.41 6.93
C LEU A 49 -1.37 10.73 6.37
N PRO A 50 -1.18 10.96 5.06
CA PRO A 50 -1.64 12.18 4.40
C PRO A 50 -3.17 12.26 4.34
N LYS A 51 -3.69 13.48 4.25
CA LYS A 51 -5.13 13.71 4.29
C LYS A 51 -5.78 13.48 2.93
N GLY A 52 -4.97 13.13 1.94
CA GLY A 52 -5.48 12.94 0.60
C GLY A 52 -5.81 11.49 0.29
N VAL A 53 -5.33 10.58 1.13
CA VAL A 53 -5.56 9.17 0.92
C VAL A 53 -6.64 8.63 1.85
N GLU A 54 -7.60 7.93 1.27
CA GLU A 54 -8.61 7.22 2.03
C GLU A 54 -8.14 5.78 2.25
N ALA A 55 -7.81 5.46 3.49
CA ALA A 55 -7.30 4.12 3.81
C ALA A 55 -8.44 3.18 4.16
N GLN A 56 -8.58 2.12 3.38
CA GLN A 56 -9.63 1.14 3.60
C GLN A 56 -9.05 -0.26 3.59
N ASN A 57 -8.89 -0.84 4.77
CA ASN A 57 -8.38 -2.20 4.93
C ASN A 57 -7.01 -2.37 4.25
N ARG A 58 -6.96 -3.13 3.15
CA ARG A 58 -5.72 -3.38 2.44
C ARG A 58 -5.65 -2.51 1.19
N THR A 59 -6.63 -1.63 1.04
CA THR A 59 -6.69 -0.75 -0.11
C THR A 59 -6.27 0.67 0.25
N LEU A 60 -5.41 1.24 -0.57
CA LEU A 60 -5.05 2.64 -0.46
C LEU A 60 -5.81 3.40 -1.53
N PHE A 61 -6.90 4.03 -1.15
CA PHE A 61 -7.74 4.69 -2.12
C PHE A 61 -7.44 6.18 -2.12
N PHE A 62 -6.94 6.66 -3.22
CA PHE A 62 -6.64 8.08 -3.32
C PHE A 62 -7.93 8.84 -3.53
N ARG A 63 -8.10 9.93 -2.79
CA ARG A 63 -9.38 10.59 -2.72
C ARG A 63 -9.65 11.44 -3.94
N GLY A 64 -8.70 11.46 -4.86
CA GLY A 64 -8.83 12.20 -6.08
C GLY A 64 -7.53 12.21 -6.85
N PRO A 65 -7.10 13.38 -7.33
CA PRO A 65 -5.82 13.51 -8.04
C PRO A 65 -4.64 13.46 -7.07
N ILE A 66 -3.50 12.93 -7.53
CA ILE A 66 -2.33 12.84 -6.67
C ILE A 66 -1.67 14.20 -6.50
N THR A 67 -1.46 14.58 -5.25
CA THR A 67 -0.89 15.86 -4.91
C THR A 67 0.53 15.67 -4.40
N TYR A 68 1.30 16.75 -4.29
CA TYR A 68 2.67 16.65 -3.81
C TYR A 68 2.72 16.20 -2.36
N SER A 69 1.68 16.54 -1.60
CA SER A 69 1.56 16.08 -0.22
C SER A 69 1.19 14.59 -0.17
N LEU A 70 1.00 13.97 -1.34
CA LEU A 70 0.73 12.54 -1.43
C LEU A 70 1.99 11.81 -1.87
N ALA A 71 3.04 12.57 -2.14
CA ALA A 71 4.32 12.01 -2.61
C ALA A 71 5.10 11.43 -1.44
N GLY A 72 5.52 10.18 -1.58
CA GLY A 72 6.29 9.54 -0.55
C GLY A 72 6.25 8.03 -0.66
N THR A 73 6.86 7.36 0.30
CA THR A 73 6.92 5.91 0.32
C THR A 73 5.78 5.33 1.15
N TYR A 74 4.89 4.59 0.50
CA TYR A 74 3.81 3.90 1.19
C TYR A 74 4.20 2.45 1.41
N ILE A 75 4.16 2.03 2.67
CA ILE A 75 4.57 0.70 3.07
C ILE A 75 3.40 0.00 3.77
N CYS A 76 3.17 -1.25 3.43
CA CYS A 76 2.19 -2.04 4.15
C CYS A 76 2.86 -3.29 4.69
N GLU A 77 2.46 -3.71 5.88
CA GLU A 77 3.04 -4.87 6.52
C GLU A 77 1.92 -5.84 6.86
N ALA A 78 2.17 -7.13 6.78
CA ALA A 78 1.13 -8.10 7.09
C ALA A 78 1.65 -9.13 8.05
N THR A 79 0.85 -9.48 9.04
CA THR A 79 1.25 -10.49 10.00
C THR A 79 0.55 -11.79 9.71
N ASN A 80 1.32 -12.86 9.64
CA ASN A 80 0.79 -14.19 9.45
C ASN A 80 1.45 -15.12 10.47
N PRO A 81 0.99 -16.38 10.59
CA PRO A 81 1.58 -17.33 11.54
C PRO A 81 3.05 -17.62 11.26
N ILE A 82 3.49 -17.29 10.06
CA ILE A 82 4.85 -17.55 9.65
C ILE A 82 5.74 -16.32 9.86
N GLY A 83 5.12 -15.15 9.97
CA GLY A 83 5.88 -13.95 10.24
C GLY A 83 5.23 -12.69 9.71
N THR A 84 5.96 -11.59 9.78
CA THR A 84 5.48 -10.29 9.32
C THR A 84 6.41 -9.71 8.28
N ARG A 85 5.87 -9.39 7.12
CA ARG A 85 6.65 -8.79 6.05
C ARG A 85 6.00 -7.48 5.64
N SER A 86 6.75 -6.62 4.98
CA SER A 86 6.25 -5.34 4.57
C SER A 86 6.63 -5.06 3.12
N GLY A 87 5.80 -4.29 2.44
CA GLY A 87 6.11 -3.86 1.10
C GLY A 87 5.93 -2.37 0.98
N GLN A 88 6.80 -1.74 0.22
CA GLN A 88 6.81 -0.30 0.11
C GLN A 88 6.95 0.13 -1.34
N VAL A 89 6.37 1.27 -1.65
CA VAL A 89 6.50 1.88 -2.95
C VAL A 89 6.61 3.39 -2.78
N GLU A 90 7.39 4.04 -3.62
CA GLU A 90 7.61 5.47 -3.46
C GLU A 90 7.04 6.20 -4.65
N VAL A 91 6.16 7.11 -4.36
CA VAL A 91 5.43 7.84 -5.38
C VAL A 91 6.02 9.23 -5.56
N ASN A 92 6.14 9.64 -6.81
CA ASN A 92 6.63 10.97 -7.13
C ASN A 92 5.68 11.62 -8.12
N ILE A 93 5.41 12.89 -7.91
CA ILE A 93 4.39 13.57 -8.66
C ILE A 93 4.95 14.26 -9.89
N THR A 94 4.24 14.09 -11.01
CA THR A 94 4.66 14.61 -12.31
C THR A 94 5.19 16.04 -12.24
N HIS A 95 6.37 16.24 -12.78
CA HIS A 95 7.00 17.55 -12.78
C HIS A 95 7.49 17.88 -14.19
N LEU A 1 -1.93 -24.09 -1.16
CA LEU A 1 -0.70 -24.89 -1.33
C LEU A 1 -0.38 -25.65 -0.05
N ASN A 2 0.55 -26.59 -0.13
CA ASN A 2 1.01 -27.31 1.06
C ASN A 2 2.27 -26.67 1.63
N VAL A 3 2.76 -25.64 0.95
CA VAL A 3 3.98 -24.97 1.38
C VAL A 3 3.63 -23.61 1.98
N GLN A 4 4.14 -23.36 3.16
CA GLN A 4 3.87 -22.12 3.87
C GLN A 4 5.09 -21.22 3.83
N TYR A 5 4.90 -19.99 3.37
CA TYR A 5 5.97 -19.02 3.30
C TYR A 5 5.45 -17.68 3.80
N GLU A 6 6.36 -16.79 4.20
CA GLU A 6 5.98 -15.48 4.70
C GLU A 6 5.32 -14.70 3.57
N PRO A 7 4.28 -13.93 3.89
CA PRO A 7 3.47 -13.24 2.88
C PRO A 7 4.29 -12.34 1.97
N GLU A 8 4.05 -12.45 0.68
CA GLU A 8 4.73 -11.62 -0.29
C GLU A 8 3.92 -10.35 -0.53
N VAL A 9 4.49 -9.22 -0.16
CA VAL A 9 3.78 -7.95 -0.25
C VAL A 9 4.04 -7.28 -1.58
N THR A 10 3.00 -6.74 -2.16
CA THR A 10 3.07 -6.14 -3.48
C THR A 10 2.12 -4.94 -3.57
N ILE A 11 2.46 -3.99 -4.44
CA ILE A 11 1.64 -2.81 -4.63
C ILE A 11 1.01 -2.82 -6.02
N GLU A 12 -0.30 -2.61 -6.06
CA GLU A 12 -1.05 -2.67 -7.31
C GLU A 12 -1.90 -1.41 -7.47
N GLY A 13 -2.29 -1.10 -8.70
CA GLY A 13 -3.21 0.00 -8.94
C GLY A 13 -2.56 1.20 -9.58
N PHE A 14 -1.52 1.71 -8.95
CA PHE A 14 -0.79 2.85 -9.48
C PHE A 14 -0.20 2.59 -10.86
N ASP A 15 -0.24 3.62 -11.68
CA ASP A 15 0.47 3.61 -12.94
C ASP A 15 1.91 4.06 -12.70
N GLY A 16 2.84 3.51 -13.49
CA GLY A 16 4.27 3.74 -13.31
C GLY A 16 4.66 5.14 -12.85
N ASN A 17 4.05 6.16 -13.42
CA ASN A 17 4.36 7.54 -13.05
C ASN A 17 3.13 8.25 -12.49
N TRP A 18 3.27 8.84 -11.32
CA TRP A 18 2.16 9.50 -10.67
C TRP A 18 2.14 10.97 -11.05
N TYR A 19 1.27 11.32 -11.97
CA TYR A 19 1.11 12.72 -12.33
C TYR A 19 -0.04 13.31 -11.59
N LEU A 20 -0.08 14.63 -11.54
CA LEU A 20 -1.06 15.35 -10.75
C LEU A 20 -2.49 14.92 -11.07
N GLN A 21 -2.86 15.06 -12.33
CA GLN A 21 -4.26 14.88 -12.73
C GLN A 21 -4.55 13.45 -13.19
N ARG A 22 -4.56 12.54 -12.24
CA ARG A 22 -4.91 11.15 -12.51
C ARG A 22 -5.51 10.52 -11.25
N THR A 23 -6.65 9.86 -11.39
CA THR A 23 -7.30 9.20 -10.26
C THR A 23 -6.86 7.74 -10.14
N ASP A 24 -5.81 7.41 -10.87
CA ASP A 24 -5.23 6.07 -10.86
C ASP A 24 -4.08 5.99 -9.88
N VAL A 25 -3.98 7.00 -9.02
CA VAL A 25 -2.82 7.17 -8.17
C VAL A 25 -3.03 6.50 -6.81
N LYS A 26 -3.93 5.53 -6.81
CA LYS A 26 -4.26 4.78 -5.61
C LYS A 26 -3.52 3.47 -5.63
N LEU A 27 -3.23 2.93 -4.47
CA LEU A 27 -2.37 1.77 -4.36
C LEU A 27 -3.01 0.69 -3.51
N THR A 28 -3.02 -0.50 -4.03
CA THR A 28 -3.58 -1.63 -3.33
C THR A 28 -2.45 -2.50 -2.79
N CYS A 29 -2.59 -2.94 -1.56
CA CYS A 29 -1.57 -3.75 -0.94
C CYS A 29 -2.02 -5.19 -0.89
N LYS A 30 -1.20 -6.07 -1.43
CA LYS A 30 -1.50 -7.49 -1.43
C LYS A 30 -0.38 -8.27 -0.77
N ALA A 31 -0.72 -9.02 0.26
CA ALA A 31 0.20 -9.99 0.82
C ALA A 31 -0.20 -11.38 0.37
N ASP A 32 0.67 -12.02 -0.39
CA ASP A 32 0.35 -13.33 -0.92
C ASP A 32 1.13 -14.40 -0.19
N ALA A 33 0.41 -15.31 0.42
CA ALA A 33 0.99 -16.41 1.17
C ALA A 33 0.02 -17.57 1.13
N ASN A 34 0.45 -18.73 1.60
CA ASN A 34 -0.44 -19.89 1.68
C ASN A 34 -1.70 -19.56 2.48
N PRO A 35 -1.56 -19.09 3.76
CA PRO A 35 -2.67 -18.52 4.49
C PRO A 35 -2.81 -17.02 4.20
N PRO A 36 -4.04 -16.47 4.26
CA PRO A 36 -4.29 -15.05 3.97
C PRO A 36 -3.43 -14.12 4.84
N ALA A 37 -3.89 -13.82 6.05
CA ALA A 37 -3.15 -12.94 6.95
C ALA A 37 -3.77 -12.96 8.35
N THR A 38 -2.93 -12.75 9.36
CA THR A 38 -3.41 -12.58 10.73
C THR A 38 -3.50 -11.10 11.04
N GLU A 39 -2.52 -10.35 10.55
CA GLU A 39 -2.52 -8.92 10.74
C GLU A 39 -2.17 -8.20 9.46
N TYR A 40 -2.68 -7.00 9.31
CA TYR A 40 -2.37 -6.17 8.18
C TYR A 40 -2.04 -4.77 8.68
N HIS A 41 -0.89 -4.28 8.27
CA HIS A 41 -0.42 -2.97 8.68
C HIS A 41 -0.19 -2.09 7.48
N TRP A 42 -0.65 -0.85 7.55
CA TRP A 42 -0.39 0.11 6.49
C TRP A 42 0.19 1.36 7.10
N THR A 43 1.41 1.68 6.73
CA THR A 43 2.12 2.81 7.32
C THR A 43 3.11 3.42 6.34
N THR A 44 3.40 4.69 6.50
CA THR A 44 4.39 5.34 5.67
C THR A 44 5.70 5.46 6.44
N LEU A 45 6.75 5.91 5.78
CA LEU A 45 8.04 6.08 6.43
C LEU A 45 7.99 7.23 7.45
N ASN A 46 6.94 8.03 7.37
CA ASN A 46 6.73 9.13 8.30
C ASN A 46 5.94 8.67 9.52
N GLY A 47 5.40 7.45 9.44
CA GLY A 47 4.65 6.89 10.54
C GLY A 47 3.21 7.36 10.58
N SER A 48 2.85 8.24 9.66
CA SER A 48 1.50 8.76 9.58
C SER A 48 1.04 8.83 8.13
N LEU A 49 -0.26 8.93 7.91
CA LEU A 49 -0.82 9.03 6.57
C LEU A 49 -1.59 10.34 6.41
N PRO A 50 -1.53 10.93 5.21
CA PRO A 50 -2.24 12.18 4.92
C PRO A 50 -3.74 12.05 5.10
N LYS A 51 -4.38 13.11 5.58
CA LYS A 51 -5.80 13.07 5.88
C LYS A 51 -6.64 13.21 4.61
N GLY A 52 -5.97 13.52 3.50
CA GLY A 52 -6.67 13.66 2.23
C GLY A 52 -6.99 12.34 1.59
N VAL A 53 -6.08 11.38 1.69
CA VAL A 53 -6.27 10.08 1.07
C VAL A 53 -7.20 9.21 1.90
N GLU A 54 -8.18 8.62 1.24
CA GLU A 54 -9.15 7.76 1.91
C GLU A 54 -8.65 6.32 1.98
N ALA A 55 -8.28 5.88 3.18
CA ALA A 55 -7.78 4.53 3.36
C ALA A 55 -8.93 3.56 3.55
N GLN A 56 -8.86 2.43 2.85
CA GLN A 56 -9.91 1.43 2.92
C GLN A 56 -9.31 0.02 2.94
N ASN A 57 -9.28 -0.60 4.11
CA ASN A 57 -8.71 -1.94 4.27
C ASN A 57 -7.27 -1.98 3.72
N ARG A 58 -6.96 -2.99 2.91
CA ARG A 58 -5.65 -3.10 2.30
C ARG A 58 -5.60 -2.32 0.98
N THR A 59 -6.42 -1.29 0.90
CA THR A 59 -6.49 -0.46 -0.30
C THR A 59 -6.21 0.99 0.06
N LEU A 60 -5.21 1.56 -0.59
CA LEU A 60 -4.92 2.97 -0.45
C LEU A 60 -5.68 3.69 -1.56
N PHE A 61 -6.79 4.32 -1.21
CA PHE A 61 -7.61 4.96 -2.20
C PHE A 61 -7.39 6.46 -2.18
N PHE A 62 -6.89 6.98 -3.27
CA PHE A 62 -6.69 8.39 -3.38
C PHE A 62 -8.01 9.06 -3.72
N ARG A 63 -8.33 10.09 -2.96
CA ARG A 63 -9.66 10.69 -3.01
C ARG A 63 -9.79 11.67 -4.18
N GLY A 64 -8.78 11.67 -5.03
CA GLY A 64 -8.78 12.52 -6.19
C GLY A 64 -7.46 12.43 -6.91
N PRO A 65 -6.92 13.56 -7.36
CA PRO A 65 -5.65 13.63 -8.07
C PRO A 65 -4.46 13.66 -7.10
N ILE A 66 -3.30 13.23 -7.56
CA ILE A 66 -2.13 13.20 -6.71
C ILE A 66 -1.50 14.58 -6.59
N THR A 67 -1.24 14.99 -5.36
CA THR A 67 -0.68 16.30 -5.09
C THR A 67 0.72 16.16 -4.52
N TYR A 68 1.47 17.26 -4.49
CA TYR A 68 2.86 17.21 -4.05
C TYR A 68 2.97 16.75 -2.59
N SER A 69 1.95 17.04 -1.81
CA SER A 69 1.91 16.62 -0.41
C SER A 69 1.55 15.13 -0.27
N LEU A 70 1.33 14.46 -1.40
CA LEU A 70 0.99 13.05 -1.39
C LEU A 70 2.21 12.20 -1.75
N ALA A 71 3.32 12.86 -2.04
CA ALA A 71 4.56 12.17 -2.39
C ALA A 71 5.23 11.55 -1.16
N GLY A 72 5.90 10.42 -1.35
CA GLY A 72 6.56 9.76 -0.24
C GLY A 72 6.63 8.26 -0.41
N THR A 73 6.93 7.56 0.67
CA THR A 73 7.03 6.10 0.66
C THR A 73 5.85 5.47 1.40
N TYR A 74 4.99 4.79 0.67
CA TYR A 74 3.87 4.09 1.28
C TYR A 74 4.22 2.62 1.42
N ILE A 75 4.13 2.13 2.65
CA ILE A 75 4.54 0.77 2.99
C ILE A 75 3.36 0.01 3.58
N CYS A 76 3.23 -1.25 3.22
CA CYS A 76 2.26 -2.10 3.89
C CYS A 76 2.98 -3.30 4.48
N GLU A 77 2.55 -3.71 5.66
CA GLU A 77 3.12 -4.84 6.34
C GLU A 77 2.04 -5.85 6.65
N ALA A 78 2.34 -7.13 6.59
CA ALA A 78 1.35 -8.14 6.85
C ALA A 78 1.88 -9.14 7.85
N THR A 79 1.09 -9.45 8.86
CA THR A 79 1.52 -10.44 9.82
C THR A 79 0.80 -11.74 9.55
N ASN A 80 1.57 -12.80 9.40
CA ASN A 80 1.04 -14.12 9.12
C ASN A 80 1.70 -15.13 10.06
N PRO A 81 1.18 -16.37 10.13
CA PRO A 81 1.77 -17.41 10.98
C PRO A 81 3.20 -17.77 10.56
N ILE A 82 3.57 -17.42 9.32
CA ILE A 82 4.90 -17.73 8.82
C ILE A 82 5.84 -16.56 9.05
N GLY A 83 5.27 -15.37 9.27
CA GLY A 83 6.09 -14.22 9.58
C GLY A 83 5.44 -12.91 9.14
N THR A 84 6.20 -11.84 9.25
CA THR A 84 5.74 -10.50 8.89
C THR A 84 6.61 -9.93 7.79
N ARG A 85 5.96 -9.49 6.74
CA ARG A 85 6.66 -8.88 5.63
C ARG A 85 6.04 -7.53 5.32
N SER A 86 6.82 -6.66 4.72
CA SER A 86 6.38 -5.31 4.43
C SER A 86 6.88 -4.90 3.05
N GLY A 87 6.08 -4.15 2.33
CA GLY A 87 6.48 -3.64 1.04
C GLY A 87 6.13 -2.18 0.90
N GLN A 88 7.00 -1.43 0.26
CA GLN A 88 6.82 -0.01 0.10
C GLN A 88 6.84 0.39 -1.36
N VAL A 89 6.21 1.51 -1.62
CA VAL A 89 6.25 2.12 -2.92
C VAL A 89 6.65 3.57 -2.75
N GLU A 90 7.41 4.10 -3.67
CA GLU A 90 7.92 5.45 -3.51
C GLU A 90 7.34 6.32 -4.61
N VAL A 91 6.55 7.28 -4.19
CA VAL A 91 5.82 8.12 -5.11
C VAL A 91 6.37 9.52 -5.13
N ASN A 92 6.47 10.07 -6.31
CA ASN A 92 6.85 11.45 -6.51
C ASN A 92 5.92 12.04 -7.53
N ILE A 93 5.67 13.32 -7.43
CA ILE A 93 4.61 13.92 -8.21
C ILE A 93 5.11 14.44 -9.55
N THR A 94 4.57 13.86 -10.59
CA THR A 94 4.94 14.16 -11.95
C THR A 94 4.05 15.26 -12.52
N HIS A 95 4.66 16.15 -13.27
CA HIS A 95 3.95 17.26 -13.88
C HIS A 95 4.26 17.30 -15.38
N LEU A 1 -0.35 -24.05 -1.75
CA LEU A 1 0.25 -25.38 -1.95
C LEU A 1 0.47 -26.07 -0.61
N ASN A 2 1.42 -27.01 -0.57
CA ASN A 2 1.67 -27.80 0.63
C ASN A 2 2.57 -27.04 1.60
N VAL A 3 3.21 -26.00 1.10
CA VAL A 3 4.13 -25.22 1.90
C VAL A 3 3.51 -23.87 2.26
N GLN A 4 3.83 -23.40 3.46
CA GLN A 4 3.32 -22.13 3.92
C GLN A 4 4.44 -21.11 4.00
N TYR A 5 4.21 -19.95 3.40
CA TYR A 5 5.17 -18.86 3.41
C TYR A 5 4.49 -17.59 3.88
N GLU A 6 5.26 -16.63 4.36
CA GLU A 6 4.68 -15.37 4.81
C GLU A 6 4.09 -14.65 3.60
N PRO A 7 3.01 -13.89 3.79
CA PRO A 7 2.27 -13.30 2.68
C PRO A 7 3.12 -12.36 1.83
N GLU A 8 3.04 -12.54 0.53
CA GLU A 8 3.77 -11.71 -0.41
C GLU A 8 2.98 -10.45 -0.70
N VAL A 9 3.52 -9.30 -0.33
CA VAL A 9 2.80 -8.05 -0.46
C VAL A 9 3.12 -7.37 -1.79
N THR A 10 2.09 -6.85 -2.42
CA THR A 10 2.21 -6.20 -3.73
C THR A 10 1.35 -4.93 -3.78
N ILE A 11 1.71 -4.00 -4.64
CA ILE A 11 0.98 -2.74 -4.76
C ILE A 11 0.30 -2.65 -6.13
N GLU A 12 -0.97 -2.27 -6.12
CA GLU A 12 -1.78 -2.15 -7.32
C GLU A 12 -2.56 -0.84 -7.27
N GLY A 13 -3.07 -0.38 -8.40
CA GLY A 13 -3.99 0.74 -8.36
C GLY A 13 -3.56 1.90 -9.23
N PHE A 14 -2.37 2.44 -8.96
CA PHE A 14 -1.85 3.57 -9.70
C PHE A 14 -1.74 3.26 -11.19
N ASP A 15 -2.16 4.23 -12.00
CA ASP A 15 -2.10 4.11 -13.44
C ASP A 15 -0.76 4.62 -13.95
N GLY A 16 0.27 3.78 -13.79
CA GLY A 16 1.60 4.12 -14.26
C GLY A 16 2.23 5.26 -13.49
N ASN A 17 2.00 6.48 -13.95
CA ASN A 17 2.57 7.67 -13.33
C ASN A 17 1.49 8.47 -12.62
N TRP A 18 1.80 8.96 -11.44
CA TRP A 18 0.86 9.72 -10.64
C TRP A 18 0.76 11.16 -11.14
N TYR A 19 -0.31 11.45 -11.85
CA TYR A 19 -0.53 12.77 -12.40
C TYR A 19 -1.32 13.63 -11.41
N LEU A 20 -1.07 14.94 -11.46
CA LEU A 20 -1.78 15.89 -10.61
C LEU A 20 -3.29 15.87 -10.86
N GLN A 21 -3.69 15.30 -11.97
CA GLN A 21 -5.10 15.22 -12.33
C GLN A 21 -5.48 13.81 -12.77
N ARG A 22 -5.94 13.03 -11.80
CA ARG A 22 -6.37 11.65 -12.02
C ARG A 22 -6.79 11.04 -10.70
N THR A 23 -7.89 10.31 -10.70
CA THR A 23 -8.38 9.66 -9.49
C THR A 23 -7.86 8.22 -9.42
N ASP A 24 -7.07 7.87 -10.42
CA ASP A 24 -6.43 6.56 -10.50
C ASP A 24 -5.16 6.51 -9.65
N VAL A 25 -5.02 7.50 -8.78
CA VAL A 25 -3.81 7.66 -8.00
C VAL A 25 -3.96 6.95 -6.66
N LYS A 26 -4.95 6.06 -6.62
CA LYS A 26 -5.22 5.28 -5.43
C LYS A 26 -4.51 3.94 -5.55
N LEU A 27 -4.24 3.32 -4.42
CA LEU A 27 -3.46 2.09 -4.42
C LEU A 27 -4.18 1.00 -3.66
N THR A 28 -3.84 -0.22 -3.98
CA THR A 28 -4.38 -1.39 -3.32
C THR A 28 -3.25 -2.33 -2.95
N CYS A 29 -3.30 -2.85 -1.76
CA CYS A 29 -2.25 -3.74 -1.27
C CYS A 29 -2.75 -5.17 -1.25
N LYS A 30 -1.99 -6.05 -1.86
CA LYS A 30 -2.37 -7.46 -1.94
C LYS A 30 -1.34 -8.32 -1.24
N ALA A 31 -1.80 -9.33 -0.55
CA ALA A 31 -0.92 -10.28 0.12
C ALA A 31 -1.20 -11.69 -0.37
N ASP A 32 -0.21 -12.31 -0.98
CA ASP A 32 -0.37 -13.66 -1.48
C ASP A 32 0.32 -14.65 -0.56
N ALA A 33 -0.45 -15.56 -0.01
CA ALA A 33 0.07 -16.60 0.87
C ALA A 33 -0.85 -17.80 0.82
N ASN A 34 -0.40 -18.91 1.42
CA ASN A 34 -1.26 -20.09 1.55
C ASN A 34 -2.54 -19.73 2.31
N PRO A 35 -2.43 -19.14 3.53
CA PRO A 35 -3.56 -18.53 4.20
C PRO A 35 -3.66 -17.05 3.85
N PRO A 36 -4.86 -16.47 3.87
CA PRO A 36 -5.07 -15.06 3.50
C PRO A 36 -4.20 -14.10 4.32
N ALA A 37 -4.67 -13.73 5.50
CA ALA A 37 -3.93 -12.85 6.39
C ALA A 37 -4.61 -12.79 7.76
N THR A 38 -3.83 -12.98 8.81
CA THR A 38 -4.35 -12.88 10.16
C THR A 38 -4.39 -11.43 10.59
N GLU A 39 -3.37 -10.68 10.20
CA GLU A 39 -3.30 -9.27 10.52
C GLU A 39 -2.87 -8.44 9.34
N TYR A 40 -3.26 -7.17 9.37
CA TYR A 40 -2.92 -6.22 8.34
C TYR A 40 -2.42 -4.94 9.00
N HIS A 41 -1.25 -4.50 8.58
CA HIS A 41 -0.61 -3.32 9.16
C HIS A 41 -0.35 -2.28 8.09
N TRP A 42 -0.47 -1.01 8.47
CA TRP A 42 -0.21 0.08 7.54
C TRP A 42 0.67 1.14 8.19
N THR A 43 1.83 1.38 7.58
CA THR A 43 2.72 2.44 8.03
C THR A 43 3.54 2.94 6.86
N THR A 44 3.88 4.22 6.88
CA THR A 44 4.68 4.81 5.82
C THR A 44 6.12 4.93 6.26
N LEU A 45 6.98 5.34 5.34
CA LEU A 45 8.40 5.55 5.66
C LEU A 45 8.57 6.71 6.65
N ASN A 46 7.50 7.45 6.87
CA ASN A 46 7.51 8.56 7.83
C ASN A 46 6.82 8.12 9.14
N GLY A 47 6.11 7.00 9.08
CA GLY A 47 5.40 6.52 10.24
C GLY A 47 4.02 7.14 10.38
N SER A 48 3.70 8.06 9.48
CA SER A 48 2.41 8.74 9.51
C SER A 48 1.85 8.87 8.09
N LEU A 49 0.54 8.86 7.98
CA LEU A 49 -0.10 8.96 6.67
C LEU A 49 -0.99 10.21 6.61
N PRO A 50 -1.14 10.80 5.41
CA PRO A 50 -1.98 11.98 5.23
C PRO A 50 -3.43 11.71 5.57
N LYS A 51 -4.09 12.67 6.21
CA LYS A 51 -5.47 12.52 6.63
C LYS A 51 -6.44 12.85 5.51
N GLY A 52 -5.90 13.24 4.37
CA GLY A 52 -6.74 13.63 3.24
C GLY A 52 -7.14 12.45 2.39
N VAL A 53 -6.42 11.34 2.51
CA VAL A 53 -6.70 10.16 1.71
C VAL A 53 -7.48 9.13 2.52
N GLU A 54 -8.41 8.44 1.86
CA GLU A 54 -9.24 7.44 2.51
C GLU A 54 -8.54 6.08 2.52
N ALA A 55 -8.65 5.37 3.62
CA ALA A 55 -8.07 4.04 3.72
C ALA A 55 -9.12 3.02 4.13
N GLN A 56 -9.33 2.02 3.28
CA GLN A 56 -10.31 0.97 3.57
C GLN A 56 -9.66 -0.40 3.42
N ASN A 57 -9.33 -1.02 4.55
CA ASN A 57 -8.63 -2.30 4.58
C ASN A 57 -7.36 -2.23 3.73
N ARG A 58 -7.26 -3.09 2.72
CA ARG A 58 -6.06 -3.17 1.90
C ARG A 58 -6.13 -2.19 0.72
N THR A 59 -7.14 -1.34 0.72
CA THR A 59 -7.30 -0.40 -0.37
C THR A 59 -7.05 1.04 0.09
N LEU A 60 -6.12 1.69 -0.57
CA LEU A 60 -5.81 3.08 -0.32
C LEU A 60 -6.54 3.93 -1.34
N PHE A 61 -7.61 4.58 -0.93
CA PHE A 61 -8.40 5.36 -1.87
C PHE A 61 -8.06 6.83 -1.75
N PHE A 62 -7.51 7.38 -2.80
CA PHE A 62 -7.16 8.78 -2.81
C PHE A 62 -8.41 9.61 -2.99
N ARG A 63 -8.57 10.60 -2.15
CA ARG A 63 -9.81 11.37 -2.08
C ARG A 63 -9.81 12.49 -3.12
N GLY A 64 -9.41 12.16 -4.34
CA GLY A 64 -9.30 13.14 -5.38
C GLY A 64 -8.03 12.95 -6.18
N PRO A 65 -7.66 13.94 -6.99
CA PRO A 65 -6.45 13.91 -7.80
C PRO A 65 -5.21 14.12 -6.95
N ILE A 66 -4.10 13.48 -7.34
CA ILE A 66 -2.91 13.46 -6.49
C ILE A 66 -2.22 14.82 -6.48
N THR A 67 -1.83 15.24 -5.29
CA THR A 67 -1.16 16.51 -5.09
C THR A 67 0.27 16.29 -4.59
N TYR A 68 1.08 17.34 -4.59
CA TYR A 68 2.47 17.25 -4.15
C TYR A 68 2.56 16.81 -2.69
N SER A 69 1.54 17.14 -1.90
CA SER A 69 1.49 16.78 -0.50
C SER A 69 1.14 15.30 -0.29
N LEU A 70 0.85 14.60 -1.38
CA LEU A 70 0.48 13.19 -1.31
C LEU A 70 1.66 12.30 -1.67
N ALA A 71 2.79 12.92 -1.97
CA ALA A 71 4.00 12.20 -2.33
C ALA A 71 4.67 11.57 -1.11
N GLY A 72 5.12 10.33 -1.26
CA GLY A 72 5.77 9.63 -0.16
C GLY A 72 5.74 8.12 -0.35
N THR A 73 6.40 7.40 0.53
CA THR A 73 6.45 5.94 0.45
C THR A 73 5.35 5.32 1.31
N TYR A 74 4.40 4.67 0.65
CA TYR A 74 3.33 3.97 1.34
C TYR A 74 3.67 2.49 1.44
N ILE A 75 3.67 1.97 2.66
CA ILE A 75 4.03 0.60 2.94
C ILE A 75 2.88 -0.09 3.67
N CYS A 76 2.58 -1.32 3.29
CA CYS A 76 1.61 -2.11 4.03
C CYS A 76 2.24 -3.42 4.48
N GLU A 77 1.88 -3.87 5.66
CA GLU A 77 2.42 -5.10 6.22
C GLU A 77 1.29 -6.09 6.45
N ALA A 78 1.57 -7.37 6.24
CA ALA A 78 0.55 -8.38 6.39
C ALA A 78 1.04 -9.45 7.35
N THR A 79 0.25 -9.75 8.37
CA THR A 79 0.67 -10.76 9.33
C THR A 79 -0.08 -12.04 9.10
N ASN A 80 0.67 -13.14 9.05
CA ASN A 80 0.11 -14.47 8.92
C ASN A 80 0.79 -15.38 9.94
N PRO A 81 0.35 -16.64 10.11
CA PRO A 81 0.98 -17.58 11.06
C PRO A 81 2.42 -17.90 10.66
N ILE A 82 2.78 -17.58 9.41
CA ILE A 82 4.11 -17.84 8.91
C ILE A 82 5.03 -16.65 9.11
N GLY A 83 4.43 -15.48 9.32
CA GLY A 83 5.22 -14.29 9.57
C GLY A 83 4.58 -13.02 9.02
N THR A 84 5.37 -11.97 8.95
CA THR A 84 4.89 -10.66 8.52
C THR A 84 5.79 -10.11 7.42
N ARG A 85 5.18 -9.71 6.32
CA ARG A 85 5.91 -9.09 5.23
C ARG A 85 5.28 -7.74 4.93
N SER A 86 6.03 -6.88 4.27
CA SER A 86 5.57 -5.53 3.99
C SER A 86 5.87 -5.16 2.55
N GLY A 87 5.01 -4.36 1.95
CA GLY A 87 5.26 -3.85 0.62
C GLY A 87 5.12 -2.36 0.58
N GLN A 88 5.97 -1.71 -0.19
CA GLN A 88 6.04 -0.27 -0.22
C GLN A 88 6.12 0.25 -1.65
N VAL A 89 5.56 1.42 -1.83
CA VAL A 89 5.63 2.13 -3.09
C VAL A 89 5.76 3.60 -2.80
N GLU A 90 6.51 4.32 -3.60
CA GLU A 90 6.73 5.72 -3.33
C GLU A 90 6.16 6.56 -4.45
N VAL A 91 5.21 7.40 -4.09
CA VAL A 91 4.51 8.22 -5.05
C VAL A 91 5.23 9.53 -5.20
N ASN A 92 5.48 9.90 -6.44
CA ASN A 92 6.11 11.16 -6.75
C ASN A 92 5.28 11.87 -7.80
N ILE A 93 5.03 13.13 -7.57
CA ILE A 93 4.11 13.87 -8.40
C ILE A 93 4.82 14.55 -9.54
N THR A 94 4.19 14.51 -10.72
CA THR A 94 4.72 15.11 -11.93
C THR A 94 5.27 16.51 -11.66
N HIS A 95 6.57 16.68 -11.89
CA HIS A 95 7.25 17.93 -11.61
C HIS A 95 8.48 18.06 -12.49
N LEU A 1 -0.15 -19.06 -1.26
CA LEU A 1 -0.36 -20.36 -1.94
C LEU A 1 -0.71 -21.45 -0.92
N ASN A 2 -0.47 -22.71 -1.29
CA ASN A 2 -0.83 -23.84 -0.42
C ASN A 2 0.33 -24.28 0.45
N VAL A 3 1.49 -23.65 0.25
CA VAL A 3 2.67 -23.94 1.05
C VAL A 3 2.92 -22.79 2.01
N GLN A 4 3.42 -23.08 3.20
CA GLN A 4 3.56 -22.06 4.23
C GLN A 4 4.88 -21.32 4.12
N TYR A 5 4.78 -19.99 4.07
CA TYR A 5 5.92 -19.10 4.07
C TYR A 5 5.45 -17.74 4.58
N GLU A 6 6.37 -16.87 4.94
CA GLU A 6 6.01 -15.54 5.38
C GLU A 6 5.40 -14.77 4.20
N PRO A 7 4.34 -13.98 4.46
CA PRO A 7 3.55 -13.36 3.40
C PRO A 7 4.37 -12.54 2.42
N GLU A 8 4.12 -12.75 1.14
CA GLU A 8 4.78 -11.98 0.09
C GLU A 8 3.99 -10.71 -0.19
N VAL A 9 4.55 -9.56 0.18
CA VAL A 9 3.84 -8.30 0.07
C VAL A 9 4.12 -7.64 -1.27
N THR A 10 3.09 -7.08 -1.87
CA THR A 10 3.18 -6.46 -3.18
C THR A 10 2.22 -5.28 -3.26
N ILE A 11 2.58 -4.27 -4.07
CA ILE A 11 1.76 -3.08 -4.23
C ILE A 11 1.18 -3.01 -5.64
N GLU A 12 -0.12 -2.71 -5.72
CA GLU A 12 -0.80 -2.56 -7.00
C GLU A 12 -1.40 -1.17 -7.09
N GLY A 13 -1.67 -0.72 -8.30
CA GLY A 13 -2.24 0.60 -8.49
C GLY A 13 -1.59 1.32 -9.62
N PHE A 14 -0.83 2.37 -9.31
CA PHE A 14 -0.07 3.06 -10.34
C PHE A 14 1.36 2.52 -10.37
N ASP A 15 1.72 1.87 -11.46
CA ASP A 15 3.06 1.30 -11.60
C ASP A 15 3.95 2.25 -12.39
N GLY A 16 4.67 3.10 -11.66
CA GLY A 16 5.54 4.06 -12.30
C GLY A 16 5.50 5.39 -11.60
N ASN A 17 5.08 6.43 -12.32
CA ASN A 17 4.97 7.76 -11.76
C ASN A 17 3.52 8.20 -11.67
N TRP A 18 3.15 8.81 -10.57
CA TRP A 18 1.78 9.21 -10.33
C TRP A 18 1.51 10.57 -10.98
N TYR A 19 0.29 10.73 -11.48
CA TYR A 19 -0.10 11.95 -12.17
C TYR A 19 -0.99 12.81 -11.28
N LEU A 20 -0.77 14.12 -11.34
CA LEU A 20 -1.47 15.08 -10.50
C LEU A 20 -2.99 14.99 -10.65
N GLN A 21 -3.46 14.70 -11.86
CA GLN A 21 -4.89 14.77 -12.13
C GLN A 21 -5.45 13.42 -12.54
N ARG A 22 -5.19 12.41 -11.72
CA ARG A 22 -5.75 11.09 -11.96
C ARG A 22 -6.31 10.51 -10.67
N THR A 23 -7.48 9.91 -10.76
CA THR A 23 -8.11 9.26 -9.61
C THR A 23 -7.64 7.82 -9.50
N ASP A 24 -6.88 7.40 -10.51
CA ASP A 24 -6.34 6.05 -10.59
C ASP A 24 -5.08 5.90 -9.74
N VAL A 25 -4.86 6.87 -8.87
CA VAL A 25 -3.61 6.97 -8.12
C VAL A 25 -3.72 6.26 -6.78
N LYS A 26 -4.65 5.32 -6.74
CA LYS A 26 -4.90 4.54 -5.56
C LYS A 26 -4.07 3.27 -5.59
N LEU A 27 -3.77 2.72 -4.44
CA LEU A 27 -2.91 1.55 -4.35
C LEU A 27 -3.60 0.43 -3.60
N THR A 28 -3.19 -0.78 -3.89
CA THR A 28 -3.74 -1.94 -3.21
C THR A 28 -2.60 -2.83 -2.74
N CYS A 29 -2.71 -3.32 -1.52
CA CYS A 29 -1.65 -4.15 -0.96
C CYS A 29 -2.09 -5.61 -0.92
N LYS A 30 -1.26 -6.47 -1.47
CA LYS A 30 -1.53 -7.90 -1.49
C LYS A 30 -0.41 -8.64 -0.79
N ALA A 31 -0.79 -9.61 0.02
CA ALA A 31 0.19 -10.49 0.65
C ALA A 31 -0.11 -11.94 0.31
N ASP A 32 0.82 -12.59 -0.37
CA ASP A 32 0.64 -13.98 -0.73
C ASP A 32 1.31 -14.86 0.31
N ALA A 33 0.52 -15.71 0.94
CA ALA A 33 1.01 -16.65 1.91
C ALA A 33 0.09 -17.86 1.92
N ASN A 34 0.49 -18.91 2.61
CA ASN A 34 -0.40 -20.05 2.77
C ASN A 34 -1.70 -19.64 3.49
N PRO A 35 -1.61 -19.07 4.70
CA PRO A 35 -2.75 -18.42 5.34
C PRO A 35 -2.80 -16.94 4.94
N PRO A 36 -4.00 -16.35 4.85
CA PRO A 36 -4.16 -14.94 4.44
C PRO A 36 -3.29 -13.99 5.27
N ALA A 37 -3.75 -13.69 6.49
CA ALA A 37 -3.03 -12.82 7.40
C ALA A 37 -3.75 -12.77 8.73
N THR A 38 -3.00 -12.76 9.83
CA THR A 38 -3.59 -12.62 11.14
C THR A 38 -3.68 -11.15 11.49
N GLU A 39 -2.70 -10.37 11.03
CA GLU A 39 -2.74 -8.93 11.18
C GLU A 39 -2.23 -8.22 9.94
N TYR A 40 -2.68 -6.99 9.77
CA TYR A 40 -2.30 -6.19 8.64
C TYR A 40 -2.07 -4.75 9.07
N HIS A 41 -0.92 -4.20 8.73
CA HIS A 41 -0.61 -2.81 9.04
C HIS A 41 -0.41 -2.03 7.77
N TRP A 42 -1.06 -0.88 7.67
CA TRP A 42 -0.79 0.04 6.59
C TRP A 42 -0.13 1.28 7.17
N THR A 43 1.10 1.54 6.76
CA THR A 43 1.89 2.58 7.38
C THR A 43 2.83 3.23 6.38
N THR A 44 3.09 4.51 6.54
CA THR A 44 4.04 5.19 5.70
C THR A 44 5.34 5.40 6.46
N LEU A 45 6.37 5.88 5.79
CA LEU A 45 7.65 6.17 6.44
C LEU A 45 7.45 7.23 7.52
N ASN A 46 6.40 8.03 7.37
CA ASN A 46 6.08 9.09 8.32
C ASN A 46 5.31 8.53 9.52
N GLY A 47 4.92 7.26 9.42
CA GLY A 47 4.20 6.61 10.51
C GLY A 47 2.75 7.00 10.57
N SER A 48 2.30 7.84 9.65
CA SER A 48 0.93 8.31 9.64
C SER A 48 0.38 8.31 8.22
N LEU A 49 -0.94 8.25 8.10
CA LEU A 49 -1.60 8.27 6.81
C LEU A 49 -2.29 9.62 6.59
N PRO A 50 -2.14 10.20 5.39
CA PRO A 50 -2.75 11.50 5.07
C PRO A 50 -4.28 11.43 5.11
N LYS A 51 -4.89 12.55 5.49
CA LYS A 51 -6.35 12.61 5.61
C LYS A 51 -7.01 12.74 4.24
N GLY A 52 -6.19 12.83 3.20
CA GLY A 52 -6.72 13.00 1.85
C GLY A 52 -7.10 11.67 1.21
N VAL A 53 -6.53 10.58 1.71
CA VAL A 53 -6.81 9.27 1.15
C VAL A 53 -7.77 8.49 2.03
N GLU A 54 -8.68 7.75 1.41
CA GLU A 54 -9.59 6.89 2.14
C GLU A 54 -9.02 5.47 2.24
N ALA A 55 -8.75 5.02 3.45
CA ALA A 55 -8.17 3.70 3.66
C ALA A 55 -9.25 2.67 3.94
N GLN A 56 -9.22 1.57 3.21
CA GLN A 56 -10.20 0.51 3.36
C GLN A 56 -9.53 -0.85 3.28
N ASN A 57 -9.36 -1.51 4.42
CA ASN A 57 -8.69 -2.80 4.48
C ASN A 57 -7.26 -2.67 3.95
N ARG A 58 -6.87 -3.51 3.00
CA ARG A 58 -5.54 -3.42 2.40
C ARG A 58 -5.59 -2.57 1.13
N THR A 59 -6.69 -1.84 0.97
CA THR A 59 -6.88 -1.00 -0.19
C THR A 59 -6.64 0.46 0.17
N LEU A 60 -5.77 1.10 -0.57
CA LEU A 60 -5.53 2.52 -0.40
C LEU A 60 -6.32 3.25 -1.47
N PHE A 61 -7.45 3.80 -1.10
CA PHE A 61 -8.29 4.48 -2.05
C PHE A 61 -8.02 5.97 -1.99
N PHE A 62 -7.53 6.51 -3.07
CA PHE A 62 -7.23 7.92 -3.12
C PHE A 62 -8.51 8.70 -3.38
N ARG A 63 -8.75 9.69 -2.55
CA ARG A 63 -10.03 10.38 -2.56
C ARG A 63 -9.97 11.58 -3.49
N GLY A 64 -9.59 11.32 -4.73
CA GLY A 64 -9.43 12.37 -5.70
C GLY A 64 -8.12 12.22 -6.43
N PRO A 65 -7.67 13.26 -7.12
CA PRO A 65 -6.39 13.26 -7.83
C PRO A 65 -5.22 13.40 -6.88
N ILE A 66 -4.07 12.82 -7.24
CA ILE A 66 -2.92 12.82 -6.35
C ILE A 66 -2.30 14.21 -6.25
N THR A 67 -2.03 14.61 -5.02
CA THR A 67 -1.44 15.90 -4.75
C THR A 67 -0.03 15.73 -4.21
N TYR A 68 0.70 16.83 -4.07
CA TYR A 68 2.08 16.78 -3.59
C TYR A 68 2.16 16.27 -2.15
N SER A 69 1.11 16.53 -1.39
CA SER A 69 1.04 16.08 0.00
C SER A 69 0.74 14.58 0.08
N LEU A 70 0.54 13.93 -1.08
CA LEU A 70 0.24 12.51 -1.13
C LEU A 70 1.47 11.72 -1.55
N ALA A 71 2.58 12.42 -1.77
CA ALA A 71 3.83 11.79 -2.18
C ALA A 71 4.56 11.21 -0.97
N GLY A 72 5.51 10.33 -1.22
CA GLY A 72 6.27 9.73 -0.14
C GLY A 72 6.43 8.23 -0.32
N THR A 73 6.43 7.51 0.79
CA THR A 73 6.60 6.07 0.77
C THR A 73 5.42 5.38 1.44
N TYR A 74 4.67 4.59 0.67
CA TYR A 74 3.55 3.84 1.21
C TYR A 74 3.99 2.40 1.48
N ILE A 75 3.83 1.97 2.71
CA ILE A 75 4.27 0.64 3.15
C ILE A 75 3.08 -0.12 3.74
N CYS A 76 3.08 -1.43 3.63
CA CYS A 76 2.13 -2.23 4.37
C CYS A 76 2.84 -3.43 4.95
N GLU A 77 2.45 -3.82 6.15
CA GLU A 77 3.04 -4.95 6.84
C GLU A 77 1.96 -5.98 7.15
N ALA A 78 2.29 -7.25 7.04
CA ALA A 78 1.32 -8.28 7.29
C ALA A 78 1.83 -9.21 8.37
N THR A 79 1.00 -9.47 9.38
CA THR A 79 1.41 -10.36 10.44
C THR A 79 0.75 -11.71 10.23
N ASN A 80 1.57 -12.71 10.05
CA ASN A 80 1.09 -14.05 9.76
C ASN A 80 1.76 -15.04 10.69
N PRO A 81 1.24 -16.29 10.79
CA PRO A 81 1.80 -17.31 11.68
C PRO A 81 3.21 -17.76 11.27
N ILE A 82 3.62 -17.39 10.06
CA ILE A 82 4.93 -17.77 9.56
C ILE A 82 5.92 -16.61 9.71
N GLY A 83 5.38 -15.41 9.86
CA GLY A 83 6.22 -14.24 10.04
C GLY A 83 5.53 -12.95 9.66
N THR A 84 6.29 -11.87 9.65
CA THR A 84 5.77 -10.55 9.32
C THR A 84 6.60 -9.94 8.21
N ARG A 85 5.93 -9.55 7.14
CA ARG A 85 6.61 -8.94 6.01
C ARG A 85 5.98 -7.59 5.72
N SER A 86 6.75 -6.72 5.10
CA SER A 86 6.30 -5.37 4.81
C SER A 86 6.71 -4.99 3.39
N GLY A 87 5.84 -4.29 2.69
CA GLY A 87 6.17 -3.84 1.36
C GLY A 87 5.91 -2.37 1.22
N GLN A 88 6.76 -1.69 0.48
CA GLN A 88 6.69 -0.26 0.36
C GLN A 88 6.87 0.17 -1.09
N VAL A 89 6.31 1.30 -1.41
CA VAL A 89 6.37 1.88 -2.73
C VAL A 89 6.56 3.38 -2.61
N GLU A 90 7.27 3.98 -3.54
CA GLU A 90 7.59 5.39 -3.41
C GLU A 90 6.86 6.16 -4.48
N VAL A 91 5.99 7.04 -4.03
CA VAL A 91 5.12 7.79 -4.91
C VAL A 91 5.68 9.19 -5.12
N ASN A 92 5.76 9.57 -6.39
CA ASN A 92 6.26 10.88 -6.75
C ASN A 92 5.26 11.55 -7.67
N ILE A 93 4.99 12.81 -7.40
CA ILE A 93 3.98 13.54 -8.15
C ILE A 93 4.60 14.28 -9.32
N THR A 94 3.91 14.26 -10.45
CA THR A 94 4.36 14.91 -11.67
C THR A 94 4.66 16.39 -11.44
N HIS A 95 5.82 16.83 -11.89
CA HIS A 95 6.21 18.22 -11.83
C HIS A 95 7.24 18.51 -12.90
N LEU A 1 0.53 -24.07 -2.25
CA LEU A 1 -0.16 -25.37 -2.14
C LEU A 1 0.32 -26.13 -0.90
N ASN A 2 1.34 -26.97 -1.07
CA ASN A 2 1.88 -27.75 0.03
C ASN A 2 2.91 -26.93 0.80
N VAL A 3 3.34 -25.82 0.21
CA VAL A 3 4.32 -24.96 0.83
C VAL A 3 3.68 -23.70 1.36
N GLN A 4 4.01 -23.37 2.60
CA GLN A 4 3.55 -22.16 3.21
C GLN A 4 4.71 -21.19 3.36
N TYR A 5 4.54 -20.00 2.84
CA TYR A 5 5.57 -18.97 2.91
C TYR A 5 5.01 -17.72 3.53
N GLU A 6 5.89 -16.85 4.01
CA GLU A 6 5.45 -15.61 4.61
C GLU A 6 4.78 -14.76 3.54
N PRO A 7 3.71 -14.03 3.89
CA PRO A 7 2.89 -13.32 2.91
C PRO A 7 3.68 -12.27 2.14
N GLU A 8 3.53 -12.29 0.83
CA GLU A 8 4.22 -11.34 -0.01
C GLU A 8 3.39 -10.09 -0.16
N VAL A 9 3.92 -8.97 0.26
CA VAL A 9 3.17 -7.73 0.25
C VAL A 9 3.39 -6.99 -1.05
N THR A 10 2.29 -6.62 -1.67
CA THR A 10 2.30 -6.02 -2.98
C THR A 10 1.44 -4.77 -3.02
N ILE A 11 1.81 -3.83 -3.87
CA ILE A 11 1.08 -2.58 -4.00
C ILE A 11 0.40 -2.52 -5.37
N GLU A 12 -0.91 -2.38 -5.34
CA GLU A 12 -1.71 -2.34 -6.56
C GLU A 12 -2.41 -1.00 -6.66
N GLY A 13 -2.83 -0.63 -7.86
CA GLY A 13 -3.61 0.57 -8.02
C GLY A 13 -2.98 1.57 -8.95
N PHE A 14 -1.82 2.09 -8.55
CA PHE A 14 -1.10 3.04 -9.39
C PHE A 14 -0.73 2.44 -10.73
N ASP A 15 -1.09 3.14 -11.79
CA ASP A 15 -0.73 2.72 -13.13
C ASP A 15 0.52 3.44 -13.59
N GLY A 16 1.66 2.96 -13.12
CA GLY A 16 2.93 3.51 -13.54
C GLY A 16 3.37 4.69 -12.68
N ASN A 17 3.06 5.89 -13.15
CA ASN A 17 3.51 7.11 -12.50
C ASN A 17 2.33 7.96 -12.04
N TRP A 18 2.44 8.52 -10.85
CA TRP A 18 1.37 9.32 -10.27
C TRP A 18 1.38 10.73 -10.85
N TYR A 19 0.45 10.99 -11.74
CA TYR A 19 0.30 12.31 -12.33
C TYR A 19 -0.67 13.13 -11.47
N LEU A 20 -0.47 14.44 -11.41
CA LEU A 20 -1.31 15.31 -10.59
C LEU A 20 -2.78 15.11 -10.93
N GLN A 21 -3.11 15.16 -12.21
CA GLN A 21 -4.48 15.02 -12.65
C GLN A 21 -4.77 13.58 -13.03
N ARG A 22 -4.83 12.71 -12.03
CA ARG A 22 -5.10 11.30 -12.24
C ARG A 22 -5.87 10.74 -11.05
N THR A 23 -6.89 9.95 -11.35
CA THR A 23 -7.71 9.34 -10.31
C THR A 23 -7.31 7.89 -10.08
N ASP A 24 -6.40 7.43 -10.93
CA ASP A 24 -5.83 6.07 -10.87
C ASP A 24 -4.76 5.99 -9.78
N VAL A 25 -4.72 6.99 -8.92
CA VAL A 25 -3.59 7.18 -8.00
C VAL A 25 -3.88 6.53 -6.64
N LYS A 26 -4.90 5.68 -6.60
CA LYS A 26 -5.25 4.98 -5.39
C LYS A 26 -4.48 3.67 -5.31
N LEU A 27 -4.22 3.21 -4.10
CA LEU A 27 -3.38 2.03 -3.92
C LEU A 27 -4.10 0.98 -3.09
N THR A 28 -3.79 -0.26 -3.36
CA THR A 28 -4.30 -1.35 -2.60
C THR A 28 -3.16 -2.27 -2.21
N CYS A 29 -3.12 -2.71 -0.97
CA CYS A 29 -2.04 -3.55 -0.52
C CYS A 29 -2.52 -4.98 -0.38
N LYS A 30 -1.82 -5.88 -1.05
CA LYS A 30 -2.20 -7.28 -1.05
C LYS A 30 -1.05 -8.15 -0.55
N ALA A 31 -1.33 -8.92 0.49
CA ALA A 31 -0.38 -9.93 0.94
C ALA A 31 -0.76 -11.27 0.34
N ASP A 32 0.12 -11.82 -0.48
CA ASP A 32 -0.13 -13.08 -1.13
C ASP A 32 0.63 -14.19 -0.44
N ALA A 33 -0.11 -15.16 0.08
CA ALA A 33 0.47 -16.30 0.76
C ALA A 33 -0.48 -17.48 0.62
N ASN A 34 -0.03 -18.67 1.03
CA ASN A 34 -0.90 -19.84 1.05
C ASN A 34 -2.16 -19.53 1.88
N PRO A 35 -2.01 -19.06 3.14
CA PRO A 35 -3.10 -18.47 3.90
C PRO A 35 -3.20 -16.97 3.61
N PRO A 36 -4.40 -16.38 3.71
CA PRO A 36 -4.60 -14.94 3.44
C PRO A 36 -3.73 -14.06 4.34
N ALA A 37 -4.18 -13.83 5.57
CA ALA A 37 -3.43 -13.03 6.53
C ALA A 37 -4.12 -13.04 7.89
N THR A 38 -3.34 -13.20 8.94
CA THR A 38 -3.87 -13.13 10.28
C THR A 38 -3.94 -11.68 10.73
N GLU A 39 -2.93 -10.91 10.37
CA GLU A 39 -2.89 -9.51 10.71
C GLU A 39 -2.48 -8.64 9.53
N TYR A 40 -2.91 -7.39 9.57
CA TYR A 40 -2.57 -6.43 8.54
C TYR A 40 -2.19 -5.11 9.19
N HIS A 41 -1.04 -4.58 8.82
CA HIS A 41 -0.59 -3.29 9.31
C HIS A 41 -0.43 -2.32 8.14
N TRP A 42 -0.82 -1.07 8.33
CA TRP A 42 -0.61 -0.06 7.31
C TRP A 42 -0.03 1.19 7.97
N THR A 43 1.17 1.57 7.55
CA THR A 43 1.84 2.72 8.12
C THR A 43 2.81 3.35 7.14
N THR A 44 2.94 4.67 7.19
CA THR A 44 3.86 5.38 6.33
C THR A 44 5.22 5.53 7.01
N LEU A 45 6.22 5.97 6.26
CA LEU A 45 7.55 6.20 6.81
C LEU A 45 7.50 7.33 7.84
N ASN A 46 6.55 8.22 7.67
CA ASN A 46 6.35 9.34 8.59
C ASN A 46 5.61 8.86 9.84
N GLY A 47 4.96 7.72 9.72
CA GLY A 47 4.17 7.19 10.82
C GLY A 47 2.80 7.83 10.87
N SER A 48 2.50 8.63 9.86
CA SER A 48 1.23 9.34 9.79
C SER A 48 0.73 9.35 8.35
N LEU A 49 -0.57 9.18 8.18
CA LEU A 49 -1.17 9.19 6.85
C LEU A 49 -1.96 10.48 6.64
N PRO A 50 -1.87 11.09 5.45
CA PRO A 50 -2.64 12.29 5.11
C PRO A 50 -4.13 12.08 5.31
N LYS A 51 -4.80 13.09 5.82
CA LYS A 51 -6.22 12.98 6.16
C LYS A 51 -7.10 13.25 4.94
N GLY A 52 -6.47 13.56 3.82
CA GLY A 52 -7.21 13.84 2.60
C GLY A 52 -7.66 12.58 1.89
N VAL A 53 -6.87 11.53 1.98
CA VAL A 53 -7.18 10.28 1.29
C VAL A 53 -7.98 9.35 2.19
N GLU A 54 -8.86 8.58 1.59
CA GLU A 54 -9.69 7.64 2.33
C GLU A 54 -9.02 6.27 2.39
N ALA A 55 -8.51 5.91 3.55
CA ALA A 55 -7.82 4.64 3.72
C ALA A 55 -8.61 3.69 4.61
N GLN A 56 -8.79 2.46 4.16
CA GLN A 56 -9.50 1.46 4.94
C GLN A 56 -8.81 0.10 4.81
N ASN A 57 -8.32 -0.42 5.94
CA ASN A 57 -7.73 -1.76 6.00
C ASN A 57 -6.48 -1.85 5.12
N ARG A 58 -6.63 -2.42 3.94
CA ARG A 58 -5.51 -2.61 3.03
C ARG A 58 -5.70 -1.77 1.78
N THR A 59 -6.80 -1.04 1.72
CA THR A 59 -7.13 -0.27 0.55
C THR A 59 -6.95 1.23 0.79
N LEU A 60 -6.14 1.84 -0.05
CA LEU A 60 -5.93 3.26 -0.02
C LEU A 60 -6.74 3.89 -1.16
N PHE A 61 -7.87 4.47 -0.82
CA PHE A 61 -8.70 5.10 -1.82
C PHE A 61 -8.38 6.58 -1.88
N PHE A 62 -7.86 7.01 -3.01
CA PHE A 62 -7.50 8.41 -3.15
C PHE A 62 -8.74 9.21 -3.49
N ARG A 63 -8.89 10.33 -2.79
CA ARG A 63 -10.07 11.18 -2.90
C ARG A 63 -10.33 11.67 -4.33
N GLY A 64 -9.30 11.58 -5.16
CA GLY A 64 -9.41 12.01 -6.52
C GLY A 64 -8.05 12.14 -7.16
N PRO A 65 -7.67 13.35 -7.59
CA PRO A 65 -6.36 13.60 -8.18
C PRO A 65 -5.26 13.60 -7.12
N ILE A 66 -4.07 13.15 -7.49
CA ILE A 66 -2.96 13.11 -6.56
C ILE A 66 -2.29 14.47 -6.48
N THR A 67 -1.88 14.85 -5.29
CA THR A 67 -1.31 16.17 -5.07
C THR A 67 0.08 16.05 -4.42
N TYR A 68 0.79 17.16 -4.36
CA TYR A 68 2.14 17.18 -3.78
C TYR A 68 2.12 16.74 -2.32
N SER A 69 1.01 17.02 -1.64
CA SER A 69 0.85 16.65 -0.25
C SER A 69 0.58 15.15 -0.09
N LEU A 70 0.39 14.45 -1.21
CA LEU A 70 0.12 13.02 -1.18
C LEU A 70 1.38 12.22 -1.44
N ALA A 71 2.46 12.91 -1.80
CA ALA A 71 3.73 12.27 -2.07
C ALA A 71 4.41 11.79 -0.80
N GLY A 72 4.80 10.51 -0.78
CA GLY A 72 5.43 9.92 0.39
C GLY A 72 5.51 8.42 0.28
N THR A 73 6.08 7.78 1.29
CA THR A 73 6.22 6.33 1.30
C THR A 73 5.10 5.65 2.09
N TYR A 74 4.26 4.89 1.39
CA TYR A 74 3.25 4.09 2.06
C TYR A 74 3.74 2.66 2.20
N ILE A 75 3.77 2.16 3.42
CA ILE A 75 4.24 0.81 3.72
C ILE A 75 3.12 0.02 4.38
N CYS A 76 2.99 -1.25 4.03
CA CYS A 76 2.08 -2.10 4.75
C CYS A 76 2.80 -3.36 5.21
N GLU A 77 2.43 -3.83 6.39
CA GLU A 77 2.99 -5.05 6.95
C GLU A 77 1.88 -6.08 7.09
N ALA A 78 2.16 -7.33 6.84
CA ALA A 78 1.12 -8.34 6.88
C ALA A 78 1.56 -9.49 7.75
N THR A 79 0.74 -9.87 8.72
CA THR A 79 1.12 -10.93 9.62
C THR A 79 0.39 -12.23 9.26
N ASN A 80 1.15 -13.29 9.13
CA ASN A 80 0.61 -14.62 8.88
C ASN A 80 1.31 -15.61 9.82
N PRO A 81 0.84 -16.86 9.92
CA PRO A 81 1.47 -17.86 10.80
C PRO A 81 2.89 -18.24 10.33
N ILE A 82 3.20 -17.88 9.09
CA ILE A 82 4.50 -18.18 8.53
C ILE A 82 5.48 -17.04 8.76
N GLY A 83 4.95 -15.86 9.06
CA GLY A 83 5.80 -14.72 9.32
C GLY A 83 5.15 -13.40 8.99
N THR A 84 5.95 -12.34 9.01
CA THR A 84 5.49 -10.98 8.76
C THR A 84 6.36 -10.33 7.71
N ARG A 85 5.72 -9.77 6.70
CA ARG A 85 6.45 -9.04 5.67
C ARG A 85 5.87 -7.65 5.56
N SER A 86 6.59 -6.77 4.90
CA SER A 86 6.17 -5.38 4.76
C SER A 86 6.59 -4.87 3.39
N GLY A 87 5.73 -4.08 2.77
CA GLY A 87 6.07 -3.51 1.49
C GLY A 87 5.75 -2.04 1.46
N GLN A 88 6.60 -1.28 0.81
CA GLN A 88 6.47 0.16 0.75
C GLN A 88 6.49 0.62 -0.69
N VAL A 89 5.78 1.69 -0.94
CA VAL A 89 5.77 2.33 -2.23
C VAL A 89 5.90 3.83 -2.03
N GLU A 90 6.61 4.49 -2.92
CA GLU A 90 6.84 5.90 -2.76
C GLU A 90 6.18 6.65 -3.89
N VAL A 91 5.19 7.46 -3.53
CA VAL A 91 4.46 8.23 -4.51
C VAL A 91 5.21 9.52 -4.79
N ASN A 92 5.43 9.77 -6.06
CA ASN A 92 6.17 10.94 -6.48
C ASN A 92 5.38 11.68 -7.54
N ILE A 93 5.21 12.96 -7.33
CA ILE A 93 4.42 13.76 -8.24
C ILE A 93 5.32 14.38 -9.30
N THR A 94 4.93 14.22 -10.56
CA THR A 94 5.74 14.71 -11.66
C THR A 94 5.36 16.14 -12.02
N HIS A 95 4.10 16.33 -12.40
CA HIS A 95 3.60 17.64 -12.80
C HIS A 95 2.11 17.51 -13.12
N LEU A 1 -2.52 -24.83 3.39
CA LEU A 1 -2.20 -26.20 2.93
C LEU A 1 -0.94 -26.71 3.62
N ASN A 2 -0.11 -27.44 2.89
CA ASN A 2 1.09 -28.03 3.48
C ASN A 2 2.27 -27.06 3.41
N VAL A 3 2.35 -26.28 2.34
CA VAL A 3 3.43 -25.32 2.18
C VAL A 3 2.94 -23.91 2.41
N GLN A 4 3.41 -23.32 3.49
CA GLN A 4 3.01 -21.95 3.85
C GLN A 4 4.25 -21.07 4.00
N TYR A 5 4.13 -19.84 3.55
CA TYR A 5 5.20 -18.87 3.65
C TYR A 5 4.65 -17.55 4.14
N GLU A 6 5.52 -16.65 4.58
CA GLU A 6 5.09 -15.34 5.04
C GLU A 6 4.51 -14.56 3.86
N PRO A 7 3.51 -13.71 4.11
CA PRO A 7 2.78 -13.02 3.03
C PRO A 7 3.68 -12.13 2.16
N GLU A 8 3.51 -12.27 0.86
CA GLU A 8 4.26 -11.46 -0.10
C GLU A 8 3.47 -10.20 -0.43
N VAL A 9 3.99 -9.05 -0.02
CA VAL A 9 3.27 -7.80 -0.20
C VAL A 9 3.66 -7.11 -1.51
N THR A 10 2.65 -6.62 -2.19
CA THR A 10 2.83 -6.02 -3.51
C THR A 10 2.05 -4.71 -3.61
N ILE A 11 2.58 -3.76 -4.38
CA ILE A 11 1.92 -2.49 -4.58
C ILE A 11 1.46 -2.34 -6.03
N GLU A 12 0.18 -2.07 -6.20
CA GLU A 12 -0.41 -1.97 -7.53
C GLU A 12 -1.33 -0.74 -7.59
N GLY A 13 -1.64 -0.27 -8.78
CA GLY A 13 -2.60 0.81 -8.89
C GLY A 13 -2.11 1.97 -9.72
N PHE A 14 -0.95 2.52 -9.38
CA PHE A 14 -0.37 3.63 -10.12
C PHE A 14 -0.12 3.25 -11.58
N ASP A 15 -0.68 4.06 -12.47
CA ASP A 15 -0.51 3.84 -13.90
C ASP A 15 0.79 4.48 -14.38
N GLY A 16 1.90 3.80 -14.12
CA GLY A 16 3.19 4.27 -14.58
C GLY A 16 3.77 5.37 -13.71
N ASN A 17 3.44 6.62 -14.03
CA ASN A 17 3.98 7.78 -13.31
C ASN A 17 2.86 8.58 -12.67
N TRP A 18 3.09 9.03 -11.45
CA TRP A 18 2.10 9.77 -10.70
C TRP A 18 2.01 11.21 -11.21
N TYR A 19 0.89 11.54 -11.83
CA TYR A 19 0.68 12.85 -12.41
C TYR A 19 -0.16 13.74 -11.51
N LEU A 20 0.07 15.03 -11.57
CA LEU A 20 -0.60 16.01 -10.71
C LEU A 20 -2.10 16.05 -10.97
N GLN A 21 -2.52 15.63 -12.16
CA GLN A 21 -3.93 15.66 -12.51
C GLN A 21 -4.37 14.34 -13.13
N ARG A 22 -4.55 13.32 -12.30
CA ARG A 22 -5.07 12.04 -12.74
C ARG A 22 -5.52 11.22 -11.52
N THR A 23 -6.65 10.53 -11.66
CA THR A 23 -7.21 9.75 -10.56
C THR A 23 -6.65 8.33 -10.54
N ASP A 24 -5.66 8.09 -11.39
CA ASP A 24 -5.02 6.79 -11.51
C ASP A 24 -3.88 6.64 -10.50
N VAL A 25 -3.85 7.56 -9.55
CA VAL A 25 -2.74 7.69 -8.62
C VAL A 25 -3.01 6.93 -7.33
N LYS A 26 -4.02 6.08 -7.34
CA LYS A 26 -4.39 5.30 -6.18
C LYS A 26 -3.66 3.97 -6.18
N LEU A 27 -3.48 3.37 -5.02
CA LEU A 27 -2.68 2.17 -4.90
C LEU A 27 -3.46 1.07 -4.20
N THR A 28 -3.03 -0.15 -4.43
CA THR A 28 -3.65 -1.32 -3.84
C THR A 28 -2.59 -2.17 -3.17
N CYS A 29 -2.87 -2.64 -1.97
CA CYS A 29 -1.91 -3.43 -1.23
C CYS A 29 -2.36 -4.87 -1.21
N LYS A 30 -1.50 -5.76 -1.70
CA LYS A 30 -1.80 -7.17 -1.71
C LYS A 30 -0.73 -7.96 -0.99
N ALA A 31 -1.13 -8.75 -0.02
CA ALA A 31 -0.20 -9.69 0.58
C ALA A 31 -0.63 -11.11 0.21
N ASP A 32 0.22 -11.78 -0.53
CA ASP A 32 -0.09 -13.11 -1.03
C ASP A 32 0.58 -14.16 -0.18
N ALA A 33 -0.22 -15.03 0.39
CA ALA A 33 0.27 -16.10 1.22
C ALA A 33 -0.68 -17.28 1.16
N ASN A 34 -0.25 -18.41 1.69
CA ASN A 34 -1.11 -19.60 1.74
C ASN A 34 -2.30 -19.36 2.67
N PRO A 35 -2.07 -18.95 3.93
CA PRO A 35 -3.15 -18.49 4.81
C PRO A 35 -3.43 -17.00 4.59
N PRO A 36 -4.65 -16.53 4.91
CA PRO A 36 -5.05 -15.14 4.72
C PRO A 36 -4.14 -14.16 5.47
N ALA A 37 -4.46 -13.91 6.74
CA ALA A 37 -3.67 -13.01 7.58
C ALA A 37 -4.25 -12.96 8.99
N THR A 38 -3.42 -12.56 9.94
CA THR A 38 -3.89 -12.29 11.30
C THR A 38 -3.98 -10.79 11.49
N GLU A 39 -3.02 -10.08 10.92
CA GLU A 39 -2.99 -8.63 11.01
C GLU A 39 -2.67 -8.00 9.67
N TYR A 40 -3.18 -6.80 9.47
CA TYR A 40 -2.86 -6.02 8.31
C TYR A 40 -2.48 -4.62 8.74
N HIS A 41 -1.32 -4.18 8.30
CA HIS A 41 -0.80 -2.91 8.74
C HIS A 41 -0.56 -1.98 7.57
N TRP A 42 -1.07 -0.77 7.68
CA TRP A 42 -0.83 0.26 6.68
C TRP A 42 -0.07 1.41 7.32
N THR A 43 1.12 1.69 6.82
CA THR A 43 1.93 2.77 7.37
C THR A 43 2.85 3.34 6.29
N THR A 44 3.09 4.63 6.36
CA THR A 44 4.01 5.26 5.43
C THR A 44 5.36 5.46 6.08
N LEU A 45 6.36 5.82 5.29
CA LEU A 45 7.68 6.13 5.83
C LEU A 45 7.63 7.40 6.66
N ASN A 46 6.53 8.13 6.51
CA ASN A 46 6.29 9.36 7.25
C ASN A 46 5.62 9.04 8.58
N GLY A 47 5.06 7.84 8.68
CA GLY A 47 4.43 7.42 9.92
C GLY A 47 2.98 7.83 10.02
N SER A 48 2.49 8.55 9.03
CA SER A 48 1.09 8.97 9.02
C SER A 48 0.48 8.82 7.64
N LEU A 49 -0.83 8.65 7.59
CA LEU A 49 -1.56 8.59 6.33
C LEU A 49 -2.21 9.95 6.06
N PRO A 50 -1.97 10.52 4.86
CA PRO A 50 -2.52 11.82 4.48
C PRO A 50 -4.04 11.86 4.57
N LYS A 51 -4.58 13.02 4.91
CA LYS A 51 -6.01 13.19 5.08
C LYS A 51 -6.69 13.47 3.74
N GLY A 52 -5.89 13.54 2.69
CA GLY A 52 -6.44 13.77 1.36
C GLY A 52 -6.81 12.49 0.65
N VAL A 53 -6.26 11.37 1.13
CA VAL A 53 -6.54 10.08 0.52
C VAL A 53 -7.54 9.29 1.35
N GLU A 54 -8.35 8.48 0.68
CA GLU A 54 -9.28 7.58 1.35
C GLU A 54 -8.58 6.27 1.68
N ALA A 55 -9.06 5.58 2.70
CA ALA A 55 -8.42 4.39 3.22
C ALA A 55 -9.35 3.20 3.12
N GLN A 56 -8.84 2.10 2.60
CA GLN A 56 -9.61 0.90 2.39
C GLN A 56 -8.78 -0.32 2.76
N ASN A 57 -9.44 -1.33 3.32
CA ASN A 57 -8.80 -2.53 3.89
C ASN A 57 -7.52 -2.95 3.16
N ARG A 58 -7.61 -3.17 1.86
CA ARG A 58 -6.47 -3.60 1.07
C ARG A 58 -6.18 -2.61 -0.05
N THR A 59 -6.69 -1.40 0.09
CA THR A 59 -6.62 -0.43 -0.99
C THR A 59 -6.33 0.99 -0.48
N LEU A 60 -5.51 1.69 -1.23
CA LEU A 60 -5.23 3.09 -0.97
C LEU A 60 -5.95 3.90 -2.03
N PHE A 61 -7.07 4.49 -1.66
CA PHE A 61 -7.88 5.19 -2.64
C PHE A 61 -7.59 6.67 -2.61
N PHE A 62 -7.06 7.19 -3.68
CA PHE A 62 -6.78 8.60 -3.77
C PHE A 62 -8.07 9.33 -4.14
N ARG A 63 -8.32 10.42 -3.44
CA ARG A 63 -9.62 11.09 -3.55
C ARG A 63 -9.73 11.89 -4.83
N GLY A 64 -8.63 11.94 -5.56
CA GLY A 64 -8.59 12.64 -6.81
C GLY A 64 -7.21 12.56 -7.44
N PRO A 65 -6.65 13.70 -7.85
CA PRO A 65 -5.32 13.75 -8.43
C PRO A 65 -4.23 13.79 -7.35
N ILE A 66 -3.02 13.38 -7.70
CA ILE A 66 -1.94 13.34 -6.74
C ILE A 66 -1.29 14.71 -6.57
N THR A 67 -1.09 15.08 -5.32
CA THR A 67 -0.50 16.38 -4.98
C THR A 67 0.88 16.19 -4.38
N TYR A 68 1.63 17.28 -4.24
CA TYR A 68 3.00 17.20 -3.73
C TYR A 68 3.05 16.67 -2.30
N SER A 69 2.00 16.94 -1.54
CA SER A 69 1.91 16.46 -0.16
C SER A 69 1.57 14.96 -0.09
N LEU A 70 1.28 14.36 -1.24
CA LEU A 70 0.93 12.95 -1.31
C LEU A 70 2.16 12.10 -1.61
N ALA A 71 3.30 12.77 -1.81
CA ALA A 71 4.54 12.10 -2.12
C ALA A 71 5.16 11.47 -0.87
N GLY A 72 5.97 10.44 -1.08
CA GLY A 72 6.59 9.76 0.05
C GLY A 72 6.73 8.28 -0.22
N THR A 73 6.68 7.48 0.83
CA THR A 73 6.77 6.03 0.70
C THR A 73 5.60 5.36 1.39
N TYR A 74 4.77 4.67 0.62
CA TYR A 74 3.62 3.97 1.17
C TYR A 74 4.00 2.50 1.37
N ILE A 75 3.82 2.02 2.59
CA ILE A 75 4.21 0.67 2.96
C ILE A 75 3.01 -0.06 3.57
N CYS A 76 2.81 -1.31 3.19
CA CYS A 76 1.81 -2.11 3.87
C CYS A 76 2.47 -3.35 4.44
N GLU A 77 2.05 -3.75 5.62
CA GLU A 77 2.59 -4.92 6.31
C GLU A 77 1.47 -5.89 6.59
N ALA A 78 1.76 -7.17 6.54
CA ALA A 78 0.75 -8.16 6.85
C ALA A 78 1.29 -9.11 7.90
N THR A 79 0.54 -9.33 8.96
CA THR A 79 0.98 -10.26 9.97
C THR A 79 0.24 -11.57 9.81
N ASN A 80 1.00 -12.65 9.70
CA ASN A 80 0.44 -13.96 9.47
C ASN A 80 1.06 -14.95 10.44
N PRO A 81 0.52 -16.17 10.53
CA PRO A 81 1.08 -17.22 11.40
C PRO A 81 2.46 -17.66 10.94
N ILE A 82 2.84 -17.28 9.72
CA ILE A 82 4.13 -17.66 9.17
C ILE A 82 5.14 -16.53 9.34
N GLY A 83 4.65 -15.32 9.55
CA GLY A 83 5.52 -14.18 9.72
C GLY A 83 4.88 -12.87 9.30
N THR A 84 5.68 -11.82 9.27
CA THR A 84 5.21 -10.48 8.90
C THR A 84 6.10 -9.90 7.83
N ARG A 85 5.51 -9.55 6.71
CA ARG A 85 6.25 -8.92 5.63
C ARG A 85 5.56 -7.62 5.23
N SER A 86 6.31 -6.73 4.63
CA SER A 86 5.81 -5.43 4.25
C SER A 86 6.23 -5.09 2.83
N GLY A 87 5.45 -4.27 2.16
CA GLY A 87 5.84 -3.78 0.87
C GLY A 87 5.70 -2.28 0.83
N GLN A 88 6.63 -1.62 0.17
CA GLN A 88 6.68 -0.18 0.14
C GLN A 88 6.84 0.32 -1.29
N VAL A 89 6.25 1.45 -1.56
CA VAL A 89 6.37 2.10 -2.84
C VAL A 89 6.69 3.57 -2.61
N GLU A 90 7.49 4.16 -3.46
CA GLU A 90 7.92 5.53 -3.25
C GLU A 90 7.35 6.39 -4.36
N VAL A 91 6.51 7.32 -3.95
CA VAL A 91 5.76 8.15 -4.87
C VAL A 91 6.40 9.52 -4.96
N ASN A 92 6.62 9.95 -6.19
CA ASN A 92 7.16 11.26 -6.44
C ASN A 92 6.25 11.97 -7.43
N ILE A 93 5.99 13.23 -7.17
CA ILE A 93 5.00 13.95 -7.95
C ILE A 93 5.66 14.65 -9.12
N THR A 94 4.99 14.60 -10.26
CA THR A 94 5.49 15.17 -11.49
C THR A 94 5.73 16.67 -11.37
N HIS A 95 6.66 17.19 -12.15
CA HIS A 95 6.91 18.62 -12.19
C HIS A 95 6.84 19.10 -13.62
#